data_2G0B
#
_entry.id   2G0B
#
_cell.length_a   182.832
_cell.length_b   182.832
_cell.length_c   287.429
_cell.angle_alpha   90.00
_cell.angle_beta   90.00
_cell.angle_gamma   90.00
#
_symmetry.space_group_name_H-M   'I 41 2 2'
#
loop_
_entity.id
_entity.type
_entity.pdbx_description
1 polymer FeeM
2 non-polymer N-DODECANOYL-L-TYROSINE
3 water water
#
_entity_poly.entity_id   1
_entity_poly.type   'polypeptide(L)'
_entity_poly.pdbx_seq_one_letter_code
;GSMTPRKVARILVAPNERDAARRIVRTTYEAQGYAIDESFATFLEGPSATTFGLFNGEVLYGTISIINDGAQGLPMDSIY
AVELAAWRGEGKKLAEVVQFAMDHTLYEAVAGAKPSPFEAASLFTMVLTYALETHIDYLCISINPKHDTFYSLLGFTQIG
ALKHYGTVNAPAIARALYVPEWRSQTLLAQFMDAERSH
;
_entity_poly.pdbx_strand_id   A,B,C,D,E,F,G,H
#
loop_
_chem_comp.id
_chem_comp.type
_chem_comp.name
_chem_comp.formula
NLT non-polymer N-DODECANOYL-L-TYROSINE 'C21 H33 N O4'
#
# COMPACT_ATOMS: atom_id res chain seq x y z
N GLY A 1 -1.54 4.25 -53.07
CA GLY A 1 -0.26 4.49 -53.82
C GLY A 1 0.97 4.05 -53.04
N SER A 2 1.24 2.75 -53.07
CA SER A 2 2.34 2.16 -52.32
C SER A 2 2.86 0.90 -53.02
N MET A 3 2.07 0.37 -53.94
CA MET A 3 2.49 -0.79 -54.72
C MET A 3 2.59 -0.41 -56.22
N THR A 4 2.02 0.75 -56.54
CA THR A 4 2.26 1.43 -57.83
C THR A 4 2.50 2.94 -57.56
N PRO A 5 3.54 3.29 -56.79
CA PRO A 5 3.70 4.67 -56.31
C PRO A 5 4.17 5.64 -57.36
N ARG A 6 3.90 6.93 -57.13
CA ARG A 6 4.36 7.99 -58.01
C ARG A 6 4.51 9.27 -57.20
N LYS A 7 5.70 9.48 -56.66
CA LYS A 7 5.97 10.65 -55.81
C LYS A 7 6.74 11.72 -56.56
N VAL A 8 6.19 12.94 -56.59
CA VAL A 8 6.85 14.07 -57.26
C VAL A 8 7.21 15.18 -56.29
N ALA A 9 8.50 15.53 -56.23
CA ALA A 9 8.95 16.67 -55.45
C ALA A 9 9.40 17.82 -56.35
N ARG A 10 8.78 19.00 -56.18
CA ARG A 10 9.11 20.17 -57.00
C ARG A 10 8.90 21.52 -56.28
N ILE A 11 9.40 22.60 -56.89
CA ILE A 11 9.20 23.95 -56.36
C ILE A 11 7.75 24.34 -56.57
N LEU A 12 7.11 24.88 -55.54
CA LEU A 12 5.73 25.31 -55.67
C LEU A 12 5.66 26.73 -56.21
N VAL A 13 5.00 26.89 -57.36
CA VAL A 13 4.97 28.17 -58.07
C VAL A 13 3.56 28.78 -58.18
N ALA A 14 2.59 27.94 -58.55
CA ALA A 14 1.20 28.39 -58.68
C ALA A 14 0.55 28.75 -57.32
N PRO A 15 -0.16 29.89 -57.26
CA PRO A 15 -0.84 30.33 -56.03
C PRO A 15 -1.74 29.29 -55.35
N ASN A 16 -2.37 28.42 -56.13
CA ASN A 16 -3.22 27.36 -55.56
C ASN A 16 -2.43 26.21 -54.92
N GLU A 17 -1.19 26.01 -55.39
CA GLU A 17 -0.28 25.02 -54.82
C GLU A 17 0.27 25.50 -53.48
N ARG A 18 0.51 26.81 -53.39
CA ARG A 18 1.02 27.40 -52.16
C ARG A 18 -0.06 27.51 -51.10
N ASP A 19 -1.30 27.71 -51.54
CA ASP A 19 -2.46 27.72 -50.65
C ASP A 19 -2.65 26.34 -50.05
N ALA A 20 -2.47 25.32 -50.90
CA ALA A 20 -2.61 23.93 -50.50
C ALA A 20 -1.49 23.53 -49.55
N ALA A 21 -0.31 24.09 -49.77
CA ALA A 21 0.83 23.87 -48.89
C ALA A 21 0.53 24.44 -47.51
N ARG A 22 -0.01 25.66 -47.47
CA ARG A 22 -0.40 26.30 -46.22
C ARG A 22 -1.49 25.52 -45.49
N ARG A 23 -2.36 24.88 -46.26
CA ARG A 23 -3.43 24.05 -45.71
C ARG A 23 -2.91 22.81 -45.01
N ILE A 24 -1.90 22.18 -45.60
CA ILE A 24 -1.28 21.03 -44.98
C ILE A 24 -0.65 21.47 -43.67
N VAL A 25 0.10 22.57 -43.70
CA VAL A 25 0.76 23.10 -42.50
C VAL A 25 -0.24 23.44 -41.42
N ARG A 26 -1.35 24.04 -41.81
CA ARG A 26 -2.42 24.41 -40.90
C ARG A 26 -3.04 23.19 -40.22
N THR A 27 -3.36 22.17 -41.00
CA THR A 27 -4.03 20.97 -40.49
C THR A 27 -3.10 20.15 -39.60
N THR A 28 -1.85 20.02 -40.03
CA THR A 28 -0.82 19.29 -39.30
C THR A 28 -0.54 19.91 -37.94
N TYR A 29 -0.41 21.25 -37.91
CA TYR A 29 -0.07 21.97 -36.69
C TYR A 29 -1.24 22.00 -35.69
N GLU A 30 -2.46 22.04 -36.22
CA GLU A 30 -3.66 22.01 -35.39
C GLU A 30 -3.88 20.65 -34.76
N ALA A 31 -3.43 19.60 -35.46
CA ALA A 31 -3.56 18.24 -34.98
C ALA A 31 -2.54 17.93 -33.88
N GLN A 32 -1.36 18.54 -34.00
CA GLN A 32 -0.31 18.37 -33.01
C GLN A 32 -0.39 19.43 -31.90
N GLY A 33 -1.36 20.34 -32.02
CA GLY A 33 -1.59 21.35 -31.01
C GLY A 33 -0.66 22.55 -31.07
N TYR A 34 -0.07 22.78 -32.23
CA TYR A 34 0.76 23.97 -32.46
C TYR A 34 -0.13 25.11 -32.90
N ALA A 35 0.24 26.33 -32.53
CA ALA A 35 -0.51 27.52 -32.93
C ALA A 35 -0.08 27.99 -34.34
N ILE A 36 -1.05 28.40 -35.15
CA ILE A 36 -0.75 28.95 -36.47
C ILE A 36 -0.68 30.48 -36.44
N ASP A 37 0.50 30.99 -36.74
CA ASP A 37 0.79 32.40 -36.71
C ASP A 37 0.91 32.91 -38.13
N GLU A 38 0.44 34.15 -38.35
CA GLU A 38 0.41 34.74 -39.69
C GLU A 38 1.78 35.24 -40.16
N SER A 39 2.77 35.24 -39.25
CA SER A 39 4.13 35.66 -39.57
C SER A 39 4.81 34.71 -40.56
N PHE A 40 4.50 33.42 -40.45
CA PHE A 40 5.11 32.40 -41.30
C PHE A 40 4.66 32.55 -42.74
N ALA A 41 3.37 32.83 -42.92
CA ALA A 41 2.81 33.07 -44.25
C ALA A 41 3.43 34.32 -44.90
N THR A 42 3.64 35.36 -44.07
CA THR A 42 4.28 36.61 -44.52
C THR A 42 5.66 36.36 -45.10
N PHE A 43 6.49 35.66 -44.33
CA PHE A 43 7.84 35.33 -44.75
C PHE A 43 7.82 34.61 -46.08
N LEU A 44 6.87 33.68 -46.23
CA LEU A 44 6.79 32.79 -47.41
C LEU A 44 6.42 33.48 -48.72
N GLU A 45 5.62 34.54 -48.65
CA GLU A 45 5.31 35.33 -49.85
C GLU A 45 6.32 36.46 -50.05
N GLY A 46 7.37 36.46 -49.22
CA GLY A 46 8.46 37.40 -49.36
C GLY A 46 9.49 36.95 -50.39
N PRO A 47 10.40 37.86 -50.76
CA PRO A 47 11.40 37.59 -51.81
C PRO A 47 12.37 36.47 -51.47
N SER A 48 12.81 36.42 -50.22
CA SER A 48 13.88 35.52 -49.82
C SER A 48 13.40 34.11 -49.43
N ALA A 49 12.16 33.77 -49.76
CA ALA A 49 11.62 32.46 -49.40
C ALA A 49 11.36 31.57 -50.63
N THR A 50 11.31 30.26 -50.40
CA THR A 50 11.07 29.28 -51.46
C THR A 50 10.34 28.09 -50.88
N THR A 51 9.21 27.72 -51.48
CA THR A 51 8.42 26.59 -51.01
C THR A 51 8.53 25.37 -51.94
N PHE A 52 8.81 24.22 -51.35
CA PHE A 52 8.84 22.96 -52.09
C PHE A 52 7.58 22.17 -51.74
N GLY A 53 7.22 21.22 -52.61
CA GLY A 53 6.06 20.39 -52.40
C GLY A 53 6.30 18.95 -52.76
N LEU A 54 5.47 18.07 -52.22
CA LEU A 54 5.57 16.66 -52.46
C LEU A 54 4.22 16.14 -52.85
N PHE A 55 4.17 15.52 -54.03
CA PHE A 55 2.91 15.11 -54.64
C PHE A 55 2.76 13.60 -54.75
N ASN A 56 1.64 13.09 -54.29
CA ASN A 56 1.27 11.71 -54.53
C ASN A 56 0.40 11.67 -55.75
N GLY A 57 1.03 11.44 -56.90
CA GLY A 57 0.34 11.39 -58.16
C GLY A 57 -0.49 12.62 -58.39
N GLU A 58 0.14 13.77 -58.19
CA GLU A 58 -0.47 15.10 -58.43
C GLU A 58 -1.31 15.74 -57.30
N VAL A 59 -1.66 14.98 -56.27
CA VAL A 59 -2.20 15.63 -55.07
C VAL A 59 -1.09 15.90 -54.08
N LEU A 60 -1.08 17.11 -53.56
CA LEU A 60 -0.03 17.56 -52.66
C LEU A 60 -0.24 17.00 -51.29
N TYR A 61 0.78 16.35 -50.75
CA TYR A 61 0.67 15.78 -49.42
C TYR A 61 1.71 16.27 -48.44
N GLY A 62 2.76 16.89 -48.93
CA GLY A 62 3.84 17.34 -48.08
C GLY A 62 4.51 18.57 -48.60
N THR A 63 5.04 19.37 -47.70
CA THR A 63 5.67 20.63 -48.09
C THR A 63 6.80 21.02 -47.15
N ILE A 64 7.75 21.77 -47.69
CA ILE A 64 8.85 22.34 -46.91
C ILE A 64 9.30 23.64 -47.55
N SER A 65 9.61 24.62 -46.73
CA SER A 65 10.12 25.89 -47.25
C SER A 65 11.48 26.26 -46.68
N ILE A 66 12.13 27.22 -47.32
CA ILE A 66 13.41 27.72 -46.85
C ILE A 66 13.43 29.25 -46.98
N ILE A 67 13.81 29.93 -45.90
CA ILE A 67 13.87 31.39 -45.90
C ILE A 67 15.31 31.88 -45.82
N ASN A 68 15.72 32.70 -46.78
CA ASN A 68 17.07 33.21 -46.80
C ASN A 68 17.24 34.44 -45.93
N ASP A 69 18.37 34.51 -45.23
CA ASP A 69 18.66 35.65 -44.36
C ASP A 69 18.73 36.96 -45.16
N GLY A 70 17.69 37.76 -45.03
CA GLY A 70 17.62 39.04 -45.71
C GLY A 70 17.42 40.14 -44.70
N ALA A 71 16.83 41.25 -45.15
CA ALA A 71 16.58 42.41 -44.28
C ALA A 71 15.42 42.18 -43.31
N GLN A 72 14.66 41.10 -43.54
CA GLN A 72 13.57 40.71 -42.66
C GLN A 72 13.97 39.65 -41.63
N GLY A 73 15.24 39.23 -41.67
CA GLY A 73 15.77 38.27 -40.72
C GLY A 73 15.27 36.85 -40.94
N LEU A 74 15.21 36.08 -39.86
CA LEU A 74 14.68 34.72 -39.89
C LEU A 74 13.62 34.60 -38.77
N PRO A 75 12.61 33.72 -38.93
CA PRO A 75 11.62 33.48 -37.87
C PRO A 75 12.26 33.07 -36.55
N MET A 76 13.42 32.42 -36.63
CA MET A 76 14.23 32.05 -35.46
C MET A 76 14.57 33.23 -34.55
N ASP A 77 14.67 34.43 -35.13
CA ASP A 77 15.14 35.63 -34.42
C ASP A 77 14.37 35.96 -33.14
N SER A 78 13.09 35.61 -33.09
CA SER A 78 12.26 35.90 -31.92
C SER A 78 12.71 35.10 -30.69
N ILE A 79 13.44 34.01 -30.93
CA ILE A 79 13.88 33.11 -29.87
C ILE A 79 15.39 32.91 -29.84
N TYR A 80 16.00 32.79 -31.02
CA TYR A 80 17.41 32.43 -31.11
C TYR A 80 18.28 33.46 -31.81
N ALA A 81 17.93 34.74 -31.69
CA ALA A 81 18.71 35.83 -32.32
C ALA A 81 20.19 35.84 -31.93
N VAL A 82 20.47 35.82 -30.63
CA VAL A 82 21.85 35.95 -30.13
C VAL A 82 22.69 34.71 -30.39
N GLU A 83 22.03 33.61 -30.69
CA GLU A 83 22.72 32.39 -31.05
C GLU A 83 23.21 32.47 -32.49
N LEU A 84 22.63 33.38 -33.28
CA LEU A 84 22.99 33.55 -34.69
C LEU A 84 23.87 34.76 -34.93
N ALA A 85 23.89 35.67 -33.95
CA ALA A 85 24.59 36.96 -34.06
C ALA A 85 26.08 36.84 -34.42
N ALA A 86 26.77 35.87 -33.83
CA ALA A 86 28.18 35.62 -34.10
C ALA A 86 28.41 35.35 -35.58
N TRP A 87 27.59 34.48 -36.17
CA TRP A 87 27.69 34.10 -37.58
C TRP A 87 27.39 35.29 -38.50
N ARG A 88 26.41 36.09 -38.10
CA ARG A 88 26.03 37.26 -38.87
C ARG A 88 27.11 38.32 -38.86
N GLY A 89 27.91 38.33 -37.78
CA GLY A 89 29.05 39.23 -37.66
C GLY A 89 30.17 38.84 -38.62
N GLU A 90 30.37 37.53 -38.78
CA GLU A 90 31.41 37.00 -39.68
C GLU A 90 31.00 37.04 -41.16
N GLY A 91 29.76 37.46 -41.44
CA GLY A 91 29.27 37.58 -42.79
C GLY A 91 28.93 36.23 -43.39
N LYS A 92 28.22 35.41 -42.61
CA LYS A 92 27.88 34.07 -43.03
C LYS A 92 26.48 34.01 -43.61
N LYS A 93 26.33 33.31 -44.73
CA LYS A 93 25.04 33.15 -45.34
C LYS A 93 24.24 32.13 -44.55
N LEU A 94 23.17 32.60 -43.93
CA LEU A 94 22.28 31.72 -43.18
C LEU A 94 20.94 31.56 -43.88
N ALA A 95 20.29 30.44 -43.60
CA ALA A 95 18.94 30.19 -44.10
C ALA A 95 18.24 29.26 -43.13
N GLU A 96 16.98 29.51 -42.91
CA GLU A 96 16.20 28.68 -42.00
C GLU A 96 15.24 27.83 -42.79
N VAL A 97 15.28 26.52 -42.55
CA VAL A 97 14.32 25.60 -43.14
C VAL A 97 13.08 25.57 -42.26
N VAL A 98 11.93 25.82 -42.88
CA VAL A 98 10.75 26.19 -42.15
C VAL A 98 9.46 25.58 -42.78
N GLN A 99 8.38 25.50 -41.98
CA GLN A 99 7.04 25.04 -42.44
C GLN A 99 7.04 23.65 -43.10
N PHE A 100 7.80 22.73 -42.49
CA PHE A 100 7.83 21.35 -42.92
C PHE A 100 6.59 20.65 -42.36
N ALA A 101 5.81 20.06 -43.27
CA ALA A 101 4.58 19.39 -42.89
C ALA A 101 4.22 18.33 -43.90
N MET A 102 3.69 17.21 -43.41
CA MET A 102 3.18 16.13 -44.24
C MET A 102 1.79 15.80 -43.77
N ASP A 103 0.89 15.49 -44.70
CA ASP A 103 -0.45 15.06 -44.35
C ASP A 103 -0.51 13.53 -44.37
N HIS A 104 -0.63 12.93 -43.18
CA HIS A 104 -0.58 11.47 -43.02
C HIS A 104 -1.77 10.73 -43.66
N THR A 105 -2.87 11.44 -43.91
CA THR A 105 -4.05 10.83 -44.51
C THR A 105 -3.89 10.63 -46.01
N LEU A 106 -3.06 11.48 -46.64
CA LEU A 106 -2.90 11.45 -48.10
C LEU A 106 -1.73 10.59 -48.56
N TYR A 107 -0.97 10.04 -47.63
CA TYR A 107 0.08 9.09 -48.00
C TYR A 107 0.10 7.88 -47.14
N GLU A 108 0.12 6.73 -47.81
CA GLU A 108 0.26 5.45 -47.17
C GLU A 108 1.62 5.45 -46.44
N ALA A 109 1.57 5.83 -45.16
CA ALA A 109 2.77 6.11 -44.38
C ALA A 109 3.46 4.84 -43.91
N VAL A 110 4.65 5.02 -43.32
CA VAL A 110 5.32 3.94 -42.64
C VAL A 110 4.60 3.68 -41.30
N ALA A 111 4.04 4.76 -40.72
CA ALA A 111 3.40 4.76 -39.39
C ALA A 111 4.35 4.33 -38.27
N SER A 116 6.43 10.02 -40.04
CA SER A 116 7.86 9.72 -40.10
C SER A 116 8.58 10.64 -41.10
N PRO A 117 9.56 11.42 -40.60
CA PRO A 117 10.31 12.39 -41.42
C PRO A 117 11.16 11.81 -42.57
N PHE A 118 11.58 10.54 -42.52
CA PHE A 118 12.42 9.99 -43.59
C PHE A 118 11.64 9.61 -44.86
N GLU A 119 10.35 9.94 -44.87
CA GLU A 119 9.52 9.75 -46.05
C GLU A 119 9.43 11.07 -46.78
N ALA A 120 10.15 12.07 -46.25
CA ALA A 120 10.30 13.37 -46.89
C ALA A 120 11.72 13.54 -47.43
N ALA A 121 12.40 12.41 -47.66
CA ALA A 121 13.76 12.39 -48.17
C ALA A 121 13.95 13.21 -49.45
N SER A 122 12.98 13.14 -50.36
CA SER A 122 13.09 13.87 -51.63
C SER A 122 12.90 15.36 -51.44
N LEU A 123 12.09 15.73 -50.44
CA LEU A 123 11.95 17.14 -50.06
C LEU A 123 13.27 17.67 -49.47
N PHE A 124 13.95 16.84 -48.69
CA PHE A 124 15.23 17.21 -48.07
C PHE A 124 16.34 17.37 -49.09
N THR A 125 16.38 16.46 -50.08
CA THR A 125 17.36 16.56 -51.17
C THR A 125 17.23 17.89 -51.90
N MET A 126 15.99 18.31 -52.11
CA MET A 126 15.70 19.57 -52.74
C MET A 126 16.21 20.75 -51.92
N VAL A 127 16.07 20.67 -50.59
CA VAL A 127 16.59 21.71 -49.68
C VAL A 127 18.13 21.72 -49.71
N LEU A 128 18.73 20.54 -49.62
CA LEU A 128 20.18 20.39 -49.67
C LEU A 128 20.78 20.92 -50.99
N THR A 129 20.21 20.52 -52.13
CA THR A 129 20.71 21.00 -53.44
C THR A 129 20.62 22.52 -53.53
N TYR A 130 19.50 23.07 -53.08
CA TYR A 130 19.31 24.53 -53.02
C TYR A 130 20.40 25.20 -52.19
N ALA A 131 20.72 24.61 -51.04
CA ALA A 131 21.73 25.13 -50.14
C ALA A 131 23.15 25.04 -50.71
N LEU A 132 23.36 24.08 -51.59
CA LEU A 132 24.66 23.91 -52.23
C LEU A 132 24.79 24.77 -53.47
N GLU A 133 23.65 25.23 -54.01
CA GLU A 133 23.65 26.09 -55.18
C GLU A 133 23.64 27.57 -54.80
N THR A 134 22.87 27.91 -53.75
CA THR A 134 22.81 29.28 -53.19
C THR A 134 24.10 29.64 -52.44
N HIS A 135 24.98 28.65 -52.24
CA HIS A 135 26.23 28.80 -51.48
C HIS A 135 25.98 29.20 -50.04
N ILE A 136 24.94 28.59 -49.46
CA ILE A 136 24.59 28.83 -48.06
C ILE A 136 25.64 28.21 -47.14
N ASP A 137 26.01 28.92 -46.09
CA ASP A 137 26.96 28.39 -45.11
C ASP A 137 26.26 27.54 -44.04
N TYR A 138 25.32 28.12 -43.31
CA TYR A 138 24.63 27.40 -42.25
C TYR A 138 23.12 27.26 -42.49
N LEU A 139 22.67 26.02 -42.47
CA LEU A 139 21.26 25.70 -42.59
C LEU A 139 20.67 25.51 -41.19
N CYS A 140 19.81 26.43 -40.78
CA CYS A 140 19.27 26.41 -39.41
C CYS A 140 17.86 25.83 -39.29
N ILE A 141 17.58 25.15 -38.18
CA ILE A 141 16.24 24.58 -37.92
C ILE A 141 15.82 24.75 -36.48
N SER A 142 14.56 25.08 -36.27
CA SER A 142 14.00 25.05 -34.92
C SER A 142 12.92 24.00 -34.92
N ILE A 143 13.14 22.97 -34.12
CA ILE A 143 12.37 21.74 -34.20
C ILE A 143 11.75 21.35 -32.86
N ASN A 144 10.63 20.64 -32.92
CA ASN A 144 10.05 20.05 -31.74
C ASN A 144 11.02 19.01 -31.18
N PRO A 145 11.24 19.03 -29.85
CA PRO A 145 12.18 18.11 -29.20
C PRO A 145 12.02 16.62 -29.54
N LYS A 146 10.89 16.22 -30.13
CA LYS A 146 10.67 14.80 -30.42
C LYS A 146 11.47 14.31 -31.61
N HIS A 147 11.84 15.24 -32.50
CA HIS A 147 12.65 14.89 -33.67
C HIS A 147 14.11 15.27 -33.47
N ASP A 148 14.47 15.63 -32.25
CA ASP A 148 15.80 16.11 -31.93
C ASP A 148 16.88 15.09 -32.31
N THR A 149 16.66 13.85 -31.93
CA THR A 149 17.65 12.83 -32.19
C THR A 149 17.78 12.47 -33.68
N PHE A 150 16.69 12.65 -34.44
CA PHE A 150 16.69 12.33 -35.86
C PHE A 150 17.56 13.31 -36.65
N TYR A 151 17.39 14.60 -36.37
CA TYR A 151 18.16 15.63 -37.05
C TYR A 151 19.63 15.66 -36.64
N SER A 152 19.91 15.14 -35.45
CA SER A 152 21.28 14.98 -34.99
C SER A 152 22.01 13.90 -35.83
N LEU A 153 21.30 12.84 -36.20
CA LEU A 153 21.84 11.83 -37.11
C LEU A 153 22.09 12.44 -38.49
N LEU A 154 21.17 13.30 -38.93
CA LEU A 154 21.32 14.01 -40.21
C LEU A 154 22.47 15.02 -40.19
N GLY A 155 23.13 15.19 -39.03
CA GLY A 155 24.34 16.01 -38.95
C GLY A 155 24.18 17.40 -38.38
N PHE A 156 22.96 17.76 -37.98
CA PHE A 156 22.68 19.06 -37.37
C PHE A 156 23.19 19.11 -35.94
N THR A 157 24.00 20.13 -35.66
CA THR A 157 24.56 20.35 -34.34
C THR A 157 23.62 21.29 -33.59
N GLN A 158 23.46 21.07 -32.29
CA GLN A 158 22.60 21.94 -31.48
C GLN A 158 23.26 23.28 -31.21
N ILE A 159 22.56 24.36 -31.55
CA ILE A 159 23.09 25.71 -31.38
C ILE A 159 22.28 26.52 -30.41
N GLY A 160 21.08 26.04 -30.10
CA GLY A 160 20.21 26.72 -29.17
C GLY A 160 19.58 25.79 -28.16
N ALA A 161 19.35 26.30 -26.95
CA ALA A 161 18.76 25.52 -25.86
C ALA A 161 17.27 25.23 -26.11
N LEU A 162 16.71 24.36 -25.27
CA LEU A 162 15.30 24.08 -25.28
C LEU A 162 14.52 25.25 -24.68
N LYS A 163 13.80 25.97 -25.52
CA LYS A 163 13.08 27.16 -25.11
C LYS A 163 11.62 27.03 -25.49
N HIS A 164 10.81 28.00 -25.11
CA HIS A 164 9.44 28.05 -25.55
C HIS A 164 9.36 28.95 -26.77
N TYR A 165 8.91 28.38 -27.88
CA TYR A 165 8.73 29.13 -29.12
C TYR A 165 7.33 29.71 -29.12
N GLY A 166 7.24 31.01 -28.80
CA GLY A 166 5.96 31.71 -28.66
C GLY A 166 5.10 31.69 -29.90
N THR A 167 5.75 31.85 -31.06
CA THR A 167 5.10 31.79 -32.37
C THR A 167 4.23 30.55 -32.51
N VAL A 168 4.77 29.41 -32.10
CA VAL A 168 4.12 28.12 -32.26
C VAL A 168 3.40 27.65 -30.98
N ASN A 169 3.69 28.32 -29.86
CA ASN A 169 3.28 27.85 -28.51
C ASN A 169 3.62 26.37 -28.28
N ALA A 170 4.89 26.05 -28.48
CA ALA A 170 5.41 24.71 -28.30
C ALA A 170 6.91 24.82 -28.01
N PRO A 171 7.50 23.79 -27.36
CA PRO A 171 8.95 23.78 -27.09
C PRO A 171 9.76 23.66 -28.37
N ALA A 172 10.99 24.18 -28.35
CA ALA A 172 11.88 24.09 -29.52
C ALA A 172 13.35 24.10 -29.13
N ILE A 173 14.18 23.34 -29.86
CA ILE A 173 15.64 23.52 -29.83
C ILE A 173 16.11 23.97 -31.19
N ALA A 174 17.22 24.70 -31.22
CA ALA A 174 17.80 25.16 -32.48
C ALA A 174 18.98 24.29 -32.86
N ARG A 175 18.98 23.86 -34.12
CA ARG A 175 20.10 23.10 -34.68
C ARG A 175 20.52 23.72 -36.01
N ALA A 176 21.80 23.59 -36.33
CA ALA A 176 22.34 24.11 -37.57
C ALA A 176 23.30 23.12 -38.18
N LEU A 177 23.48 23.21 -39.50
CA LEU A 177 24.42 22.36 -40.23
C LEU A 177 25.31 23.18 -41.17
N TYR A 178 26.62 22.95 -41.11
CA TYR A 178 27.54 23.59 -42.03
C TYR A 178 27.53 22.89 -43.39
N VAL A 179 26.82 23.48 -44.33
CA VAL A 179 26.58 22.87 -45.65
C VAL A 179 27.86 22.55 -46.50
N PRO A 180 28.83 23.47 -46.61
CA PRO A 180 30.05 23.23 -47.37
C PRO A 180 30.82 21.94 -47.03
N GLU A 181 30.69 21.42 -45.81
CA GLU A 181 31.19 20.07 -45.51
C GLU A 181 30.17 19.26 -44.70
N TRP A 182 28.98 19.09 -45.28
CA TRP A 182 27.88 18.37 -44.64
C TRP A 182 28.17 16.90 -44.38
N ARG A 183 28.98 16.29 -45.24
CA ARG A 183 29.30 14.86 -45.14
C ARG A 183 30.22 14.53 -43.96
N SER A 184 30.87 15.53 -43.41
CA SER A 184 31.77 15.31 -42.29
C SER A 184 31.05 15.46 -40.95
N GLN A 185 29.75 15.77 -41.01
CA GLN A 185 28.97 16.01 -39.80
C GLN A 185 27.94 14.93 -39.55
N THR A 186 27.81 14.03 -40.52
CA THR A 186 26.78 13.00 -40.49
C THR A 186 27.41 11.62 -40.49
N LEU A 187 26.84 10.71 -39.71
CA LEU A 187 27.33 9.33 -39.66
C LEU A 187 27.01 8.56 -40.92
N LEU A 188 25.89 8.90 -41.57
CA LEU A 188 25.42 8.22 -42.80
C LEU A 188 26.40 8.35 -43.96
N ALA A 189 27.35 9.29 -43.84
CA ALA A 189 28.36 9.51 -44.88
C ALA A 189 29.43 8.42 -44.88
N GLN A 190 29.50 7.64 -43.80
CA GLN A 190 30.41 6.50 -43.72
C GLN A 190 30.01 5.40 -44.71
N PHE A 191 28.76 5.42 -45.13
CA PHE A 191 28.24 4.43 -46.04
C PHE A 191 28.18 4.91 -47.49
N MET A 192 29.08 5.84 -47.86
CA MET A 192 29.26 6.21 -49.28
C MET A 192 30.72 6.49 -49.66
N THR B 4 13.22 24.20 -61.58
CA THR B 4 14.52 23.47 -61.82
C THR B 4 14.28 21.91 -61.72
N PRO B 5 15.35 21.10 -61.54
CA PRO B 5 15.21 19.66 -61.28
C PRO B 5 13.96 19.22 -60.51
N ARG B 6 12.96 18.74 -61.25
CA ARG B 6 11.83 17.99 -60.71
C ARG B 6 12.38 16.68 -60.11
N LYS B 7 11.74 16.18 -59.05
CA LYS B 7 12.17 14.93 -58.44
C LYS B 7 11.06 13.88 -58.46
N VAL B 8 11.23 12.83 -59.25
CA VAL B 8 10.23 11.75 -59.33
C VAL B 8 10.75 10.43 -58.80
N ALA B 9 10.08 9.88 -57.80
CA ALA B 9 10.30 8.52 -57.34
C ALA B 9 9.07 7.75 -57.78
N ARG B 10 9.28 6.75 -58.62
CA ARG B 10 8.18 6.20 -59.38
C ARG B 10 8.39 4.74 -59.68
N ILE B 11 7.31 4.06 -60.02
CA ILE B 11 7.38 2.70 -60.48
C ILE B 11 7.63 2.70 -61.99
N LEU B 12 8.47 1.79 -62.46
CA LEU B 12 8.81 1.71 -63.86
C LEU B 12 7.85 0.80 -64.60
N VAL B 13 7.25 1.32 -65.66
CA VAL B 13 6.19 0.62 -66.37
C VAL B 13 6.56 0.23 -67.79
N ALA B 14 7.04 1.22 -68.57
CA ALA B 14 7.41 1.00 -69.95
C ALA B 14 8.73 0.20 -70.06
N PRO B 15 8.85 -0.62 -71.11
CA PRO B 15 10.09 -1.34 -71.42
C PRO B 15 11.34 -0.45 -71.53
N ASN B 16 11.22 0.71 -72.18
CA ASN B 16 12.35 1.63 -72.35
C ASN B 16 12.84 2.27 -71.04
N GLU B 17 11.92 2.41 -70.07
CA GLU B 17 12.24 2.88 -68.72
C GLU B 17 12.99 1.79 -67.98
N ARG B 18 12.49 0.55 -68.13
CA ARG B 18 13.09 -0.62 -67.51
C ARG B 18 14.45 -0.94 -68.11
N ASP B 19 14.64 -0.53 -69.37
CA ASP B 19 15.90 -0.71 -70.09
C ASP B 19 16.97 0.24 -69.57
N ALA B 20 16.56 1.49 -69.32
CA ALA B 20 17.46 2.50 -68.76
C ALA B 20 17.85 2.12 -67.33
N ALA B 21 16.91 1.48 -66.62
CA ALA B 21 17.17 0.97 -65.28
C ALA B 21 18.21 -0.12 -65.29
N ARG B 22 18.09 -1.03 -66.28
CA ARG B 22 19.04 -2.12 -66.46
C ARG B 22 20.41 -1.59 -66.85
N ARG B 23 20.41 -0.49 -67.61
CA ARG B 23 21.64 0.19 -68.02
C ARG B 23 22.40 0.70 -66.80
N ILE B 24 21.68 1.35 -65.89
CA ILE B 24 22.27 1.85 -64.64
C ILE B 24 22.88 0.70 -63.82
N VAL B 25 22.16 -0.42 -63.77
CA VAL B 25 22.63 -1.61 -63.04
C VAL B 25 23.86 -2.22 -63.70
N ARG B 26 23.85 -2.31 -65.02
CA ARG B 26 24.98 -2.90 -65.71
C ARG B 26 26.22 -2.00 -65.69
N THR B 27 26.00 -0.68 -65.60
CA THR B 27 27.09 0.28 -65.53
C THR B 27 27.77 0.24 -64.15
N THR B 28 26.95 0.11 -63.12
CA THR B 28 27.42 -0.07 -61.75
C THR B 28 28.17 -1.41 -61.59
N TYR B 29 27.62 -2.48 -62.17
CA TYR B 29 28.20 -3.81 -62.05
C TYR B 29 29.55 -3.90 -62.75
N GLU B 30 29.65 -3.27 -63.93
CA GLU B 30 30.89 -3.24 -64.73
C GLU B 30 32.01 -2.50 -64.02
N ALA B 31 31.65 -1.43 -63.31
CA ALA B 31 32.61 -0.61 -62.58
C ALA B 31 33.19 -1.32 -61.35
N GLN B 32 32.48 -2.33 -60.85
CA GLN B 32 32.96 -3.12 -59.73
C GLN B 32 33.47 -4.49 -60.18
N GLY B 33 33.37 -4.76 -61.48
CA GLY B 33 33.85 -6.02 -62.02
C GLY B 33 32.94 -7.19 -61.75
N TYR B 34 31.66 -6.91 -61.56
CA TYR B 34 30.65 -7.95 -61.41
C TYR B 34 30.27 -8.44 -62.81
N ALA B 35 29.99 -9.73 -62.92
CA ALA B 35 29.51 -10.29 -64.18
C ALA B 35 28.04 -9.96 -64.39
N ILE B 36 27.62 -9.89 -65.65
CA ILE B 36 26.22 -9.67 -65.99
C ILE B 36 25.69 -10.81 -66.85
N ASP B 37 24.68 -11.50 -66.35
CA ASP B 37 23.90 -12.40 -67.19
C ASP B 37 22.48 -11.83 -67.36
N GLU B 38 21.60 -12.59 -68.00
CA GLU B 38 20.22 -12.13 -68.19
C GLU B 38 19.24 -12.76 -67.21
N SER B 39 19.76 -13.49 -66.21
CA SER B 39 18.91 -14.26 -65.29
C SER B 39 18.02 -13.36 -64.42
N PHE B 40 18.48 -12.14 -64.17
CA PHE B 40 17.70 -11.17 -63.41
C PHE B 40 16.55 -10.59 -64.23
N ALA B 41 16.72 -10.52 -65.54
CA ALA B 41 15.73 -9.90 -66.43
C ALA B 41 14.47 -10.74 -66.54
N THR B 42 14.63 -12.06 -66.40
CA THR B 42 13.51 -13.01 -66.50
C THR B 42 12.55 -12.84 -65.34
N PHE B 43 13.08 -12.48 -64.17
CA PHE B 43 12.27 -12.25 -62.99
C PHE B 43 11.53 -10.92 -63.10
N LEU B 44 12.25 -9.88 -63.53
CA LEU B 44 11.73 -8.51 -63.55
C LEU B 44 10.66 -8.28 -64.61
N GLU B 45 10.71 -9.05 -65.68
CA GLU B 45 9.70 -9.01 -66.73
C GLU B 45 8.51 -9.89 -66.34
N GLY B 46 8.69 -10.68 -65.29
CA GLY B 46 7.68 -11.61 -64.83
C GLY B 46 6.55 -10.98 -64.05
N PRO B 47 5.54 -11.80 -63.72
CA PRO B 47 4.31 -11.32 -63.08
C PRO B 47 4.40 -11.13 -61.57
N SER B 48 5.58 -11.17 -60.99
CA SER B 48 5.71 -11.12 -59.54
C SER B 48 6.77 -10.13 -59.10
N ALA B 49 7.15 -9.22 -59.99
CA ALA B 49 8.22 -8.27 -59.70
C ALA B 49 7.79 -6.83 -59.89
N THR B 50 8.50 -5.94 -59.22
CA THR B 50 8.20 -4.52 -59.21
C THR B 50 9.51 -3.77 -59.21
N THR B 51 9.69 -2.85 -60.16
CA THR B 51 10.93 -2.06 -60.24
C THR B 51 10.66 -0.57 -60.06
N PHE B 52 11.28 0.01 -59.04
CA PHE B 52 11.17 1.45 -58.78
C PHE B 52 12.33 2.20 -59.42
N GLY B 53 12.10 3.49 -59.69
CA GLY B 53 13.12 4.35 -60.24
C GLY B 53 13.06 5.79 -59.74
N LEU B 54 14.23 6.44 -59.71
CA LEU B 54 14.36 7.84 -59.31
C LEU B 54 14.73 8.70 -60.51
N PHE B 55 13.93 9.76 -60.74
CA PHE B 55 14.13 10.65 -61.88
C PHE B 55 14.49 12.07 -61.41
N ASN B 56 15.47 12.68 -62.08
CA ASN B 56 15.86 14.07 -61.77
C ASN B 56 15.27 15.09 -62.71
N GLY B 57 14.37 14.62 -63.56
CA GLY B 57 13.60 15.47 -64.44
C GLY B 57 12.92 14.48 -65.33
N GLU B 58 13.58 14.19 -66.43
CA GLU B 58 13.19 13.07 -67.27
C GLU B 58 14.34 12.08 -67.31
N VAL B 59 15.41 12.41 -66.59
CA VAL B 59 16.61 11.58 -66.54
C VAL B 59 16.58 10.66 -65.34
N LEU B 60 16.51 9.36 -65.59
CA LEU B 60 16.54 8.34 -64.55
C LEU B 60 17.97 8.11 -64.07
N TYR B 61 18.17 8.14 -62.75
CA TYR B 61 19.53 8.01 -62.18
C TYR B 61 19.68 6.89 -61.17
N GLY B 62 18.57 6.45 -60.59
CA GLY B 62 18.62 5.46 -59.53
C GLY B 62 17.48 4.47 -59.64
N THR B 63 17.71 3.25 -59.16
CA THR B 63 16.73 2.18 -59.27
C THR B 63 16.85 1.07 -58.20
N ILE B 64 15.74 0.40 -57.95
CA ILE B 64 15.69 -0.77 -57.06
C ILE B 64 14.51 -1.69 -57.48
N SER B 65 14.69 -2.99 -57.36
CA SER B 65 13.64 -3.92 -57.72
C SER B 65 13.37 -4.91 -56.60
N ILE B 66 12.11 -5.32 -56.48
CA ILE B 66 11.77 -6.40 -55.57
C ILE B 66 10.95 -7.49 -56.22
N ILE B 67 11.29 -8.74 -55.91
CA ILE B 67 10.65 -9.91 -56.49
C ILE B 67 9.98 -10.74 -55.41
N ASN B 68 8.69 -10.98 -55.58
CA ASN B 68 7.95 -11.82 -54.66
C ASN B 68 8.19 -13.27 -54.91
N ASP B 69 8.20 -14.05 -53.83
CA ASP B 69 8.24 -15.50 -53.93
C ASP B 69 7.07 -15.97 -54.77
N GLY B 70 7.37 -16.73 -55.80
CA GLY B 70 6.36 -17.22 -56.71
C GLY B 70 6.64 -18.65 -57.08
N ALA B 71 5.93 -19.14 -58.11
CA ALA B 71 6.19 -20.46 -58.70
C ALA B 71 7.58 -20.53 -59.32
N GLN B 72 8.13 -19.36 -59.67
CA GLN B 72 9.45 -19.25 -60.28
C GLN B 72 10.58 -19.04 -59.25
N GLY B 73 10.21 -18.87 -57.99
CA GLY B 73 11.19 -18.73 -56.92
C GLY B 73 11.84 -17.36 -56.83
N LEU B 74 13.04 -17.32 -56.26
CA LEU B 74 13.82 -16.10 -56.10
C LEU B 74 15.22 -16.28 -56.66
N PRO B 75 15.83 -15.21 -57.19
CA PRO B 75 17.24 -15.22 -57.61
C PRO B 75 18.18 -15.96 -56.63
N MET B 76 18.02 -15.68 -55.32
CA MET B 76 18.75 -16.31 -54.22
C MET B 76 18.87 -17.84 -54.28
N ASP B 77 17.83 -18.49 -54.81
CA ASP B 77 17.72 -19.95 -54.78
C ASP B 77 18.94 -20.67 -55.31
N SER B 78 19.60 -20.09 -56.31
CA SER B 78 20.78 -20.69 -56.91
C SER B 78 21.86 -20.98 -55.84
N ILE B 79 21.88 -20.17 -54.78
CA ILE B 79 22.89 -20.25 -53.74
C ILE B 79 22.29 -20.51 -52.33
N TYR B 80 21.10 -19.94 -52.07
CA TYR B 80 20.51 -20.00 -50.72
C TYR B 80 19.14 -20.67 -50.61
N ALA B 81 18.87 -21.64 -51.49
CA ALA B 81 17.60 -22.40 -51.48
C ALA B 81 17.28 -23.04 -50.13
N VAL B 82 18.27 -23.72 -49.54
CA VAL B 82 18.05 -24.44 -48.27
C VAL B 82 17.86 -23.51 -47.07
N GLU B 83 18.45 -22.32 -47.15
CA GLU B 83 18.34 -21.33 -46.08
C GLU B 83 16.97 -20.64 -46.06
N LEU B 84 16.22 -20.79 -47.14
CA LEU B 84 14.85 -20.24 -47.22
C LEU B 84 13.80 -21.34 -47.09
N ALA B 85 14.22 -22.60 -47.21
CA ALA B 85 13.30 -23.75 -47.24
C ALA B 85 12.47 -23.93 -45.97
N ALA B 86 13.01 -23.54 -44.83
CA ALA B 86 12.32 -23.62 -43.55
C ALA B 86 11.12 -22.66 -43.49
N TRP B 87 11.29 -21.45 -44.02
CA TRP B 87 10.23 -20.42 -44.04
C TRP B 87 9.12 -20.77 -45.03
N ARG B 88 9.51 -21.34 -46.17
CA ARG B 88 8.56 -21.73 -47.20
C ARG B 88 7.73 -22.93 -46.75
N GLY B 89 8.26 -23.68 -45.78
CA GLY B 89 7.52 -24.73 -45.12
C GLY B 89 6.50 -24.18 -44.13
N GLU B 90 6.78 -22.99 -43.59
CA GLU B 90 5.89 -22.32 -42.64
C GLU B 90 4.78 -21.53 -43.33
N GLY B 91 4.92 -21.28 -44.63
CA GLY B 91 3.96 -20.49 -45.37
C GLY B 91 4.22 -19.00 -45.25
N LYS B 92 5.49 -18.65 -45.06
CA LYS B 92 5.91 -17.27 -44.89
C LYS B 92 6.04 -16.58 -46.23
N LYS B 93 5.49 -15.37 -46.34
CA LYS B 93 5.62 -14.59 -47.55
C LYS B 93 7.00 -13.95 -47.64
N LEU B 94 7.81 -14.40 -48.60
CA LEU B 94 9.16 -13.87 -48.80
C LEU B 94 9.25 -12.99 -50.04
N ALA B 95 10.16 -12.04 -50.00
CA ALA B 95 10.50 -11.25 -51.17
C ALA B 95 11.96 -10.89 -51.10
N GLU B 96 12.62 -10.89 -52.26
CA GLU B 96 14.00 -10.51 -52.33
C GLU B 96 14.10 -9.14 -52.99
N VAL B 97 14.89 -8.25 -52.39
CA VAL B 97 15.23 -6.97 -53.02
C VAL B 97 16.52 -7.15 -53.84
N VAL B 98 16.47 -6.75 -55.11
CA VAL B 98 17.60 -6.95 -56.03
C VAL B 98 17.84 -5.73 -56.89
N GLN B 99 18.91 -5.80 -57.72
CA GLN B 99 19.11 -4.88 -58.85
C GLN B 99 19.06 -3.41 -58.41
N PHE B 100 19.75 -3.11 -57.30
CA PHE B 100 19.77 -1.79 -56.68
C PHE B 100 21.03 -1.04 -57.12
N ALA B 101 20.84 0.06 -57.85
CA ALA B 101 21.96 0.82 -58.40
C ALA B 101 21.65 2.29 -58.62
N MET B 102 22.70 3.12 -58.59
CA MET B 102 22.58 4.56 -58.80
C MET B 102 23.75 5.07 -59.66
N ASP B 103 23.42 5.86 -60.68
CA ASP B 103 24.44 6.51 -61.52
C ASP B 103 24.79 7.86 -60.89
N HIS B 104 25.96 7.90 -60.26
CA HIS B 104 26.39 9.08 -59.52
C HIS B 104 26.76 10.29 -60.38
N THR B 105 27.44 10.04 -61.51
CA THR B 105 27.86 11.12 -62.40
C THR B 105 26.69 11.68 -63.21
N LEU B 106 25.68 10.84 -63.45
CA LEU B 106 24.49 11.27 -64.16
C LEU B 106 23.63 12.17 -63.28
N TYR B 107 23.43 11.74 -62.02
CA TYR B 107 22.73 12.54 -61.01
C TYR B 107 23.45 13.89 -60.81
N GLU B 108 24.78 13.87 -60.82
CA GLU B 108 25.60 15.05 -60.70
C GLU B 108 25.31 16.08 -61.83
N ALA B 109 25.05 15.58 -63.05
CA ALA B 109 24.87 16.44 -64.20
C ALA B 109 23.54 17.19 -64.21
N VAL B 110 22.47 16.49 -63.85
CA VAL B 110 21.13 17.07 -63.86
C VAL B 110 20.86 18.02 -62.66
N ALA B 111 21.32 17.63 -61.48
CA ALA B 111 21.28 18.52 -60.31
C ALA B 111 22.70 18.68 -59.78
N GLY B 112 23.29 19.85 -60.03
CA GLY B 112 24.74 20.06 -59.85
C GLY B 112 25.38 19.77 -58.50
N ALA B 113 25.14 18.56 -57.97
CA ALA B 113 25.70 18.12 -56.70
C ALA B 113 25.74 16.60 -56.63
N LYS B 114 26.70 16.06 -55.88
CA LYS B 114 26.81 14.61 -55.67
C LYS B 114 25.63 14.09 -54.83
N PRO B 115 25.23 12.82 -55.04
CA PRO B 115 24.13 12.20 -54.27
C PRO B 115 24.28 12.30 -52.75
N SER B 116 23.15 12.39 -52.08
CA SER B 116 23.11 12.39 -50.64
C SER B 116 22.54 11.04 -50.21
N PRO B 117 22.71 10.67 -48.94
CA PRO B 117 22.03 9.50 -48.38
C PRO B 117 20.52 9.46 -48.65
N PHE B 118 19.87 10.63 -48.77
CA PHE B 118 18.43 10.72 -49.04
C PHE B 118 17.99 10.01 -50.32
N GLU B 119 18.92 9.87 -51.26
CA GLU B 119 18.66 9.16 -52.51
C GLU B 119 18.35 7.69 -52.29
N ALA B 120 19.23 7.00 -51.55
CA ALA B 120 18.99 5.61 -51.15
C ALA B 120 17.74 5.52 -50.26
N ALA B 121 17.57 6.52 -49.38
CA ALA B 121 16.46 6.55 -48.44
C ALA B 121 15.08 6.48 -49.11
N SER B 122 14.86 7.27 -50.17
CA SER B 122 13.58 7.24 -50.86
C SER B 122 13.34 5.92 -51.59
N LEU B 123 14.41 5.32 -52.10
CA LEU B 123 14.32 3.98 -52.67
C LEU B 123 14.02 2.93 -51.59
N PHE B 124 14.59 3.10 -50.41
CA PHE B 124 14.41 2.15 -49.31
C PHE B 124 13.02 2.28 -48.71
N THR B 125 12.51 3.51 -48.67
CA THR B 125 11.16 3.77 -48.17
C THR B 125 10.14 3.10 -49.07
N MET B 126 10.30 3.29 -50.39
CA MET B 126 9.41 2.72 -51.38
C MET B 126 9.30 1.21 -51.23
N VAL B 127 10.43 0.56 -50.97
CA VAL B 127 10.50 -0.87 -50.71
C VAL B 127 9.80 -1.24 -49.38
N LEU B 128 10.20 -0.59 -48.28
CA LEU B 128 9.65 -0.90 -46.97
C LEU B 128 8.14 -0.74 -46.93
N THR B 129 7.65 0.38 -47.48
CA THR B 129 6.21 0.65 -47.57
C THR B 129 5.52 -0.42 -48.38
N TYR B 130 6.10 -0.81 -49.51
CA TYR B 130 5.59 -1.92 -50.33
C TYR B 130 5.49 -3.17 -49.47
N ALA B 131 6.59 -3.51 -48.78
CA ALA B 131 6.66 -4.73 -47.97
C ALA B 131 5.63 -4.78 -46.82
N LEU B 132 5.27 -3.60 -46.30
CA LEU B 132 4.29 -3.53 -45.22
C LEU B 132 2.86 -3.67 -45.74
N GLU B 133 2.60 -3.13 -46.93
CA GLU B 133 1.27 -3.18 -47.53
C GLU B 133 0.98 -4.53 -48.16
N THR B 134 2.04 -5.19 -48.61
CA THR B 134 1.97 -6.45 -49.32
C THR B 134 1.95 -7.63 -48.32
N HIS B 135 2.08 -7.30 -47.03
CA HIS B 135 2.13 -8.28 -45.92
C HIS B 135 3.27 -9.27 -46.06
N ILE B 136 4.41 -8.78 -46.52
CA ILE B 136 5.61 -9.58 -46.65
C ILE B 136 6.15 -9.84 -45.25
N ASP B 137 6.55 -11.08 -45.01
CA ASP B 137 7.11 -11.45 -43.73
C ASP B 137 8.59 -11.13 -43.68
N TYR B 138 9.33 -11.59 -44.67
CA TYR B 138 10.77 -11.43 -44.70
C TYR B 138 11.27 -10.79 -45.98
N LEU B 139 12.07 -9.74 -45.83
CA LEU B 139 12.67 -9.07 -46.96
C LEU B 139 14.10 -9.56 -47.10
N CYS B 140 14.35 -10.38 -48.12
CA CYS B 140 15.62 -11.06 -48.27
C CYS B 140 16.60 -10.27 -49.10
N ILE B 141 17.89 -10.47 -48.81
CA ILE B 141 18.96 -9.66 -49.33
C ILE B 141 20.18 -10.54 -49.56
N SER B 142 20.73 -10.49 -50.77
CA SER B 142 22.02 -11.12 -51.04
C SER B 142 22.99 -10.04 -51.50
N ILE B 143 23.94 -9.71 -50.63
CA ILE B 143 24.79 -8.55 -50.83
C ILE B 143 26.26 -8.90 -50.85
N ASN B 144 27.08 -7.99 -51.36
CA ASN B 144 28.52 -8.09 -51.28
C ASN B 144 28.97 -7.85 -49.83
N PRO B 145 29.87 -8.69 -49.33
CA PRO B 145 30.43 -8.56 -47.97
C PRO B 145 30.95 -7.16 -47.58
N LYS B 146 31.28 -6.30 -48.55
CA LYS B 146 31.72 -4.94 -48.22
C LYS B 146 30.54 -4.11 -47.67
N HIS B 147 29.33 -4.48 -48.07
CA HIS B 147 28.13 -3.76 -47.63
C HIS B 147 27.46 -4.43 -46.42
N ASP B 148 28.06 -5.53 -45.96
CA ASP B 148 27.46 -6.39 -44.92
C ASP B 148 27.32 -5.67 -43.58
N THR B 149 28.31 -4.88 -43.23
CA THR B 149 28.28 -4.14 -41.98
C THR B 149 27.19 -3.03 -41.96
N PHE B 150 26.90 -2.46 -43.13
CA PHE B 150 25.83 -1.45 -43.25
C PHE B 150 24.45 -2.07 -43.08
N TYR B 151 24.20 -3.17 -43.78
CA TYR B 151 22.87 -3.78 -43.81
C TYR B 151 22.46 -4.41 -42.48
N SER B 152 23.44 -4.85 -41.69
CA SER B 152 23.14 -5.36 -40.36
C SER B 152 22.73 -4.23 -39.43
N LEU B 153 23.28 -3.03 -39.63
CA LEU B 153 22.85 -1.85 -38.88
C LEU B 153 21.45 -1.43 -39.30
N LEU B 154 21.10 -1.72 -40.54
CA LEU B 154 19.78 -1.44 -41.05
C LEU B 154 18.76 -2.45 -40.55
N GLY B 155 19.24 -3.53 -39.91
CA GLY B 155 18.38 -4.49 -39.24
C GLY B 155 18.28 -5.87 -39.89
N PHE B 156 19.09 -6.12 -40.91
CA PHE B 156 19.10 -7.39 -41.62
C PHE B 156 19.94 -8.44 -40.90
N THR B 157 19.28 -9.49 -40.42
CA THR B 157 19.96 -10.63 -39.78
C THR B 157 20.57 -11.55 -40.85
N GLN B 158 21.73 -12.13 -40.57
CA GLN B 158 22.31 -13.10 -41.49
C GLN B 158 21.53 -14.40 -41.46
N ILE B 159 21.20 -14.92 -42.64
CA ILE B 159 20.46 -16.18 -42.75
C ILE B 159 21.23 -17.21 -43.57
N GLY B 160 22.25 -16.75 -44.28
CA GLY B 160 23.10 -17.62 -45.08
C GLY B 160 24.55 -17.22 -45.02
N ALA B 161 25.44 -18.21 -45.07
CA ALA B 161 26.89 -17.99 -44.95
C ALA B 161 27.48 -17.33 -46.19
N LEU B 162 28.74 -16.90 -46.08
CA LEU B 162 29.45 -16.31 -47.22
C LEU B 162 29.70 -17.37 -48.30
N LYS B 163 29.10 -17.17 -49.46
CA LYS B 163 29.19 -18.12 -50.57
C LYS B 163 29.50 -17.40 -51.85
N HIS B 164 30.01 -18.12 -52.85
CA HIS B 164 30.27 -17.54 -54.15
C HIS B 164 29.00 -17.49 -54.98
N TYR B 165 28.65 -16.29 -55.42
CA TYR B 165 27.46 -16.08 -56.24
C TYR B 165 27.85 -16.08 -57.71
N GLY B 166 27.50 -17.16 -58.40
CA GLY B 166 27.88 -17.36 -59.79
C GLY B 166 27.24 -16.39 -60.76
N THR B 167 26.02 -15.98 -60.48
CA THR B 167 25.27 -15.02 -61.29
C THR B 167 26.03 -13.69 -61.40
N VAL B 168 26.85 -13.39 -60.41
CA VAL B 168 27.56 -12.12 -60.32
C VAL B 168 29.11 -12.30 -60.38
N ASN B 169 29.56 -13.53 -60.13
CA ASN B 169 31.00 -13.87 -60.04
C ASN B 169 31.72 -13.10 -58.93
N ALA B 170 31.04 -12.95 -57.80
CA ALA B 170 31.56 -12.23 -56.64
C ALA B 170 30.96 -12.83 -55.35
N PRO B 171 31.61 -12.60 -54.20
CA PRO B 171 31.12 -13.13 -52.91
C PRO B 171 29.74 -12.61 -52.51
N ALA B 172 29.04 -13.35 -51.65
CA ALA B 172 27.68 -12.99 -51.24
C ALA B 172 27.32 -13.48 -49.85
N ILE B 173 26.60 -12.66 -49.10
CA ILE B 173 26.05 -13.02 -47.81
C ILE B 173 24.54 -12.85 -47.87
N ALA B 174 23.81 -13.86 -47.42
CA ALA B 174 22.37 -13.76 -47.35
C ALA B 174 21.94 -13.10 -46.06
N ARG B 175 21.02 -12.14 -46.18
CA ARG B 175 20.47 -11.43 -45.03
C ARG B 175 18.95 -11.27 -45.21
N ALA B 176 18.21 -11.28 -44.10
CA ALA B 176 16.78 -11.04 -44.16
C ALA B 176 16.32 -10.13 -43.03
N LEU B 177 15.21 -9.45 -43.27
CA LEU B 177 14.64 -8.52 -42.31
C LEU B 177 13.20 -8.91 -42.01
N TYR B 178 12.89 -9.19 -40.74
CA TYR B 178 11.50 -9.42 -40.36
C TYR B 178 10.74 -8.12 -40.39
N VAL B 179 9.97 -7.93 -41.45
CA VAL B 179 9.28 -6.66 -41.75
C VAL B 179 8.24 -6.17 -40.69
N PRO B 180 7.34 -7.04 -40.20
CA PRO B 180 6.34 -6.63 -39.21
C PRO B 180 6.95 -5.97 -37.96
N GLU B 181 8.22 -6.26 -37.68
CA GLU B 181 8.92 -5.66 -36.57
C GLU B 181 10.23 -5.06 -37.06
N TRP B 182 10.14 -4.27 -38.12
CA TRP B 182 11.34 -3.70 -38.76
C TRP B 182 12.07 -2.69 -37.87
N ARG B 183 11.32 -1.93 -37.08
CA ARG B 183 11.93 -0.89 -36.26
C ARG B 183 12.52 -1.41 -34.95
N SER B 184 12.16 -2.62 -34.55
CA SER B 184 12.74 -3.22 -33.35
C SER B 184 14.09 -3.86 -33.67
N GLN B 185 14.36 -4.05 -34.96
CA GLN B 185 15.54 -4.79 -35.40
C GLN B 185 16.67 -3.90 -35.87
N THR B 186 16.33 -2.66 -36.22
CA THR B 186 17.33 -1.70 -36.69
C THR B 186 17.80 -0.80 -35.58
N LEU B 187 18.98 -0.21 -35.76
CA LEU B 187 19.51 0.77 -34.82
C LEU B 187 19.06 2.18 -35.21
N LEU B 188 18.37 2.30 -36.36
CA LEU B 188 17.79 3.56 -36.80
C LEU B 188 16.70 4.06 -35.85
N ALA B 189 15.95 3.12 -35.27
CA ALA B 189 14.87 3.46 -34.33
C ALA B 189 15.37 4.13 -33.04
N GLN B 190 16.65 3.98 -32.74
CA GLN B 190 17.28 4.70 -31.62
C GLN B 190 17.40 6.19 -31.97
N PHE B 191 17.49 6.48 -33.28
CA PHE B 191 17.40 7.84 -33.82
C PHE B 191 15.97 8.12 -34.33
N MET B 192 14.99 7.88 -33.46
CA MET B 192 13.58 8.20 -33.72
C MET B 192 12.94 8.71 -32.42
N THR C 4 -0.99 -40.75 -32.51
CA THR C 4 -0.50 -41.95 -31.72
C THR C 4 0.01 -41.56 -30.30
N PRO C 5 -0.29 -42.41 -29.31
CA PRO C 5 0.06 -42.22 -27.88
C PRO C 5 1.27 -41.34 -27.46
N ARG C 6 1.05 -40.57 -26.39
CA ARG C 6 2.12 -39.87 -25.69
C ARG C 6 2.39 -40.61 -24.37
N LYS C 7 3.63 -41.10 -24.21
CA LYS C 7 4.00 -41.86 -23.02
C LYS C 7 4.56 -40.94 -21.95
N VAL C 8 4.09 -41.10 -20.71
CA VAL C 8 4.55 -40.26 -19.60
C VAL C 8 4.93 -41.07 -18.36
N ALA C 9 6.17 -40.91 -17.92
CA ALA C 9 6.66 -41.48 -16.68
C ALA C 9 6.82 -40.37 -15.65
N ARG C 10 6.04 -40.44 -14.58
CA ARG C 10 5.84 -39.31 -13.68
C ARG C 10 5.61 -39.75 -12.23
N ILE C 11 5.83 -38.83 -11.30
CA ILE C 11 5.50 -39.04 -9.90
C ILE C 11 3.99 -38.84 -9.69
N LEU C 12 3.37 -39.71 -8.91
CA LEU C 12 1.95 -39.61 -8.61
C LEU C 12 1.75 -38.85 -7.30
N VAL C 13 1.18 -37.65 -7.41
CA VAL C 13 1.00 -36.77 -6.27
C VAL C 13 -0.47 -36.77 -5.82
N ALA C 14 -1.37 -36.70 -6.80
CA ALA C 14 -2.82 -36.65 -6.53
C ALA C 14 -3.35 -37.96 -5.92
N PRO C 15 -4.23 -37.84 -4.92
CA PRO C 15 -4.85 -39.01 -4.28
C PRO C 15 -5.65 -39.91 -5.24
N ASN C 16 -6.22 -39.32 -6.29
CA ASN C 16 -6.96 -40.08 -7.31
C ASN C 16 -6.07 -40.99 -8.14
N GLU C 17 -4.87 -40.48 -8.47
CA GLU C 17 -3.85 -41.24 -9.22
C GLU C 17 -3.30 -42.39 -8.37
N ARG C 18 -3.20 -42.15 -7.07
CA ARG C 18 -2.74 -43.15 -6.11
C ARG C 18 -3.73 -44.33 -5.99
N ASP C 19 -5.02 -44.02 -6.06
CA ASP C 19 -6.07 -45.04 -6.00
C ASP C 19 -6.06 -45.92 -7.25
N ALA C 20 -5.70 -45.33 -8.39
CA ALA C 20 -5.59 -46.04 -9.65
C ALA C 20 -4.34 -46.93 -9.65
N ALA C 21 -3.29 -46.45 -8.99
CA ALA C 21 -2.05 -47.21 -8.83
C ALA C 21 -2.24 -48.39 -7.90
N ARG C 22 -3.07 -48.21 -6.87
CA ARG C 22 -3.40 -49.27 -5.93
C ARG C 22 -4.28 -50.33 -6.58
N ARG C 23 -5.12 -49.89 -7.53
CA ARG C 23 -6.00 -50.79 -8.29
C ARG C 23 -5.19 -51.76 -9.14
N ILE C 24 -4.19 -51.23 -9.85
CA ILE C 24 -3.31 -52.04 -10.72
C ILE C 24 -2.51 -53.05 -9.89
N VAL C 25 -2.09 -52.63 -8.70
CA VAL C 25 -1.40 -53.52 -7.78
C VAL C 25 -2.35 -54.62 -7.31
N ARG C 26 -3.54 -54.24 -6.86
CA ARG C 26 -4.49 -55.21 -6.35
C ARG C 26 -5.01 -56.15 -7.44
N THR C 27 -4.96 -55.70 -8.70
CA THR C 27 -5.32 -56.54 -9.83
C THR C 27 -4.24 -57.59 -10.10
N THR C 28 -2.99 -57.12 -10.17
CA THR C 28 -1.83 -57.99 -10.41
C THR C 28 -1.67 -59.05 -9.31
N TYR C 29 -1.90 -58.63 -8.06
CA TYR C 29 -1.73 -59.51 -6.92
C TYR C 29 -2.87 -60.52 -6.81
N GLU C 30 -4.10 -60.08 -7.10
CA GLU C 30 -5.24 -60.99 -7.09
C GLU C 30 -5.13 -62.03 -8.19
N ALA C 31 -4.53 -61.63 -9.32
CA ALA C 31 -4.35 -62.52 -10.46
C ALA C 31 -3.30 -63.60 -10.21
N GLN C 32 -2.34 -63.31 -9.33
CA GLN C 32 -1.27 -64.26 -9.06
C GLN C 32 -1.47 -65.04 -7.77
N GLY C 33 -2.60 -64.82 -7.11
CA GLY C 33 -2.93 -65.53 -5.88
C GLY C 33 -2.33 -64.91 -4.62
N TYR C 34 -1.76 -63.72 -4.75
CA TYR C 34 -1.21 -62.99 -3.62
C TYR C 34 -2.34 -62.37 -2.82
N ALA C 35 -2.15 -62.28 -1.50
CA ALA C 35 -3.11 -61.63 -0.62
C ALA C 35 -2.81 -60.11 -0.52
N ILE C 36 -3.85 -59.33 -0.26
CA ILE C 36 -3.72 -57.87 -0.11
C ILE C 36 -4.12 -57.44 1.29
N ASP C 37 -3.21 -56.75 1.98
CA ASP C 37 -3.57 -56.10 3.24
C ASP C 37 -3.20 -54.61 3.22
N GLU C 38 -3.82 -53.85 4.13
CA GLU C 38 -3.74 -52.39 4.13
C GLU C 38 -2.39 -51.81 4.58
N SER C 39 -1.46 -52.69 4.99
CA SER C 39 -0.15 -52.26 5.50
C SER C 39 0.69 -51.52 4.44
N PHE C 40 0.53 -51.93 3.18
CA PHE C 40 1.18 -51.25 2.06
C PHE C 40 0.60 -49.85 1.83
N ALA C 41 -0.70 -49.71 2.04
CA ALA C 41 -1.39 -48.44 1.84
C ALA C 41 -0.99 -47.40 2.89
N THR C 42 -0.70 -47.86 4.11
CA THR C 42 -0.28 -46.98 5.21
C THR C 42 1.11 -46.40 4.95
N PHE C 43 1.97 -47.20 4.31
CA PHE C 43 3.32 -46.77 3.97
C PHE C 43 3.29 -45.72 2.84
N LEU C 44 2.48 -45.98 1.81
CA LEU C 44 2.44 -45.16 0.60
C LEU C 44 1.79 -43.78 0.81
N GLU C 45 1.04 -43.65 1.90
CA GLU C 45 0.43 -42.38 2.27
C GLU C 45 1.37 -41.57 3.17
N GLY C 46 2.43 -42.23 3.63
CA GLY C 46 3.38 -41.62 4.55
C GLY C 46 4.30 -40.60 3.90
N PRO C 47 5.06 -39.88 4.74
CA PRO C 47 5.99 -38.84 4.27
C PRO C 47 7.20 -39.42 3.54
N SER C 48 7.60 -40.62 3.92
CA SER C 48 8.81 -41.24 3.39
C SER C 48 8.57 -42.19 2.20
N ALA C 49 7.45 -42.00 1.51
CA ALA C 49 7.13 -42.83 0.35
C ALA C 49 6.87 -42.01 -0.90
N THR C 50 7.27 -42.56 -2.05
CA THR C 50 7.07 -41.90 -3.33
C THR C 50 6.60 -42.91 -4.38
N THR C 51 5.43 -42.67 -4.95
CA THR C 51 4.85 -43.58 -5.94
C THR C 51 5.02 -43.01 -7.35
N PHE C 52 5.48 -43.86 -8.27
CA PHE C 52 5.64 -43.49 -9.67
C PHE C 52 4.56 -44.16 -10.54
N GLY C 53 4.40 -43.67 -11.76
CA GLY C 53 3.41 -44.23 -12.67
C GLY C 53 3.71 -44.08 -14.15
N LEU C 54 3.21 -45.03 -14.94
CA LEU C 54 3.36 -44.99 -16.39
C LEU C 54 2.02 -44.64 -17.06
N PHE C 55 2.05 -43.64 -17.92
CA PHE C 55 0.84 -43.21 -18.62
C PHE C 55 0.96 -43.43 -20.13
N ASN C 56 -0.14 -43.86 -20.74
CA ASN C 56 -0.26 -43.90 -22.19
C ASN C 56 -1.36 -42.95 -22.59
N GLY C 57 -0.99 -41.70 -22.84
CA GLY C 57 -1.95 -40.62 -22.96
C GLY C 57 -2.32 -40.20 -21.56
N GLU C 58 -3.54 -40.55 -21.14
CA GLU C 58 -4.02 -40.22 -19.81
C GLU C 58 -4.30 -41.47 -18.96
N VAL C 59 -4.23 -42.63 -19.59
CA VAL C 59 -4.51 -43.90 -18.91
C VAL C 59 -3.29 -44.40 -18.16
N LEU C 60 -3.41 -44.55 -16.85
CA LEU C 60 -2.35 -45.13 -16.04
C LEU C 60 -2.39 -46.66 -16.17
N TYR C 61 -1.25 -47.27 -16.50
CA TYR C 61 -1.20 -48.72 -16.67
C TYR C 61 -0.11 -49.37 -15.82
N GLY C 62 0.92 -48.61 -15.49
CA GLY C 62 2.03 -49.14 -14.69
C GLY C 62 2.34 -48.33 -13.45
N THR C 63 2.83 -49.00 -12.41
CA THR C 63 3.22 -48.32 -11.17
C THR C 63 4.34 -49.03 -10.40
N ILE C 64 5.15 -48.24 -9.70
CA ILE C 64 6.18 -48.71 -8.79
C ILE C 64 6.37 -47.64 -7.72
N SER C 65 6.79 -48.05 -6.53
CA SER C 65 7.01 -47.10 -5.44
C SER C 65 8.24 -47.46 -4.62
N ILE C 66 8.90 -46.45 -4.05
CA ILE C 66 9.96 -46.69 -3.06
C ILE C 66 9.59 -46.12 -1.71
N ILE C 67 10.13 -46.74 -0.66
CA ILE C 67 9.94 -46.25 0.70
C ILE C 67 11.30 -46.04 1.35
N ASN C 68 11.57 -44.81 1.76
CA ASN C 68 12.79 -44.50 2.50
C ASN C 68 12.69 -45.02 3.92
N ASP C 69 13.83 -45.31 4.53
CA ASP C 69 13.86 -45.76 5.92
C ASP C 69 13.54 -44.60 6.87
N GLY C 70 12.25 -44.41 7.11
CA GLY C 70 11.78 -43.37 8.01
C GLY C 70 11.66 -43.90 9.43
N ALA C 71 10.86 -43.21 10.24
CA ALA C 71 10.65 -43.58 11.64
C ALA C 71 9.91 -44.92 11.75
N GLN C 72 9.03 -45.18 10.79
CA GLN C 72 8.20 -46.39 10.83
C GLN C 72 8.76 -47.55 10.02
N GLY C 73 10.04 -47.45 9.65
CA GLY C 73 10.78 -48.56 9.07
C GLY C 73 10.44 -48.93 7.64
N LEU C 74 10.53 -50.23 7.35
CA LEU C 74 10.29 -50.77 6.02
C LEU C 74 9.35 -51.99 6.09
N PRO C 75 8.54 -52.23 5.05
CA PRO C 75 7.71 -53.45 4.95
C PRO C 75 8.52 -54.74 5.08
N MET C 76 9.82 -54.69 4.76
CA MET C 76 10.73 -55.82 4.92
C MET C 76 10.98 -56.20 6.39
N ASP C 77 10.83 -55.24 7.31
CA ASP C 77 11.11 -55.46 8.73
C ASP C 77 10.35 -56.63 9.32
N SER C 78 9.12 -56.82 8.86
CA SER C 78 8.24 -57.87 9.37
C SER C 78 8.78 -59.30 9.17
N ILE C 79 9.86 -59.43 8.39
CA ILE C 79 10.49 -60.72 8.15
C ILE C 79 12.03 -60.60 8.11
N TYR C 80 12.53 -59.53 7.49
CA TYR C 80 13.97 -59.37 7.26
C TYR C 80 14.64 -58.30 8.14
N ALA C 81 14.18 -58.17 9.39
CA ALA C 81 14.67 -57.14 10.32
C ALA C 81 16.16 -57.28 10.63
N VAL C 82 16.58 -58.48 11.05
CA VAL C 82 17.98 -58.73 11.41
C VAL C 82 18.94 -58.70 10.20
N GLU C 83 18.40 -58.89 9.00
CA GLU C 83 19.19 -58.88 7.78
C GLU C 83 19.50 -57.46 7.33
N LEU C 84 18.82 -56.49 7.92
CA LEU C 84 19.06 -55.09 7.66
C LEU C 84 19.82 -54.45 8.81
N ALA C 85 19.72 -55.09 9.98
CA ALA C 85 20.26 -54.58 11.25
C ALA C 85 21.71 -54.04 11.17
N ALA C 86 22.53 -54.72 10.39
CA ALA C 86 23.94 -54.34 10.19
C ALA C 86 24.07 -52.99 9.51
N TRP C 87 23.33 -52.80 8.42
CA TRP C 87 23.41 -51.57 7.63
C TRP C 87 22.90 -50.35 8.39
N ARG C 88 21.87 -50.56 9.20
CA ARG C 88 21.31 -49.50 10.03
C ARG C 88 22.24 -49.15 11.19
N GLY C 89 23.11 -50.12 11.54
CA GLY C 89 24.13 -49.90 12.57
C GLY C 89 25.22 -48.95 12.11
N GLU C 90 25.43 -48.89 10.80
CA GLU C 90 26.37 -47.94 10.20
C GLU C 90 25.65 -46.69 9.71
N GLY C 91 24.32 -46.70 9.82
CA GLY C 91 23.50 -45.57 9.40
C GLY C 91 23.42 -45.38 7.89
N LYS C 92 23.49 -46.50 7.17
CA LYS C 92 23.38 -46.48 5.71
C LYS C 92 21.94 -46.23 5.28
N LYS C 93 21.76 -45.34 4.30
CA LYS C 93 20.44 -44.98 3.82
C LYS C 93 19.81 -46.10 3.00
N LEU C 94 18.81 -46.77 3.58
CA LEU C 94 18.14 -47.86 2.92
C LEU C 94 16.80 -47.44 2.37
N ALA C 95 16.43 -48.00 1.22
CA ALA C 95 15.12 -47.81 0.64
C ALA C 95 14.63 -49.10 0.06
N GLU C 96 13.36 -49.43 0.31
CA GLU C 96 12.77 -50.60 -0.33
C GLU C 96 11.93 -50.19 -1.53
N VAL C 97 12.08 -50.93 -2.62
CA VAL C 97 11.25 -50.73 -3.80
C VAL C 97 10.08 -51.70 -3.74
N VAL C 98 8.89 -51.15 -3.87
CA VAL C 98 7.67 -51.84 -3.47
C VAL C 98 6.49 -51.56 -4.44
N GLN C 99 5.49 -52.46 -4.41
CA GLN C 99 4.22 -52.31 -5.15
C GLN C 99 4.39 -52.15 -6.66
N PHE C 100 5.30 -52.94 -7.23
CA PHE C 100 5.56 -52.95 -8.66
C PHE C 100 4.48 -53.77 -9.35
N ALA C 101 3.75 -53.11 -10.25
CA ALA C 101 2.66 -53.75 -10.99
C ALA C 101 2.42 -53.07 -12.32
N MET C 102 1.97 -53.86 -13.31
CA MET C 102 1.54 -53.34 -14.61
C MET C 102 0.23 -54.02 -14.98
N ASP C 103 -0.68 -53.27 -15.60
CA ASP C 103 -1.94 -53.81 -16.09
C ASP C 103 -1.84 -54.12 -17.57
N HIS C 104 -1.74 -55.41 -17.90
CA HIS C 104 -1.54 -55.85 -19.27
C HIS C 104 -2.78 -55.70 -20.15
N THR C 105 -3.97 -55.88 -19.56
CA THR C 105 -5.20 -55.73 -20.31
C THR C 105 -5.56 -54.26 -20.55
N LEU C 106 -5.09 -53.39 -19.67
CA LEU C 106 -5.35 -51.96 -19.79
C LEU C 106 -4.44 -51.32 -20.81
N TYR C 107 -3.18 -51.74 -20.84
CA TYR C 107 -2.21 -51.25 -21.81
C TYR C 107 -2.60 -51.67 -23.21
N GLU C 108 -3.13 -52.89 -23.33
CA GLU C 108 -3.50 -53.44 -24.63
C GLU C 108 -4.68 -52.72 -25.25
N ALA C 109 -5.59 -52.23 -24.42
CA ALA C 109 -6.76 -51.50 -24.88
C ALA C 109 -6.36 -50.14 -25.48
N VAL C 110 -5.32 -49.53 -24.91
CA VAL C 110 -4.86 -48.21 -25.36
C VAL C 110 -3.88 -48.27 -26.54
N ALA C 111 -2.87 -49.15 -26.44
CA ALA C 111 -1.78 -49.21 -27.42
C ALA C 111 -1.94 -50.30 -28.50
N GLY C 112 -2.99 -51.11 -28.38
CA GLY C 112 -3.29 -52.13 -29.38
C GLY C 112 -2.42 -53.37 -29.34
N ALA C 113 -1.53 -53.47 -28.36
CA ALA C 113 -0.65 -54.63 -28.20
C ALA C 113 -0.16 -54.81 -26.76
N LYS C 114 0.45 -55.96 -26.48
CA LYS C 114 0.94 -56.28 -25.14
C LYS C 114 2.24 -55.53 -24.82
N PRO C 115 2.50 -55.25 -23.52
CA PRO C 115 3.68 -54.49 -23.10
C PRO C 115 5.03 -55.17 -23.39
N SER C 116 6.02 -54.38 -23.74
CA SER C 116 7.38 -54.86 -23.87
C SER C 116 8.09 -54.75 -22.52
N PRO C 117 9.25 -55.41 -22.38
CA PRO C 117 10.09 -55.23 -21.18
C PRO C 117 10.52 -53.77 -20.96
N PHE C 118 10.51 -52.96 -22.02
CA PHE C 118 10.88 -51.55 -21.93
C PHE C 118 9.98 -50.79 -20.95
N GLU C 119 8.75 -51.27 -20.80
CA GLU C 119 7.82 -50.67 -19.85
C GLU C 119 8.35 -50.74 -18.44
N ALA C 120 8.80 -51.93 -18.03
CA ALA C 120 9.43 -52.10 -16.73
C ALA C 120 10.67 -51.23 -16.63
N ALA C 121 11.41 -51.13 -17.74
CA ALA C 121 12.66 -50.37 -17.77
C ALA C 121 12.50 -48.88 -17.49
N SER C 122 11.39 -48.29 -17.93
CA SER C 122 11.13 -46.86 -17.65
C SER C 122 10.80 -46.63 -16.19
N LEU C 123 10.07 -47.57 -15.58
CA LEU C 123 9.82 -47.53 -14.14
C LEU C 123 11.11 -47.72 -13.37
N PHE C 124 11.95 -48.64 -13.88
CA PHE C 124 13.24 -48.94 -13.27
C PHE C 124 14.18 -47.75 -13.37
N THR C 125 14.19 -47.09 -14.54
CA THR C 125 14.98 -45.86 -14.78
C THR C 125 14.67 -44.82 -13.71
N MET C 126 13.39 -44.56 -13.49
CA MET C 126 12.96 -43.55 -12.54
C MET C 126 13.34 -43.86 -11.09
N VAL C 127 13.32 -45.14 -10.73
CA VAL C 127 13.70 -45.57 -9.39
C VAL C 127 15.20 -45.33 -9.17
N LEU C 128 15.99 -45.55 -10.22
CA LEU C 128 17.43 -45.35 -10.17
C LEU C 128 17.82 -43.87 -10.11
N THR C 129 17.18 -43.05 -10.95
CA THR C 129 17.44 -41.60 -10.97
C THR C 129 17.07 -40.96 -9.65
N TYR C 130 16.02 -41.48 -9.01
CA TYR C 130 15.64 -41.06 -7.68
C TYR C 130 16.69 -41.47 -6.66
N ALA C 131 17.12 -42.73 -6.73
CA ALA C 131 18.03 -43.33 -5.74
C ALA C 131 19.39 -42.65 -5.72
N LEU C 132 19.84 -42.18 -6.89
CA LEU C 132 21.12 -41.50 -7.01
C LEU C 132 21.05 -40.08 -6.44
N GLU C 133 19.94 -39.40 -6.68
CA GLU C 133 19.76 -38.02 -6.26
C GLU C 133 19.41 -37.87 -4.78
N THR C 134 18.79 -38.91 -4.21
CA THR C 134 18.46 -38.96 -2.78
C THR C 134 19.64 -39.51 -1.96
N HIS C 135 20.72 -39.89 -2.65
CA HIS C 135 21.93 -40.48 -2.05
C HIS C 135 21.63 -41.76 -1.25
N ILE C 136 20.81 -42.62 -1.82
CA ILE C 136 20.50 -43.91 -1.22
C ILE C 136 21.67 -44.87 -1.45
N ASP C 137 22.11 -45.53 -0.38
CA ASP C 137 23.19 -46.49 -0.45
C ASP C 137 22.69 -47.81 -1.02
N TYR C 138 21.80 -48.47 -0.29
CA TYR C 138 21.25 -49.76 -0.71
C TYR C 138 19.77 -49.71 -1.05
N LEU C 139 19.43 -50.25 -2.22
CA LEU C 139 18.06 -50.38 -2.68
C LEU C 139 17.60 -51.82 -2.43
N CYS C 140 16.72 -52.00 -1.45
CA CYS C 140 16.31 -53.33 -1.03
C CYS C 140 15.07 -53.82 -1.75
N ILE C 141 14.90 -55.15 -1.79
CA ILE C 141 13.94 -55.79 -2.69
C ILE C 141 13.39 -57.07 -2.07
N SER C 142 12.07 -57.20 -2.07
CA SER C 142 11.40 -58.42 -1.61
C SER C 142 10.64 -59.01 -2.80
N ILE C 143 11.15 -60.10 -3.35
CA ILE C 143 10.59 -60.67 -4.58
C ILE C 143 10.19 -62.13 -4.48
N ASN C 144 9.28 -62.55 -5.36
CA ASN C 144 8.94 -63.95 -5.50
C ASN C 144 10.11 -64.70 -6.12
N PRO C 145 10.44 -65.89 -5.60
CA PRO C 145 11.51 -66.75 -6.14
C PRO C 145 11.40 -67.07 -7.64
N LYS C 146 10.22 -66.91 -8.23
CA LYS C 146 10.09 -67.09 -9.68
C LYS C 146 10.73 -65.92 -10.44
N HIS C 147 10.90 -64.81 -9.75
CA HIS C 147 11.56 -63.63 -10.32
C HIS C 147 13.02 -63.56 -9.86
N ASP C 148 13.45 -64.51 -9.04
CA ASP C 148 14.78 -64.50 -8.43
C ASP C 148 15.92 -64.49 -9.44
N THR C 149 15.76 -65.25 -10.51
CA THR C 149 16.78 -65.36 -11.53
C THR C 149 16.96 -64.07 -12.36
N PHE C 150 15.89 -63.27 -12.49
CA PHE C 150 15.97 -62.00 -13.22
C PHE C 150 16.69 -60.91 -12.42
N TYR C 151 16.29 -60.76 -11.16
CA TYR C 151 16.81 -59.68 -10.34
C TYR C 151 18.28 -59.86 -9.95
N SER C 152 18.77 -61.09 -9.97
CA SER C 152 20.20 -61.33 -9.79
C SER C 152 20.99 -60.86 -11.01
N LEU C 153 20.44 -61.07 -12.20
CA LEU C 153 21.06 -60.60 -13.45
C LEU C 153 21.08 -59.08 -13.49
N LEU C 154 20.04 -58.45 -12.93
CA LEU C 154 19.97 -57.00 -12.80
C LEU C 154 21.07 -56.46 -11.88
N GLY C 155 21.58 -57.33 -11.00
CA GLY C 155 22.70 -57.00 -10.14
C GLY C 155 22.34 -56.94 -8.67
N PHE C 156 21.21 -57.56 -8.32
CA PHE C 156 20.75 -57.59 -6.93
C PHE C 156 21.32 -58.80 -6.17
N THR C 157 22.08 -58.50 -5.11
CA THR C 157 22.68 -59.49 -4.25
C THR C 157 21.69 -59.94 -3.20
N GLN C 158 21.52 -61.24 -3.06
CA GLN C 158 20.66 -61.80 -2.02
C GLN C 158 21.18 -61.47 -0.63
N ILE C 159 20.31 -60.88 0.20
CA ILE C 159 20.67 -60.49 1.57
C ILE C 159 19.82 -61.22 2.61
N GLY C 160 18.76 -61.88 2.16
CA GLY C 160 17.90 -62.63 3.06
C GLY C 160 17.50 -63.95 2.47
N ALA C 161 17.39 -64.96 3.33
CA ALA C 161 16.98 -66.30 2.91
C ALA C 161 15.50 -66.35 2.54
N LEU C 162 15.11 -67.42 1.85
CA LEU C 162 13.73 -67.63 1.40
C LEU C 162 12.80 -67.78 2.60
N LYS C 163 11.93 -66.79 2.78
CA LYS C 163 11.01 -66.78 3.92
C LYS C 163 9.59 -66.50 3.46
N HIS C 164 8.63 -66.97 4.24
CA HIS C 164 7.22 -66.74 3.94
C HIS C 164 6.78 -65.33 4.30
N TYR C 165 6.67 -64.47 3.29
CA TYR C 165 6.13 -63.12 3.45
C TYR C 165 4.64 -63.23 3.62
N GLY C 166 4.16 -62.96 4.82
CA GLY C 166 2.74 -63.11 5.13
C GLY C 166 1.90 -61.92 4.75
N THR C 167 2.57 -60.81 4.51
CA THR C 167 1.95 -59.57 4.02
C THR C 167 1.25 -59.83 2.68
N VAL C 168 1.75 -60.82 1.96
CA VAL C 168 1.33 -61.11 0.63
C VAL C 168 0.94 -62.60 0.47
N ASN C 169 1.17 -63.39 1.53
CA ASN C 169 0.88 -64.84 1.56
C ASN C 169 1.59 -65.65 0.47
N ALA C 170 2.84 -65.31 0.22
CA ALA C 170 3.65 -65.95 -0.82
C ALA C 170 5.13 -65.93 -0.44
N PRO C 171 5.90 -66.90 -0.97
CA PRO C 171 7.36 -66.94 -0.76
C PRO C 171 8.07 -65.63 -1.13
N ALA C 172 9.05 -65.23 -0.33
CA ALA C 172 9.84 -64.04 -0.62
C ALA C 172 11.32 -64.29 -0.42
N ILE C 173 12.11 -63.56 -1.18
CA ILE C 173 13.55 -63.62 -1.07
C ILE C 173 14.07 -62.17 -1.06
N ALA C 174 14.98 -61.87 -0.14
CA ALA C 174 15.42 -60.50 0.05
C ALA C 174 16.69 -60.21 -0.72
N ARG C 175 16.66 -59.14 -1.51
CA ARG C 175 17.80 -58.76 -2.35
C ARG C 175 18.08 -57.27 -2.25
N ALA C 176 19.33 -56.87 -2.49
CA ALA C 176 19.73 -55.45 -2.39
C ALA C 176 20.69 -55.03 -3.49
N LEU C 177 20.73 -53.72 -3.77
CA LEU C 177 21.65 -53.18 -4.78
C LEU C 177 22.40 -51.93 -4.25
N TYR C 178 23.73 -52.01 -4.27
CA TYR C 178 24.56 -50.87 -3.90
C TYR C 178 24.53 -49.83 -5.01
N VAL C 179 23.62 -48.86 -4.87
CA VAL C 179 23.37 -47.83 -5.88
C VAL C 179 24.61 -47.04 -6.41
N PRO C 180 25.50 -46.53 -5.51
CA PRO C 180 26.70 -45.81 -5.97
C PRO C 180 27.49 -46.53 -7.08
N GLU C 181 27.75 -47.82 -6.93
CA GLU C 181 28.46 -48.59 -7.95
C GLU C 181 27.53 -49.62 -8.59
N TRP C 182 26.36 -49.16 -9.04
CA TRP C 182 25.35 -50.04 -9.65
C TRP C 182 25.82 -50.65 -10.96
N ARG C 183 26.68 -49.92 -11.66
CA ARG C 183 27.19 -50.33 -12.97
C ARG C 183 28.09 -51.57 -12.91
N SER C 184 28.90 -51.66 -11.84
CA SER C 184 29.84 -52.78 -11.68
C SER C 184 29.17 -54.09 -11.25
N GLN C 185 27.93 -53.99 -10.77
CA GLN C 185 27.20 -55.15 -10.25
C GLN C 185 26.43 -55.92 -11.33
N THR C 186 26.14 -55.28 -12.46
CA THR C 186 25.22 -55.85 -13.46
C THR C 186 25.86 -56.57 -14.66
N LEU C 187 25.14 -57.56 -15.19
CA LEU C 187 25.56 -58.30 -16.40
C LEU C 187 24.84 -57.76 -17.63
N THR D 4 10.26 -32.64 -8.52
CA THR D 4 11.10 -33.70 -9.16
C THR D 4 10.69 -33.91 -10.62
N PRO D 5 11.68 -33.83 -11.54
CA PRO D 5 11.47 -34.05 -12.98
C PRO D 5 10.67 -35.31 -13.36
N ARG D 6 10.09 -35.26 -14.55
CA ARG D 6 9.25 -36.33 -15.10
C ARG D 6 9.64 -36.57 -16.55
N LYS D 7 9.59 -37.83 -16.97
CA LYS D 7 9.96 -38.19 -18.34
C LYS D 7 8.73 -38.27 -19.24
N VAL D 8 8.75 -37.52 -20.34
CA VAL D 8 7.68 -37.53 -21.32
C VAL D 8 8.22 -37.87 -22.70
N ALA D 9 7.57 -38.79 -23.39
CA ALA D 9 7.90 -39.12 -24.76
C ALA D 9 6.67 -39.00 -25.69
N ARG D 10 6.86 -38.34 -26.83
CA ARG D 10 5.78 -38.07 -27.77
C ARG D 10 6.32 -37.83 -29.18
N ILE D 11 5.41 -37.75 -30.15
CA ILE D 11 5.75 -37.38 -31.52
C ILE D 11 6.11 -35.91 -31.57
N LEU D 12 7.22 -35.59 -32.22
CA LEU D 12 7.58 -34.21 -32.50
C LEU D 12 6.96 -33.78 -33.83
N VAL D 13 6.16 -32.72 -33.81
CA VAL D 13 5.49 -32.21 -35.01
C VAL D 13 5.93 -30.76 -35.31
N ALA D 14 6.06 -29.96 -34.24
CA ALA D 14 6.50 -28.56 -34.35
C ALA D 14 7.91 -28.45 -34.97
N PRO D 15 8.10 -27.44 -35.85
CA PRO D 15 9.39 -27.20 -36.51
C PRO D 15 10.57 -26.98 -35.53
N ASN D 16 10.34 -26.19 -34.48
CA ASN D 16 11.39 -25.88 -33.49
C ASN D 16 11.76 -27.08 -32.60
N GLU D 17 10.85 -28.04 -32.49
CA GLU D 17 11.12 -29.29 -31.76
C GLU D 17 12.05 -30.20 -32.57
N ARG D 18 11.77 -30.34 -33.87
CA ARG D 18 12.59 -31.16 -34.77
C ARG D 18 13.98 -30.55 -34.98
N ASP D 19 14.06 -29.23 -34.87
CA ASP D 19 15.34 -28.52 -34.93
C ASP D 19 16.15 -28.72 -33.66
N ALA D 20 15.47 -28.92 -32.54
CA ALA D 20 16.12 -29.24 -31.28
C ALA D 20 16.54 -30.71 -31.27
N ALA D 21 15.77 -31.52 -32.00
CA ALA D 21 16.03 -32.96 -32.15
C ALA D 21 17.29 -33.20 -32.95
N ARG D 22 17.46 -32.40 -34.01
CA ARG D 22 18.64 -32.47 -34.86
C ARG D 22 19.87 -31.92 -34.15
N ARG D 23 19.66 -30.97 -33.23
CA ARG D 23 20.73 -30.40 -32.42
C ARG D 23 21.30 -31.41 -31.42
N ILE D 24 20.44 -32.30 -30.91
CA ILE D 24 20.87 -33.38 -30.03
C ILE D 24 21.62 -34.44 -30.83
N VAL D 25 21.14 -34.72 -32.05
CA VAL D 25 21.79 -35.66 -32.96
C VAL D 25 23.19 -35.17 -33.36
N ARG D 26 23.28 -33.86 -33.66
CA ARG D 26 24.53 -33.23 -34.09
C ARG D 26 25.60 -33.20 -33.01
N THR D 27 25.20 -32.86 -31.78
CA THR D 27 26.14 -32.76 -30.65
C THR D 27 26.69 -34.13 -30.23
N THR D 28 25.83 -35.14 -30.26
CA THR D 28 26.18 -36.52 -29.93
C THR D 28 27.13 -37.13 -30.98
N TYR D 29 26.86 -36.82 -32.25
CA TYR D 29 27.68 -37.31 -33.36
C TYR D 29 29.03 -36.59 -33.40
N GLU D 30 29.06 -35.35 -32.94
CA GLU D 30 30.30 -34.57 -32.88
C GLU D 30 31.20 -35.02 -31.71
N ALA D 31 30.59 -35.51 -30.64
CA ALA D 31 31.31 -35.95 -29.46
C ALA D 31 31.82 -37.39 -29.57
N GLN D 32 31.41 -38.08 -30.63
CA GLN D 32 31.85 -39.45 -30.86
C GLN D 32 32.71 -39.60 -32.12
N GLY D 33 32.81 -38.51 -32.89
CA GLY D 33 33.63 -38.50 -34.10
C GLY D 33 32.91 -38.94 -35.36
N TYR D 34 31.59 -38.89 -35.34
CA TYR D 34 30.78 -39.25 -36.50
C TYR D 34 30.61 -38.06 -37.45
N ALA D 35 30.38 -38.35 -38.72
CA ALA D 35 30.10 -37.31 -39.70
C ALA D 35 28.60 -37.04 -39.76
N ILE D 36 28.24 -35.76 -39.93
CA ILE D 36 26.84 -35.35 -40.03
C ILE D 36 26.46 -35.07 -41.49
N ASP D 37 25.49 -35.83 -42.00
CA ASP D 37 25.08 -35.72 -43.39
C ASP D 37 23.68 -35.15 -43.53
N GLU D 38 23.48 -34.30 -44.54
CA GLU D 38 22.19 -33.67 -44.79
C GLU D 38 21.18 -34.63 -45.45
N SER D 39 21.64 -35.83 -45.82
CA SER D 39 20.77 -36.84 -46.44
C SER D 39 19.78 -37.41 -45.42
N PHE D 40 20.16 -37.42 -44.15
CA PHE D 40 19.28 -37.81 -43.05
C PHE D 40 18.13 -36.80 -42.92
N ALA D 41 18.47 -35.53 -43.02
CA ALA D 41 17.51 -34.43 -42.90
C ALA D 41 16.47 -34.44 -44.02
N THR D 42 16.89 -34.85 -45.22
CA THR D 42 16.01 -34.91 -46.40
C THR D 42 14.98 -36.04 -46.26
N PHE D 43 15.38 -37.12 -45.60
CA PHE D 43 14.49 -38.23 -45.31
C PHE D 43 13.43 -37.82 -44.28
N LEU D 44 13.88 -37.14 -43.22
CA LEU D 44 13.03 -36.76 -42.08
C LEU D 44 11.94 -35.72 -42.41
N GLU D 45 12.16 -34.93 -43.46
CA GLU D 45 11.17 -33.97 -43.92
C GLU D 45 10.19 -34.66 -44.87
N GLY D 46 10.58 -35.81 -45.39
CA GLY D 46 9.78 -36.59 -46.34
C GLY D 46 8.55 -37.20 -45.70
N PRO D 47 7.59 -37.60 -46.55
CA PRO D 47 6.28 -38.08 -46.08
C PRO D 47 6.31 -39.40 -45.30
N SER D 48 7.30 -40.25 -45.60
CA SER D 48 7.38 -41.58 -44.99
C SER D 48 7.97 -41.61 -43.57
N ALA D 49 8.71 -40.57 -43.20
CA ALA D 49 9.43 -40.55 -41.92
C ALA D 49 8.64 -39.96 -40.74
N THR D 50 8.98 -40.40 -39.53
CA THR D 50 8.38 -39.90 -38.30
C THR D 50 9.48 -39.71 -37.25
N THR D 51 9.36 -38.68 -36.43
CA THR D 51 10.36 -38.38 -35.41
C THR D 51 9.73 -38.29 -34.02
N PHE D 52 10.28 -39.05 -33.08
CA PHE D 52 9.86 -39.02 -31.68
C PHE D 52 10.88 -38.28 -30.84
N GLY D 53 10.46 -37.82 -29.66
CA GLY D 53 11.33 -37.08 -28.77
C GLY D 53 11.11 -37.40 -27.31
N LEU D 54 12.10 -37.05 -26.49
CA LEU D 54 12.09 -37.37 -25.06
C LEU D 54 12.37 -36.11 -24.24
N PHE D 55 11.55 -35.87 -23.22
CA PHE D 55 11.61 -34.62 -22.45
C PHE D 55 11.87 -34.87 -20.96
N ASN D 56 12.58 -33.95 -20.33
CA ASN D 56 12.80 -33.99 -18.89
C ASN D 56 12.32 -32.71 -18.23
N GLY D 57 11.01 -32.55 -18.19
CA GLY D 57 10.41 -31.32 -17.71
C GLY D 57 10.29 -30.32 -18.83
N GLU D 58 9.71 -30.78 -19.95
CA GLU D 58 9.50 -29.97 -21.17
C GLU D 58 10.78 -29.37 -21.80
N VAL D 59 11.93 -29.99 -21.53
CA VAL D 59 13.16 -29.71 -22.26
C VAL D 59 13.64 -30.98 -22.95
N LEU D 60 13.72 -30.92 -24.28
CA LEU D 60 14.07 -32.08 -25.10
C LEU D 60 15.51 -32.50 -24.88
N TYR D 61 15.72 -33.77 -24.53
CA TYR D 61 17.06 -34.29 -24.23
C TYR D 61 17.37 -35.61 -24.93
N GLY D 62 16.41 -36.10 -25.71
CA GLY D 62 16.61 -37.33 -26.46
C GLY D 62 15.63 -37.44 -27.61
N THR D 63 16.07 -38.07 -28.70
CA THR D 63 15.21 -38.24 -29.87
C THR D 63 15.48 -39.55 -30.60
N ILE D 64 14.51 -39.97 -31.40
CA ILE D 64 14.65 -41.14 -32.26
C ILE D 64 13.67 -41.01 -33.42
N SER D 65 14.09 -41.45 -34.60
CA SER D 65 13.24 -41.34 -35.77
C SER D 65 13.09 -42.68 -36.48
N ILE D 66 12.13 -42.76 -37.39
CA ILE D 66 11.85 -43.99 -38.11
C ILE D 66 11.38 -43.68 -39.53
N ILE D 67 11.96 -44.35 -40.50
CA ILE D 67 11.63 -44.13 -41.91
C ILE D 67 11.02 -45.38 -42.52
N ASN D 68 9.82 -45.25 -43.08
CA ASN D 68 9.20 -46.34 -43.83
C ASN D 68 9.79 -46.44 -45.23
N ASP D 69 9.77 -47.66 -45.79
CA ASP D 69 10.36 -47.91 -47.09
C ASP D 69 9.48 -47.39 -48.23
N GLY D 70 9.62 -46.09 -48.51
CA GLY D 70 8.85 -45.46 -49.57
C GLY D 70 9.57 -45.53 -50.90
N ALA D 71 9.26 -44.59 -51.80
CA ALA D 71 9.93 -44.51 -53.09
C ALA D 71 11.38 -44.05 -52.93
N GLN D 72 11.64 -43.25 -51.89
CA GLN D 72 12.99 -42.75 -51.61
C GLN D 72 13.90 -43.80 -50.96
N GLY D 73 13.32 -44.94 -50.57
CA GLY D 73 14.08 -46.03 -49.99
C GLY D 73 14.49 -45.79 -48.54
N LEU D 74 15.54 -46.50 -48.12
CA LEU D 74 16.09 -46.34 -46.76
C LEU D 74 17.54 -45.88 -46.85
N PRO D 75 18.01 -45.12 -45.85
CA PRO D 75 19.43 -44.71 -45.78
C PRO D 75 20.40 -45.91 -45.85
N MET D 76 19.91 -47.09 -45.48
CA MET D 76 20.67 -48.34 -45.55
C MET D 76 21.05 -48.74 -46.96
N ASP D 77 20.22 -48.36 -47.95
CA ASP D 77 20.41 -48.74 -49.35
C ASP D 77 21.78 -48.37 -49.91
N SER D 78 22.41 -47.36 -49.30
CA SER D 78 23.76 -46.92 -49.66
C SER D 78 24.81 -48.02 -49.41
N ILE D 79 24.49 -48.95 -48.51
CA ILE D 79 25.41 -50.03 -48.16
C ILE D 79 24.75 -51.42 -48.19
N TYR D 80 23.59 -51.55 -47.53
CA TYR D 80 22.97 -52.86 -47.31
C TYR D 80 21.79 -53.21 -48.24
N ALA D 81 21.73 -52.57 -49.41
CA ALA D 81 20.64 -52.78 -50.37
C ALA D 81 20.46 -54.25 -50.80
N VAL D 82 21.58 -54.93 -51.07
CA VAL D 82 21.58 -56.33 -51.53
C VAL D 82 20.99 -57.29 -50.47
N GLU D 83 21.23 -56.97 -49.20
CA GLU D 83 20.76 -57.78 -48.11
C GLU D 83 19.27 -57.59 -47.86
N LEU D 84 18.76 -56.40 -48.20
CA LEU D 84 17.35 -56.07 -48.00
C LEU D 84 16.50 -56.42 -49.23
N ALA D 85 17.17 -56.77 -50.34
CA ALA D 85 16.49 -57.03 -51.62
C ALA D 85 15.56 -58.26 -51.59
N ALA D 86 15.94 -59.25 -50.79
CA ALA D 86 15.17 -60.49 -50.66
C ALA D 86 13.78 -60.26 -50.11
N TRP D 87 13.67 -59.38 -49.12
CA TRP D 87 12.40 -59.06 -48.48
C TRP D 87 11.52 -58.19 -49.37
N ARG D 88 12.14 -57.25 -50.08
CA ARG D 88 11.42 -56.38 -51.01
C ARG D 88 10.91 -57.15 -52.21
N GLY D 89 11.68 -58.16 -52.63
CA GLY D 89 11.26 -59.08 -53.68
C GLY D 89 10.11 -59.98 -53.23
N GLU D 90 10.08 -60.26 -51.92
CA GLU D 90 8.96 -60.98 -51.32
C GLU D 90 7.76 -60.05 -51.17
N GLY D 91 8.02 -58.74 -51.23
CA GLY D 91 6.98 -57.74 -51.03
C GLY D 91 6.68 -57.55 -49.56
N LYS D 92 7.66 -57.07 -48.81
CA LYS D 92 7.53 -56.89 -47.36
C LYS D 92 7.72 -55.44 -46.94
N LYS D 93 6.93 -55.01 -45.96
CA LYS D 93 7.03 -53.66 -45.43
C LYS D 93 8.21 -53.59 -44.48
N LEU D 94 9.16 -52.71 -44.77
CA LEU D 94 10.32 -52.54 -43.92
C LEU D 94 10.43 -51.10 -43.45
N ALA D 95 11.08 -50.92 -42.31
CA ALA D 95 11.37 -49.60 -41.79
C ALA D 95 12.75 -49.57 -41.15
N GLU D 96 13.40 -48.43 -41.18
CA GLU D 96 14.69 -48.27 -40.52
C GLU D 96 14.53 -47.33 -39.35
N VAL D 97 14.98 -47.75 -38.17
CA VAL D 97 15.07 -46.84 -37.05
C VAL D 97 16.36 -46.07 -37.19
N VAL D 98 16.29 -44.76 -36.99
CA VAL D 98 17.35 -43.87 -37.40
C VAL D 98 17.49 -42.66 -36.46
N GLN D 99 18.69 -42.06 -36.43
CA GLN D 99 18.98 -40.81 -35.70
C GLN D 99 18.65 -40.86 -34.21
N PHE D 100 19.01 -41.96 -33.55
CA PHE D 100 18.80 -42.11 -32.12
C PHE D 100 19.94 -41.42 -31.36
N ALA D 101 19.59 -40.45 -30.55
CA ALA D 101 20.56 -39.65 -29.82
C ALA D 101 20.04 -39.21 -28.49
N MET D 102 20.95 -39.02 -27.53
CA MET D 102 20.59 -38.53 -26.20
C MET D 102 21.68 -37.62 -25.63
N ASP D 103 21.26 -36.57 -24.93
CA ASP D 103 22.18 -35.56 -24.37
C ASP D 103 22.30 -35.70 -22.85
N HIS D 104 23.50 -36.02 -22.38
CA HIS D 104 23.74 -36.24 -20.95
C HIS D 104 23.80 -34.94 -20.10
N THR D 105 24.18 -33.82 -20.74
CA THR D 105 24.33 -32.52 -20.05
C THR D 105 22.99 -31.90 -19.61
N LEU D 106 21.89 -32.39 -20.16
CA LEU D 106 20.56 -31.93 -19.79
C LEU D 106 19.69 -33.12 -19.39
N SER D 116 23.71 -44.51 -21.62
CA SER D 116 23.00 -45.77 -21.38
C SER D 116 21.74 -45.88 -22.25
N PRO D 117 21.75 -46.86 -23.17
CA PRO D 117 20.62 -47.07 -24.10
C PRO D 117 19.29 -47.47 -23.41
N PHE D 118 19.35 -48.10 -22.25
CA PHE D 118 18.14 -48.54 -21.54
C PHE D 118 17.43 -47.38 -20.82
N GLU D 119 18.07 -46.21 -20.78
CA GLU D 119 17.45 -45.00 -20.25
C GLU D 119 16.51 -44.37 -21.28
N ALA D 120 16.53 -44.91 -22.50
CA ALA D 120 15.68 -44.46 -23.58
C ALA D 120 14.50 -45.42 -23.77
N ALA D 121 14.09 -46.06 -22.68
CA ALA D 121 13.03 -47.07 -22.69
C ALA D 121 11.76 -46.59 -23.38
N SER D 122 11.29 -45.40 -23.00
CA SER D 122 10.07 -44.82 -23.54
C SER D 122 10.13 -44.65 -25.06
N LEU D 123 11.27 -44.22 -25.56
CA LEU D 123 11.48 -43.98 -27.00
C LEU D 123 11.35 -45.27 -27.82
N PHE D 124 11.91 -46.36 -27.29
CA PHE D 124 11.85 -47.66 -27.94
C PHE D 124 10.42 -48.20 -28.00
N THR D 125 9.65 -47.97 -26.93
CA THR D 125 8.24 -48.40 -26.88
C THR D 125 7.39 -47.64 -27.89
N MET D 126 7.73 -46.36 -28.08
CA MET D 126 7.09 -45.52 -29.08
C MET D 126 7.35 -46.06 -30.49
N VAL D 127 8.59 -46.46 -30.74
CA VAL D 127 8.99 -47.09 -32.00
C VAL D 127 8.26 -48.43 -32.22
N LEU D 128 8.16 -49.23 -31.15
CA LEU D 128 7.57 -50.55 -31.27
C LEU D 128 6.07 -50.52 -31.57
N THR D 129 5.30 -49.75 -30.76
CA THR D 129 3.85 -49.61 -31.00
C THR D 129 3.54 -49.04 -32.38
N TYR D 130 4.40 -48.14 -32.85
CA TYR D 130 4.31 -47.64 -34.21
C TYR D 130 4.42 -48.78 -35.20
N ALA D 131 5.47 -49.60 -35.05
CA ALA D 131 5.73 -50.74 -35.93
C ALA D 131 4.64 -51.81 -35.89
N LEU D 132 3.93 -51.90 -34.78
CA LEU D 132 2.90 -52.91 -34.61
C LEU D 132 1.57 -52.50 -35.24
N GLU D 133 1.32 -51.20 -35.24
CA GLU D 133 0.08 -50.65 -35.82
C GLU D 133 0.21 -50.43 -37.33
N THR D 134 1.41 -50.03 -37.75
CA THR D 134 1.74 -49.81 -39.17
C THR D 134 1.86 -51.16 -39.95
N HIS D 135 1.94 -52.26 -39.19
CA HIS D 135 2.11 -53.62 -39.76
C HIS D 135 3.43 -53.79 -40.51
N ILE D 136 4.49 -53.18 -39.97
CA ILE D 136 5.84 -53.36 -40.52
C ILE D 136 6.33 -54.75 -40.20
N ASP D 137 6.78 -55.47 -41.23
CA ASP D 137 7.35 -56.78 -41.04
C ASP D 137 8.70 -56.70 -40.34
N TYR D 138 9.67 -56.06 -41.00
CA TYR D 138 11.04 -56.03 -40.50
C TYR D 138 11.52 -54.65 -40.12
N LEU D 139 11.78 -54.46 -38.84
CA LEU D 139 12.36 -53.23 -38.32
C LEU D 139 13.87 -53.34 -38.44
N CYS D 140 14.45 -52.51 -39.29
CA CYS D 140 15.86 -52.59 -39.65
C CYS D 140 16.74 -51.58 -38.92
N ILE D 141 18.03 -51.85 -38.87
CA ILE D 141 18.95 -51.10 -38.03
C ILE D 141 20.38 -51.08 -38.60
N SER D 142 21.04 -49.92 -38.50
CA SER D 142 22.48 -49.83 -38.74
C SER D 142 23.11 -49.18 -37.53
N ILE D 143 24.04 -49.90 -36.91
CA ILE D 143 24.59 -49.45 -35.64
C ILE D 143 26.10 -49.61 -35.56
N ASN D 144 26.69 -48.88 -34.62
CA ASN D 144 28.11 -49.01 -34.31
C ASN D 144 28.39 -50.33 -33.60
N PRO D 145 29.41 -51.06 -34.03
CA PRO D 145 29.86 -52.30 -33.38
C PRO D 145 29.87 -52.29 -31.84
N LYS D 146 30.07 -51.13 -31.23
CA LYS D 146 30.09 -51.05 -29.75
C LYS D 146 28.71 -51.21 -29.14
N HIS D 147 27.69 -50.94 -29.94
CA HIS D 147 26.29 -51.09 -29.52
C HIS D 147 25.77 -52.48 -29.93
N ASP D 148 26.58 -53.24 -30.68
CA ASP D 148 26.18 -54.54 -31.27
C ASP D 148 25.68 -55.56 -30.25
N THR D 149 26.35 -55.61 -29.09
CA THR D 149 26.00 -56.59 -28.07
C THR D 149 24.71 -56.24 -27.33
N PHE D 150 24.34 -54.96 -27.37
CA PHE D 150 23.09 -54.50 -26.76
C PHE D 150 21.88 -54.92 -27.59
N TYR D 151 21.92 -54.63 -28.89
CA TYR D 151 20.78 -54.88 -29.76
C TYR D 151 20.49 -56.36 -30.04
N SER D 152 21.49 -57.21 -29.87
CA SER D 152 21.32 -58.65 -30.05
C SER D 152 20.46 -59.24 -28.93
N LEU D 153 20.54 -58.63 -27.74
CA LEU D 153 19.70 -59.02 -26.60
C LEU D 153 18.26 -58.61 -26.85
N LEU D 154 18.08 -57.52 -27.57
CA LEU D 154 16.74 -56.99 -27.90
C LEU D 154 16.01 -57.78 -29.00
N GLY D 155 16.67 -58.80 -29.56
CA GLY D 155 16.06 -59.68 -30.54
C GLY D 155 16.35 -59.34 -31.99
N PHE D 156 17.44 -58.61 -32.20
CA PHE D 156 17.82 -58.18 -33.54
C PHE D 156 18.79 -59.16 -34.18
N THR D 157 18.30 -59.91 -35.17
CA THR D 157 19.13 -60.82 -35.94
C THR D 157 20.01 -60.04 -36.91
N GLN D 158 21.28 -60.42 -37.01
CA GLN D 158 22.22 -59.78 -37.94
C GLN D 158 21.90 -60.15 -39.39
N ILE D 159 21.84 -59.13 -40.24
CA ILE D 159 21.46 -59.33 -41.64
C ILE D 159 22.54 -58.88 -42.62
N GLY D 160 23.41 -57.98 -42.17
CA GLY D 160 24.51 -57.48 -42.97
C GLY D 160 25.83 -57.48 -42.22
N ALA D 161 26.92 -57.61 -42.97
CA ALA D 161 28.26 -57.69 -42.38
C ALA D 161 28.75 -56.34 -41.87
N LEU D 162 29.82 -56.37 -41.08
CA LEU D 162 30.47 -55.15 -40.64
C LEU D 162 31.07 -54.42 -41.85
N LYS D 163 30.41 -53.33 -42.25
CA LYS D 163 30.83 -52.54 -43.40
C LYS D 163 31.09 -51.10 -42.99
N HIS D 164 31.63 -50.31 -43.93
CA HIS D 164 31.84 -48.89 -43.68
C HIS D 164 30.63 -48.06 -44.11
N TYR D 165 30.09 -47.28 -43.18
CA TYR D 165 29.02 -46.36 -43.47
C TYR D 165 29.61 -45.03 -43.94
N GLY D 166 29.53 -44.78 -45.25
CA GLY D 166 30.11 -43.58 -45.83
C GLY D 166 29.36 -42.32 -45.49
N THR D 167 28.13 -42.49 -45.02
CA THR D 167 27.27 -41.39 -44.61
C THR D 167 27.71 -40.81 -43.27
N VAL D 168 28.15 -41.68 -42.36
CA VAL D 168 28.47 -41.28 -41.00
C VAL D 168 29.97 -41.34 -40.70
N ASN D 169 30.74 -41.90 -41.64
CA ASN D 169 32.20 -42.08 -41.54
C ASN D 169 32.65 -42.90 -40.31
N ALA D 170 31.96 -44.01 -40.10
CA ALA D 170 32.23 -44.93 -38.98
C ALA D 170 31.74 -46.35 -39.36
N PRO D 171 32.22 -47.40 -38.66
CA PRO D 171 31.80 -48.78 -38.95
C PRO D 171 30.32 -49.01 -38.66
N ALA D 172 29.68 -49.86 -39.47
CA ALA D 172 28.26 -50.16 -39.31
C ALA D 172 27.95 -51.66 -39.38
N ILE D 173 26.95 -52.09 -38.62
CA ILE D 173 26.50 -53.48 -38.62
C ILE D 173 24.99 -53.46 -38.87
N ALA D 174 24.50 -54.38 -39.70
CA ALA D 174 23.07 -54.41 -40.01
C ALA D 174 22.32 -55.46 -39.19
N ARG D 175 21.28 -55.00 -38.50
CA ARG D 175 20.42 -55.88 -37.70
C ARG D 175 18.95 -55.64 -38.05
N ALA D 176 18.15 -56.70 -37.99
CA ALA D 176 16.72 -56.58 -38.23
C ALA D 176 15.92 -57.48 -37.31
N LEU D 177 14.78 -56.96 -36.86
CA LEU D 177 13.86 -57.72 -36.02
C LEU D 177 12.55 -57.91 -36.77
N TYR D 178 12.00 -59.12 -36.73
CA TYR D 178 10.73 -59.42 -37.36
C TYR D 178 9.60 -59.11 -36.39
N VAL D 179 9.06 -57.89 -36.49
CA VAL D 179 8.04 -57.37 -35.54
C VAL D 179 6.86 -58.30 -35.18
N PRO D 180 6.15 -58.90 -36.17
CA PRO D 180 5.04 -59.82 -35.86
C PRO D 180 5.30 -60.78 -34.69
N GLU D 181 6.45 -61.44 -34.65
CA GLU D 181 6.81 -62.23 -33.48
C GLU D 181 8.08 -61.71 -32.80
N TRP D 182 8.00 -60.48 -32.28
CA TRP D 182 9.11 -59.84 -31.61
C TRP D 182 9.41 -60.45 -30.24
N ARG D 183 8.43 -61.11 -29.66
CA ARG D 183 8.56 -61.71 -28.34
C ARG D 183 9.39 -62.99 -28.37
N SER D 184 9.33 -63.70 -29.49
CA SER D 184 10.04 -64.98 -29.59
C SER D 184 11.48 -64.81 -30.02
N GLN D 185 11.90 -63.55 -30.14
CA GLN D 185 13.22 -63.22 -30.64
C GLN D 185 14.18 -62.68 -29.57
N THR D 186 13.62 -62.02 -28.56
CA THR D 186 14.42 -61.43 -27.49
C THR D 186 14.48 -62.32 -26.24
N LEU D 187 15.62 -62.31 -25.56
CA LEU D 187 15.78 -63.05 -24.31
C LEU D 187 14.93 -62.43 -23.21
N LEU D 188 14.71 -61.12 -23.30
CA LEU D 188 14.00 -60.36 -22.27
C LEU D 188 12.51 -60.69 -22.14
N ALA D 189 11.98 -61.46 -23.09
CA ALA D 189 10.57 -61.89 -23.03
C ALA D 189 10.36 -63.14 -22.17
N GLN D 190 11.46 -63.77 -21.74
CA GLN D 190 11.40 -64.93 -20.86
C GLN D 190 11.01 -64.52 -19.43
N PHE D 191 11.25 -63.24 -19.11
CA PHE D 191 10.90 -62.69 -17.80
C PHE D 191 9.47 -62.12 -17.74
N MET D 192 8.64 -62.50 -18.71
CA MET D 192 7.23 -62.12 -18.71
C MET D 192 6.38 -63.28 -19.28
N ASP D 193 5.37 -63.73 -18.53
CA ASP D 193 4.52 -64.83 -18.99
C ASP D 193 3.43 -64.36 -19.98
N THR E 4 -7.93 6.61 -2.09
CA THR E 4 -7.51 7.01 -0.71
C THR E 4 -8.64 7.71 0.06
N PRO E 5 -8.91 7.24 1.29
CA PRO E 5 -9.98 7.80 2.15
C PRO E 5 -9.81 9.29 2.46
N ARG E 6 -10.93 9.93 2.79
CA ARG E 6 -10.97 11.37 3.02
C ARG E 6 -10.70 11.72 4.46
N LYS E 7 -10.58 13.02 4.74
CA LYS E 7 -10.36 13.52 6.09
C LYS E 7 -11.45 14.51 6.47
N VAL E 8 -12.33 14.08 7.37
CA VAL E 8 -13.46 14.90 7.78
C VAL E 8 -13.17 15.52 9.14
N ALA E 9 -13.51 16.79 9.30
CA ALA E 9 -13.43 17.45 10.59
C ALA E 9 -14.77 18.13 10.91
N ARG E 10 -15.41 17.68 11.99
CA ARG E 10 -16.72 18.23 12.40
C ARG E 10 -16.89 18.20 13.91
N ILE E 11 -17.92 18.91 14.40
CA ILE E 11 -18.23 18.92 15.82
C ILE E 11 -18.81 17.59 16.25
N LEU E 12 -18.21 16.99 17.27
CA LEU E 12 -18.72 15.75 17.83
C LEU E 12 -19.92 16.03 18.72
N VAL E 13 -21.02 15.36 18.39
CA VAL E 13 -22.30 15.62 19.05
C VAL E 13 -22.77 14.39 19.84
N ALA E 14 -22.81 13.25 19.15
CA ALA E 14 -23.31 11.99 19.72
C ALA E 14 -22.46 11.49 20.90
N PRO E 15 -23.11 10.88 21.89
CA PRO E 15 -22.42 10.27 23.03
C PRO E 15 -21.45 9.13 22.64
N ASN E 16 -21.66 8.53 21.47
CA ASN E 16 -20.74 7.51 20.93
C ASN E 16 -19.39 8.10 20.56
N GLU E 17 -19.42 9.23 19.86
CA GLU E 17 -18.21 9.85 19.30
C GLU E 17 -17.37 10.56 20.36
N ARG E 18 -18.03 11.14 21.37
CA ARG E 18 -17.35 11.79 22.47
C ARG E 18 -16.59 10.79 23.34
N ASP E 19 -17.15 9.58 23.43
CA ASP E 19 -16.51 8.47 24.15
C ASP E 19 -15.37 7.85 23.36
N ALA E 20 -15.44 7.97 22.03
CA ALA E 20 -14.35 7.54 21.17
C ALA E 20 -13.22 8.56 21.22
N ALA E 21 -13.60 9.84 21.39
CA ALA E 21 -12.65 10.95 21.49
C ALA E 21 -11.86 10.91 22.80
N ARG E 22 -12.55 10.56 23.88
CA ARG E 22 -11.93 10.48 25.20
C ARG E 22 -11.04 9.24 25.32
N ARG E 23 -11.34 8.23 24.51
CA ARG E 23 -10.50 7.04 24.42
C ARG E 23 -9.17 7.36 23.73
N ILE E 24 -9.24 8.21 22.70
CA ILE E 24 -8.04 8.66 21.99
C ILE E 24 -7.16 9.53 22.91
N VAL E 25 -7.80 10.39 23.70
CA VAL E 25 -7.09 11.20 24.69
C VAL E 25 -6.41 10.31 25.72
N ARG E 26 -7.17 9.33 26.22
CA ARG E 26 -6.67 8.37 27.21
C ARG E 26 -5.51 7.53 26.68
N THR E 27 -5.63 7.09 25.42
CA THR E 27 -4.63 6.20 24.83
C THR E 27 -3.32 6.93 24.44
N THR E 28 -3.40 8.25 24.28
CA THR E 28 -2.25 9.08 23.97
C THR E 28 -1.54 9.50 25.24
N TYR E 29 -2.32 9.86 26.25
CA TYR E 29 -1.78 10.36 27.51
C TYR E 29 -1.10 9.23 28.29
N GLU E 30 -1.63 8.02 28.18
CA GLU E 30 -1.04 6.83 28.80
C GLU E 30 0.26 6.42 28.11
N ALA E 31 0.34 6.69 26.81
CA ALA E 31 1.51 6.34 26.01
C ALA E 31 2.70 7.25 26.30
N GLN E 32 2.42 8.44 26.80
CA GLN E 32 3.45 9.44 27.06
C GLN E 32 3.75 9.58 28.56
N GLY E 33 2.95 8.90 29.37
CA GLY E 33 3.16 8.89 30.81
C GLY E 33 2.46 10.03 31.53
N TYR E 34 1.42 10.57 30.89
CA TYR E 34 0.61 11.62 31.50
C TYR E 34 -0.44 10.98 32.40
N ALA E 35 -0.85 11.72 33.43
CA ALA E 35 -1.93 11.28 34.31
C ALA E 35 -3.27 11.65 33.70
N ILE E 36 -4.27 10.81 33.93
CA ILE E 36 -5.63 11.08 33.44
C ILE E 36 -6.57 11.42 34.60
N ASP E 37 -7.14 12.61 34.52
CA ASP E 37 -8.06 13.10 35.54
C ASP E 37 -9.48 13.27 34.99
N GLU E 38 -10.47 12.98 35.84
CA GLU E 38 -11.88 13.09 35.46
C GLU E 38 -12.32 14.55 35.25
N SER E 39 -11.56 15.49 35.81
CA SER E 39 -11.87 16.93 35.73
C SER E 39 -12.01 17.45 34.30
N PHE E 40 -11.26 16.84 33.38
CA PHE E 40 -11.33 17.20 31.96
C PHE E 40 -12.67 16.80 31.35
N ALA E 41 -13.14 15.61 31.69
CA ALA E 41 -14.42 15.10 31.20
C ALA E 41 -15.59 15.95 31.70
N THR E 42 -15.46 16.44 32.94
CA THR E 42 -16.48 17.27 33.59
C THR E 42 -16.68 18.63 32.89
N PHE E 43 -15.59 19.17 32.34
CA PHE E 43 -15.66 20.42 31.62
C PHE E 43 -16.35 20.22 30.27
N LEU E 44 -16.03 19.10 29.62
CA LEU E 44 -16.53 18.78 28.28
C LEU E 44 -18.01 18.40 28.23
N GLU E 45 -18.60 18.13 29.40
CA GLU E 45 -20.03 17.86 29.50
C GLU E 45 -20.79 19.15 29.77
N GLY E 46 -20.07 20.17 30.21
CA GLY E 46 -20.66 21.45 30.57
C GLY E 46 -21.15 22.26 29.38
N PRO E 47 -21.88 23.34 29.66
CA PRO E 47 -22.52 24.15 28.62
C PRO E 47 -21.52 24.96 27.79
N SER E 48 -20.40 25.35 28.40
CA SER E 48 -19.45 26.24 27.75
C SER E 48 -18.36 25.51 26.94
N ALA E 49 -18.51 24.20 26.76
CA ALA E 49 -17.52 23.42 25.99
C ALA E 49 -18.03 22.94 24.64
N THR E 50 -17.08 22.59 23.78
CA THR E 50 -17.33 22.19 22.42
C THR E 50 -16.20 21.24 22.00
N THR E 51 -16.56 20.08 21.45
CA THR E 51 -15.56 19.09 21.06
C THR E 51 -15.57 18.83 19.54
N PHE E 52 -14.39 18.93 18.93
CA PHE E 52 -14.21 18.64 17.51
C PHE E 52 -13.53 17.28 17.31
N GLY E 53 -13.67 16.71 16.11
CA GLY E 53 -13.12 15.40 15.82
C GLY E 53 -12.71 15.21 14.38
N LEU E 54 -11.64 14.45 14.18
CA LEU E 54 -11.05 14.23 12.86
C LEU E 54 -11.12 12.77 12.44
N PHE E 55 -11.72 12.52 11.28
CA PHE E 55 -12.00 11.16 10.83
C PHE E 55 -11.17 10.79 9.59
N ASN E 56 -10.88 9.49 9.46
CA ASN E 56 -10.23 8.96 8.27
C ASN E 56 -11.15 7.92 7.63
N GLY E 57 -12.15 8.41 6.90
CA GLY E 57 -13.15 7.53 6.31
C GLY E 57 -14.16 7.10 7.35
N GLU E 58 -14.69 8.09 8.08
CA GLU E 58 -15.69 7.90 9.14
C GLU E 58 -15.26 7.02 10.34
N VAL E 59 -13.95 6.89 10.55
CA VAL E 59 -13.43 6.34 11.80
C VAL E 59 -12.56 7.37 12.51
N LEU E 60 -12.92 7.68 13.75
CA LEU E 60 -12.29 8.76 14.51
C LEU E 60 -10.88 8.42 14.95
N TYR E 61 -9.94 9.30 14.63
CA TYR E 61 -8.54 9.11 15.01
C TYR E 61 -7.90 10.34 15.65
N GLY E 62 -8.63 11.45 15.64
CA GLY E 62 -8.13 12.68 16.23
C GLY E 62 -9.23 13.51 16.87
N THR E 63 -8.87 14.30 17.88
CA THR E 63 -9.83 15.16 18.56
C THR E 63 -9.20 16.39 19.19
N ILE E 64 -10.02 17.42 19.39
CA ILE E 64 -9.62 18.65 20.07
C ILE E 64 -10.87 19.34 20.66
N SER E 65 -10.74 19.91 21.86
CA SER E 65 -11.87 20.58 22.50
C SER E 65 -11.55 22.01 22.92
N ILE E 66 -12.59 22.81 23.13
CA ILE E 66 -12.44 24.22 23.49
C ILE E 66 -13.42 24.60 24.59
N ILE E 67 -12.91 25.25 25.65
CA ILE E 67 -13.76 25.64 26.79
C ILE E 67 -13.84 27.15 26.91
N ASN E 68 -15.05 27.68 26.83
CA ASN E 68 -15.26 29.11 27.00
C ASN E 68 -15.16 29.51 28.47
N ASP E 69 -14.90 30.79 28.71
CA ASP E 69 -14.75 31.31 30.07
C ASP E 69 -16.10 31.52 30.73
N GLY E 70 -16.69 30.43 31.23
CA GLY E 70 -17.99 30.48 31.89
C GLY E 70 -17.86 30.71 33.38
N ALA E 71 -18.85 30.24 34.12
CA ALA E 71 -18.85 30.37 35.58
C ALA E 71 -17.93 29.35 36.25
N GLN E 72 -17.63 28.27 35.54
CA GLN E 72 -16.76 27.21 36.07
C GLN E 72 -15.26 27.47 35.83
N GLY E 73 -14.96 28.58 35.15
CA GLY E 73 -13.59 28.96 34.85
C GLY E 73 -12.96 28.12 33.76
N LEU E 74 -11.63 28.07 33.76
CA LEU E 74 -10.87 27.24 32.82
C LEU E 74 -10.01 26.26 33.60
N PRO E 75 -9.72 25.08 33.02
CA PRO E 75 -8.77 24.12 33.62
C PRO E 75 -7.42 24.73 34.00
N MET E 76 -7.00 25.77 33.28
CA MET E 76 -5.76 26.51 33.55
C MET E 76 -5.71 27.10 34.94
N ASP E 77 -6.87 27.51 35.45
CA ASP E 77 -7.00 28.22 36.74
C ASP E 77 -6.27 27.54 37.90
N SER E 78 -6.19 26.21 37.87
CA SER E 78 -5.49 25.46 38.91
C SER E 78 -3.98 25.78 38.96
N ILE E 79 -3.45 26.38 37.88
CA ILE E 79 -2.04 26.78 37.80
C ILE E 79 -1.87 28.26 37.44
N TYR E 80 -2.48 28.67 36.32
CA TYR E 80 -2.23 30.01 35.76
C TYR E 80 -3.37 31.00 35.98
N ALA E 81 -4.01 30.92 37.14
CA ALA E 81 -5.13 31.81 37.48
C ALA E 81 -4.69 33.27 37.55
N VAL E 82 -3.54 33.51 38.19
CA VAL E 82 -2.99 34.86 38.38
C VAL E 82 -2.63 35.52 37.07
N GLU E 83 -2.20 34.71 36.11
CA GLU E 83 -1.74 35.20 34.82
C GLU E 83 -2.90 35.55 33.89
N LEU E 84 -4.08 35.02 34.20
CA LEU E 84 -5.29 35.29 33.42
C LEU E 84 -6.17 36.33 34.11
N ALA E 85 -5.82 36.66 35.36
CA ALA E 85 -6.59 37.60 36.19
C ALA E 85 -6.71 38.99 35.55
N ALA E 86 -5.60 39.50 35.01
CA ALA E 86 -5.55 40.83 34.39
C ALA E 86 -6.57 41.00 33.25
N TRP E 87 -6.66 40.01 32.36
CA TRP E 87 -7.55 40.06 31.20
C TRP E 87 -9.02 39.98 31.60
N ARG E 88 -9.30 39.17 32.63
CA ARG E 88 -10.66 39.00 33.11
C ARG E 88 -11.19 40.28 33.79
N GLY E 89 -10.28 41.05 34.38
CA GLY E 89 -10.60 42.35 34.95
C GLY E 89 -10.82 43.42 33.89
N GLU E 90 -10.17 43.23 32.73
CA GLU E 90 -10.35 44.11 31.58
C GLU E 90 -11.70 43.86 30.91
N GLY E 91 -12.20 42.62 31.07
CA GLY E 91 -13.45 42.22 30.46
C GLY E 91 -13.20 41.61 29.09
N LYS E 92 -12.31 40.62 29.05
CA LYS E 92 -11.92 39.98 27.80
C LYS E 92 -12.47 38.55 27.71
N LYS E 93 -12.89 38.15 26.52
CA LYS E 93 -13.41 36.81 26.31
C LYS E 93 -12.27 35.82 26.15
N LEU E 94 -12.19 34.87 27.06
CA LEU E 94 -11.11 33.89 27.05
C LEU E 94 -11.63 32.50 26.72
N ALA E 95 -10.78 31.69 26.12
CA ALA E 95 -11.10 30.30 25.87
C ALA E 95 -9.84 29.46 25.88
N GLU E 96 -9.92 28.29 26.51
CA GLU E 96 -8.79 27.37 26.52
C GLU E 96 -9.01 26.22 25.55
N VAL E 97 -8.03 26.01 24.67
CA VAL E 97 -8.03 24.82 23.85
C VAL E 97 -7.36 23.72 24.65
N VAL E 98 -7.92 22.52 24.56
CA VAL E 98 -7.65 21.49 25.54
C VAL E 98 -7.99 20.10 24.96
N GLN E 99 -7.38 19.05 25.51
CA GLN E 99 -7.67 17.64 25.16
C GLN E 99 -7.36 17.30 23.70
N PHE E 100 -6.34 17.94 23.15
CA PHE E 100 -5.87 17.66 21.80
C PHE E 100 -5.12 16.34 21.77
N ALA E 101 -5.57 15.42 20.92
CA ALA E 101 -4.99 14.08 20.83
C ALA E 101 -5.20 13.43 19.47
N MET E 102 -4.16 12.79 18.95
CA MET E 102 -4.23 12.05 17.69
C MET E 102 -3.74 10.62 17.91
N ASP E 103 -4.40 9.67 17.24
CA ASP E 103 -3.97 8.28 17.27
C ASP E 103 -3.37 7.89 15.93
N HIS E 104 -2.08 7.55 15.96
CA HIS E 104 -1.33 7.22 14.74
C HIS E 104 -1.68 5.86 14.11
N THR E 105 -2.24 4.94 14.91
CA THR E 105 -2.53 3.58 14.45
C THR E 105 -3.73 3.47 13.48
N LEU E 106 -4.55 4.53 13.43
CA LEU E 106 -5.68 4.59 12.49
C LEU E 106 -5.56 5.80 11.54
N SER E 116 3.71 14.31 12.57
CA SER E 116 3.68 15.74 12.28
C SER E 116 2.37 16.36 12.74
N PRO E 117 2.44 17.35 13.63
CA PRO E 117 1.23 18.03 14.15
C PRO E 117 0.47 18.84 13.08
N PHE E 118 1.05 18.96 11.87
CA PHE E 118 0.36 19.57 10.70
C PHE E 118 -0.71 18.64 10.10
N GLU E 119 -0.71 17.38 10.53
CA GLU E 119 -1.76 16.42 10.13
C GLU E 119 -3.07 16.73 10.87
N ALA E 120 -2.99 17.68 11.81
CA ALA E 120 -4.15 18.14 12.56
C ALA E 120 -4.57 19.55 12.12
N ALA E 121 -4.17 19.95 10.92
CA ALA E 121 -4.46 21.29 10.38
C ALA E 121 -5.96 21.57 10.38
N SER E 122 -6.73 20.61 9.85
CA SER E 122 -8.20 20.67 9.83
C SER E 122 -8.76 21.05 11.20
N LEU E 123 -8.27 20.36 12.23
CA LEU E 123 -8.73 20.57 13.61
C LEU E 123 -8.45 21.97 14.12
N PHE E 124 -7.26 22.49 13.80
CA PHE E 124 -6.87 23.85 14.20
C PHE E 124 -7.76 24.90 13.52
N THR E 125 -8.11 24.65 12.26
CA THR E 125 -8.99 25.56 11.51
C THR E 125 -10.37 25.63 12.14
N MET E 126 -10.90 24.49 12.57
CA MET E 126 -12.18 24.42 13.29
C MET E 126 -12.14 25.35 14.50
N VAL E 127 -11.08 25.23 15.29
CA VAL E 127 -10.87 26.00 16.50
C VAL E 127 -10.69 27.50 16.19
N LEU E 128 -10.00 27.82 15.11
CA LEU E 128 -9.76 29.22 14.74
C LEU E 128 -11.03 29.90 14.26
N THR E 129 -11.83 29.21 13.43
CA THR E 129 -13.11 29.78 12.94
C THR E 129 -14.08 29.97 14.08
N TYR E 130 -14.08 29.03 15.02
CA TYR E 130 -14.90 29.12 16.22
C TYR E 130 -14.56 30.36 17.03
N ALA E 131 -13.26 30.62 17.21
CA ALA E 131 -12.80 31.76 17.97
C ALA E 131 -13.07 33.11 17.29
N LEU E 132 -13.19 33.09 15.98
CA LEU E 132 -13.47 34.29 15.22
C LEU E 132 -14.96 34.60 15.20
N GLU E 133 -15.79 33.55 15.21
CA GLU E 133 -17.24 33.68 15.17
C GLU E 133 -17.84 33.97 16.55
N THR E 134 -17.24 33.38 17.58
CA THR E 134 -17.65 33.59 18.97
C THR E 134 -17.01 34.88 19.56
N HIS E 135 -16.25 35.60 18.73
CA HIS E 135 -15.60 36.88 19.09
C HIS E 135 -14.65 36.78 20.28
N ILE E 136 -14.03 35.61 20.45
CA ILE E 136 -13.07 35.38 21.53
C ILE E 136 -11.85 36.28 21.36
N ASP E 137 -11.43 36.91 22.47
CA ASP E 137 -10.24 37.75 22.45
C ASP E 137 -8.95 36.93 22.47
N TYR E 138 -8.79 36.08 23.49
CA TYR E 138 -7.56 35.34 23.68
C TYR E 138 -7.76 33.83 23.72
N LEU E 139 -7.14 33.13 22.77
CA LEU E 139 -7.14 31.67 22.76
C LEU E 139 -6.01 31.19 23.65
N CYS E 140 -6.37 30.55 24.76
CA CYS E 140 -5.39 30.14 25.76
C CYS E 140 -4.93 28.70 25.62
N ILE E 141 -3.73 28.42 26.11
CA ILE E 141 -3.09 27.12 25.91
C ILE E 141 -2.15 26.77 27.04
N SER E 142 -2.27 25.55 27.56
CA SER E 142 -1.25 24.99 28.44
C SER E 142 -0.73 23.70 27.84
N ILE E 143 0.58 23.70 27.54
CA ILE E 143 1.20 22.64 26.74
C ILE E 143 2.46 22.09 27.37
N ASN E 144 2.87 20.90 26.94
CA ASN E 144 4.17 20.33 27.27
C ASN E 144 5.28 21.13 26.58
N PRO E 145 6.38 21.41 27.29
CA PRO E 145 7.55 22.10 26.72
C PRO E 145 8.07 21.53 25.40
N LYS E 146 7.76 20.28 25.09
CA LYS E 146 8.23 19.65 23.85
C LYS E 146 7.58 20.24 22.60
N HIS E 147 6.35 20.73 22.75
CA HIS E 147 5.62 21.35 21.65
C HIS E 147 5.71 22.87 21.70
N ASP E 148 6.53 23.39 22.60
CA ASP E 148 6.62 24.84 22.81
C ASP E 148 7.11 25.63 21.58
N THR E 149 8.14 25.13 20.89
CA THR E 149 8.65 25.81 19.69
C THR E 149 7.64 25.80 18.55
N PHE E 150 6.81 24.76 18.49
CA PHE E 150 5.78 24.64 17.48
C PHE E 150 4.72 25.71 17.64
N TYR E 151 4.27 25.92 18.87
CA TYR E 151 3.21 26.90 19.14
C TYR E 151 3.69 28.36 19.09
N SER E 152 5.02 28.56 19.18
CA SER E 152 5.63 29.88 19.00
C SER E 152 5.50 30.33 17.56
N LEU E 153 5.73 29.39 16.63
CA LEU E 153 5.59 29.66 15.20
C LEU E 153 4.14 29.92 14.81
N LEU E 154 3.22 29.25 15.51
CA LEU E 154 1.78 29.45 15.28
C LEU E 154 1.29 30.80 15.80
N GLY E 155 2.08 31.43 16.67
CA GLY E 155 1.82 32.79 17.10
C GLY E 155 1.36 32.95 18.54
N PHE E 156 1.57 31.91 19.34
CA PHE E 156 1.18 31.94 20.75
C PHE E 156 2.30 32.53 21.63
N THR E 157 2.02 33.67 22.25
CA THR E 157 2.98 34.32 23.12
C THR E 157 2.92 33.65 24.51
N GLN E 158 4.08 33.53 25.17
CA GLN E 158 4.13 32.94 26.51
C GLN E 158 3.57 33.90 27.55
N ILE E 159 2.63 33.41 28.34
CA ILE E 159 1.96 34.24 29.35
C ILE E 159 2.16 33.68 30.75
N GLY E 160 2.58 32.43 30.84
CA GLY E 160 2.84 31.78 32.12
C GLY E 160 4.11 30.94 32.08
N ALA E 161 4.83 30.94 33.20
CA ALA E 161 6.12 30.24 33.29
C ALA E 161 5.97 28.72 33.28
N LEU E 162 7.11 28.03 33.17
CA LEU E 162 7.13 26.58 33.26
C LEU E 162 6.77 26.15 34.68
N LYS E 163 5.62 25.50 34.80
CA LYS E 163 5.15 25.01 36.10
C LYS E 163 4.81 23.53 36.01
N HIS E 164 4.49 22.92 37.14
CA HIS E 164 4.08 21.54 37.17
C HIS E 164 2.57 21.43 37.17
N TYR E 165 2.02 20.88 36.09
CA TYR E 165 0.58 20.68 35.99
C TYR E 165 0.16 19.42 36.77
N GLY E 166 -0.44 19.62 37.95
CA GLY E 166 -0.82 18.54 38.84
C GLY E 166 -1.91 17.63 38.30
N THR E 167 -2.78 18.20 37.45
CA THR E 167 -3.87 17.46 36.80
C THR E 167 -3.34 16.35 35.88
N VAL E 168 -2.25 16.64 35.20
CA VAL E 168 -1.71 15.76 34.16
C VAL E 168 -0.38 15.10 34.62
N ASN E 169 0.11 15.54 35.78
CA ASN E 169 1.41 15.10 36.34
C ASN E 169 2.59 15.18 35.36
N ALA E 170 2.77 16.37 34.78
CA ALA E 170 3.79 16.64 33.78
C ALA E 170 4.01 18.16 33.68
N PRO E 171 5.15 18.60 33.15
CA PRO E 171 5.44 20.04 33.01
C PRO E 171 4.47 20.75 32.07
N ALA E 172 4.17 22.00 32.38
CA ALA E 172 3.26 22.80 31.56
C ALA E 172 3.81 24.20 31.30
N ILE E 173 3.46 24.75 30.14
CA ILE E 173 3.76 26.13 29.79
C ILE E 173 2.47 26.82 29.31
N ALA E 174 2.27 28.07 29.72
CA ALA E 174 1.08 28.82 29.31
C ALA E 174 1.35 29.74 28.13
N ARG E 175 0.50 29.64 27.11
CA ARG E 175 0.61 30.50 25.93
C ARG E 175 -0.76 31.00 25.50
N ALA E 176 -0.81 32.19 24.92
CA ALA E 176 -2.05 32.78 24.45
C ALA E 176 -1.88 33.53 23.14
N LEU E 177 -2.91 33.47 22.31
CA LEU E 177 -2.92 34.18 21.04
C LEU E 177 -4.08 35.18 21.01
N TYR E 178 -3.80 36.42 20.66
CA TYR E 178 -4.83 37.44 20.49
C TYR E 178 -5.50 37.25 19.12
N VAL E 179 -6.65 36.56 19.12
CA VAL E 179 -7.35 36.14 17.89
C VAL E 179 -7.65 37.26 16.84
N PRO E 180 -8.18 38.42 17.27
CA PRO E 180 -8.51 39.52 16.34
C PRO E 180 -7.40 39.88 15.34
N GLU E 181 -6.14 39.76 15.74
CA GLU E 181 -5.03 39.93 14.80
C GLU E 181 -4.04 38.77 14.85
N TRP E 182 -4.54 37.57 14.57
CA TRP E 182 -3.71 36.36 14.53
C TRP E 182 -2.71 36.36 13.38
N ARG E 183 -3.05 37.05 12.29
CA ARG E 183 -2.20 37.08 11.09
C ARG E 183 -0.97 37.98 11.24
N SER E 184 -1.00 38.91 12.20
CA SER E 184 0.17 39.72 12.47
C SER E 184 1.08 39.05 13.47
N GLN E 185 0.61 37.95 14.04
CA GLN E 185 1.28 37.30 15.16
C GLN E 185 2.01 36.01 14.81
N THR E 186 1.76 35.50 13.59
CA THR E 186 2.38 34.26 13.14
C THR E 186 3.29 34.48 11.93
N LEU E 187 4.39 33.75 11.89
CA LEU E 187 5.35 33.83 10.79
C LEU E 187 4.78 33.26 9.49
N LEU E 188 3.80 32.36 9.62
CA LEU E 188 3.21 31.68 8.47
C LEU E 188 2.31 32.57 7.63
N ALA E 189 1.94 33.73 8.18
CA ALA E 189 1.09 34.67 7.45
C ALA E 189 1.86 35.50 6.41
N GLN E 190 3.19 35.45 6.46
CA GLN E 190 4.04 36.14 5.50
C GLN E 190 3.94 35.54 4.09
N PHE E 191 3.46 34.29 4.02
CA PHE E 191 3.31 33.58 2.77
C PHE E 191 1.89 33.69 2.19
N MET E 192 0.95 34.16 3.03
CA MET E 192 -0.49 34.13 2.75
C MET E 192 -0.97 34.97 1.57
N ASP E 193 -0.46 36.21 1.45
CA ASP E 193 -0.95 37.11 0.40
C ASP E 193 0.19 37.80 -0.33
N THR F 4 -20.73 24.67 13.75
CA THR F 4 -19.78 25.28 12.77
C THR F 4 -19.41 24.29 11.64
N PRO F 5 -19.24 24.82 10.41
CA PRO F 5 -18.97 24.03 9.19
C PRO F 5 -18.17 22.73 9.29
N ARG F 6 -18.73 21.65 8.73
CA ARG F 6 -18.03 20.37 8.60
C ARG F 6 -17.00 20.47 7.48
N LYS F 7 -15.72 20.34 7.84
CA LYS F 7 -14.61 20.54 6.90
C LYS F 7 -14.09 19.21 6.31
N VAL F 8 -14.10 19.10 4.98
CA VAL F 8 -13.73 17.85 4.29
C VAL F 8 -12.55 18.01 3.34
N ALA F 9 -11.63 17.04 3.37
CA ALA F 9 -10.51 16.96 2.44
C ALA F 9 -10.60 15.62 1.72
N ARG F 10 -10.91 15.65 0.43
CA ARG F 10 -11.34 14.46 -0.29
C ARG F 10 -10.79 14.38 -1.72
N ILE F 11 -10.73 13.16 -2.27
CA ILE F 11 -10.43 12.93 -3.69
C ILE F 11 -11.68 13.25 -4.52
N LEU F 12 -11.52 14.09 -5.54
CA LEU F 12 -12.63 14.46 -6.41
C LEU F 12 -12.82 13.41 -7.51
N VAL F 13 -13.93 12.68 -7.44
CA VAL F 13 -14.19 11.57 -8.39
C VAL F 13 -15.23 11.90 -9.48
N ALA F 14 -16.27 12.65 -9.11
CA ALA F 14 -17.31 13.05 -10.04
C ALA F 14 -16.80 14.14 -10.99
N PRO F 15 -17.24 14.12 -12.26
CA PRO F 15 -16.77 15.09 -13.26
C PRO F 15 -17.19 16.54 -12.96
N ASN F 16 -18.33 16.71 -12.30
CA ASN F 16 -18.81 18.05 -11.93
C ASN F 16 -17.96 18.70 -10.82
N GLU F 17 -17.42 17.87 -9.92
CA GLU F 17 -16.56 18.34 -8.83
C GLU F 17 -15.24 18.82 -9.40
N ARG F 18 -14.77 18.13 -10.44
CA ARG F 18 -13.51 18.48 -11.09
C ARG F 18 -13.62 19.80 -11.84
N ASP F 19 -14.81 20.06 -12.40
CA ASP F 19 -15.08 21.30 -13.13
C ASP F 19 -15.04 22.52 -12.21
N ALA F 20 -15.52 22.33 -10.98
CA ALA F 20 -15.48 23.39 -9.97
C ALA F 20 -14.04 23.67 -9.54
N ALA F 21 -13.24 22.63 -9.43
CA ALA F 21 -11.84 22.77 -9.11
C ALA F 21 -11.11 23.50 -10.24
N ARG F 22 -11.42 23.14 -11.47
CA ARG F 22 -10.83 23.77 -12.64
C ARG F 22 -11.21 25.24 -12.72
N ARG F 23 -12.45 25.55 -12.32
CA ARG F 23 -12.92 26.93 -12.19
C ARG F 23 -12.09 27.71 -11.15
N ILE F 24 -11.84 27.08 -10.00
CA ILE F 24 -11.08 27.71 -8.92
C ILE F 24 -9.64 28.02 -9.38
N VAL F 25 -9.07 27.09 -10.13
CA VAL F 25 -7.72 27.24 -10.66
C VAL F 25 -7.68 28.37 -11.68
N ARG F 26 -8.71 28.44 -12.52
CA ARG F 26 -8.77 29.46 -13.56
C ARG F 26 -8.93 30.87 -12.94
N THR F 27 -9.69 30.94 -11.85
CA THR F 27 -9.94 32.20 -11.13
C THR F 27 -8.64 32.75 -10.55
N THR F 28 -7.90 31.87 -9.90
CA THR F 28 -6.62 32.20 -9.29
C THR F 28 -5.60 32.65 -10.36
N TYR F 29 -5.64 31.98 -11.52
CA TYR F 29 -4.64 32.21 -12.58
C TYR F 29 -4.90 33.48 -13.33
N GLU F 30 -6.17 33.75 -13.61
CA GLU F 30 -6.57 34.97 -14.30
C GLU F 30 -6.24 36.20 -13.45
N ALA F 31 -6.33 36.04 -12.13
CA ALA F 31 -6.02 37.09 -11.17
C ALA F 31 -4.55 37.49 -11.19
N GLN F 32 -3.68 36.52 -11.39
CA GLN F 32 -2.24 36.74 -11.37
C GLN F 32 -1.67 36.97 -12.77
N GLY F 33 -2.54 37.05 -13.77
CA GLY F 33 -2.12 37.24 -15.15
C GLY F 33 -1.59 35.99 -15.86
N TYR F 34 -1.73 34.82 -15.23
CA TYR F 34 -1.29 33.55 -15.85
C TYR F 34 -2.24 33.13 -16.99
N ALA F 35 -1.66 32.54 -18.03
CA ALA F 35 -2.43 32.02 -19.15
C ALA F 35 -3.02 30.65 -18.80
N ILE F 36 -4.26 30.44 -19.21
CA ILE F 36 -4.93 29.15 -19.01
C ILE F 36 -4.99 28.42 -20.33
N ASP F 37 -4.41 27.23 -20.37
CA ASP F 37 -4.53 26.41 -21.58
C ASP F 37 -5.03 24.99 -21.28
N GLU F 38 -5.62 24.37 -22.30
CA GLU F 38 -6.29 23.08 -22.16
C GLU F 38 -5.38 21.93 -21.70
N SER F 39 -4.09 22.03 -21.99
CA SER F 39 -3.11 20.96 -21.73
C SER F 39 -3.18 20.38 -20.30
N PHE F 40 -3.45 21.25 -19.33
CA PHE F 40 -3.56 20.82 -17.95
C PHE F 40 -4.75 19.91 -17.75
N ALA F 41 -5.89 20.30 -18.31
CA ALA F 41 -7.11 19.51 -18.21
C ALA F 41 -6.95 18.13 -18.88
N THR F 42 -6.16 18.06 -19.96
CA THR F 42 -5.90 16.81 -20.68
C THR F 42 -5.17 15.79 -19.81
N PHE F 43 -4.24 16.27 -19.00
CA PHE F 43 -3.54 15.43 -18.04
C PHE F 43 -4.49 14.96 -16.96
N LEU F 44 -5.35 15.87 -16.51
CA LEU F 44 -6.23 15.63 -15.35
C LEU F 44 -7.34 14.60 -15.60
N GLU F 45 -7.69 14.39 -16.86
CA GLU F 45 -8.69 13.38 -17.21
C GLU F 45 -8.03 12.03 -17.31
N GLY F 46 -6.72 12.04 -17.60
CA GLY F 46 -5.93 10.84 -17.82
C GLY F 46 -5.81 9.93 -16.61
N PRO F 47 -5.41 8.67 -16.85
CA PRO F 47 -5.37 7.64 -15.80
C PRO F 47 -4.38 7.91 -14.68
N SER F 48 -3.32 8.65 -14.96
CA SER F 48 -2.25 8.89 -13.99
C SER F 48 -2.51 10.07 -13.04
N ALA F 49 -3.65 10.74 -13.22
CA ALA F 49 -3.94 11.95 -12.45
C ALA F 49 -4.89 11.72 -11.28
N THR F 50 -4.66 12.48 -10.22
CA THR F 50 -5.49 12.43 -9.01
C THR F 50 -5.67 13.85 -8.52
N THR F 51 -6.94 14.25 -8.35
CA THR F 51 -7.28 15.60 -7.92
C THR F 51 -7.91 15.59 -6.52
N PHE F 52 -7.46 16.50 -5.67
CA PHE F 52 -7.97 16.62 -4.32
C PHE F 52 -8.71 17.94 -4.14
N GLY F 53 -9.60 18.00 -3.16
CA GLY F 53 -10.37 19.20 -2.90
C GLY F 53 -10.70 19.45 -1.44
N LEU F 54 -10.79 20.73 -1.09
CA LEU F 54 -11.14 21.16 0.25
C LEU F 54 -12.57 21.67 0.26
N PHE F 55 -13.37 21.10 1.15
CA PHE F 55 -14.77 21.45 1.26
C PHE F 55 -15.07 22.08 2.62
N ASN F 56 -15.87 23.16 2.61
CA ASN F 56 -16.29 23.81 3.85
C ASN F 56 -17.65 23.33 4.32
N GLY F 57 -18.51 23.00 3.37
CA GLY F 57 -19.70 22.27 3.67
C GLY F 57 -19.78 21.28 2.55
N GLU F 58 -20.67 21.59 1.59
CA GLU F 58 -20.63 20.94 0.30
C GLU F 58 -19.95 21.87 -0.69
N VAL F 59 -19.47 23.01 -0.17
CA VAL F 59 -18.85 24.04 -1.00
C VAL F 59 -17.35 23.80 -1.17
N LEU F 60 -16.92 23.62 -2.41
CA LEU F 60 -15.51 23.48 -2.74
C LEU F 60 -14.87 24.86 -2.83
N TYR F 61 -13.75 25.03 -2.10
CA TYR F 61 -13.04 26.31 -2.07
C TYR F 61 -11.56 26.22 -2.43
N GLY F 62 -10.98 25.03 -2.29
CA GLY F 62 -9.56 24.84 -2.57
C GLY F 62 -9.32 23.51 -3.27
N THR F 63 -8.23 23.42 -4.03
CA THR F 63 -7.91 22.20 -4.78
C THR F 63 -6.41 22.02 -5.05
N ILE F 64 -6.00 20.76 -5.21
CA ILE F 64 -4.64 20.41 -5.64
C ILE F 64 -4.61 19.05 -6.37
N SER F 65 -3.87 18.98 -7.48
CA SER F 65 -3.76 17.73 -8.26
C SER F 65 -2.34 17.25 -8.36
N ILE F 66 -2.15 15.93 -8.45
CA ILE F 66 -0.84 15.38 -8.78
C ILE F 66 -0.92 14.44 -9.97
N ILE F 67 0.14 14.44 -10.76
CA ILE F 67 0.19 13.67 -11.97
C ILE F 67 1.35 12.69 -11.87
N ASN F 68 1.02 11.40 -11.96
CA ASN F 68 2.02 10.36 -11.94
C ASN F 68 2.73 10.28 -13.29
N ASP F 69 4.04 10.02 -13.24
CA ASP F 69 4.87 9.86 -14.44
C ASP F 69 4.45 8.63 -15.26
N GLY F 70 3.45 8.81 -16.13
CA GLY F 70 2.92 7.71 -16.91
C GLY F 70 3.25 7.83 -18.38
N ALA F 71 2.27 7.49 -19.22
CA ALA F 71 2.43 7.53 -20.68
C ALA F 71 2.58 8.95 -21.21
N GLN F 72 1.83 9.89 -20.63
CA GLN F 72 1.80 11.26 -21.10
C GLN F 72 2.95 12.10 -20.57
N GLY F 73 3.76 11.51 -19.69
CA GLY F 73 4.82 12.23 -19.02
C GLY F 73 4.28 13.20 -17.99
N LEU F 74 4.99 14.30 -17.79
CA LEU F 74 4.55 15.35 -16.88
C LEU F 74 4.40 16.67 -17.64
N PRO F 75 3.55 17.59 -17.17
CA PRO F 75 3.47 18.94 -17.75
C PRO F 75 4.81 19.67 -17.75
N MET F 76 5.71 19.30 -16.84
CA MET F 76 7.06 19.86 -16.74
C MET F 76 7.92 19.60 -17.98
N ASP F 77 7.70 18.46 -18.64
CA ASP F 77 8.49 18.01 -19.80
C ASP F 77 8.72 19.06 -20.85
N SER F 78 7.70 19.89 -21.11
CA SER F 78 7.80 20.93 -22.12
C SER F 78 8.98 21.87 -21.92
N ILE F 79 9.54 21.87 -20.69
CA ILE F 79 10.61 22.77 -20.33
C ILE F 79 11.73 22.10 -19.53
N TYR F 80 11.36 21.20 -18.63
CA TYR F 80 12.33 20.56 -17.75
C TYR F 80 12.56 19.08 -18.06
N ALA F 81 12.59 18.75 -19.34
CA ALA F 81 12.79 17.37 -19.78
C ALA F 81 14.18 16.79 -19.41
N VAL F 82 15.25 17.51 -19.77
CA VAL F 82 16.62 17.03 -19.49
C VAL F 82 16.95 17.05 -17.99
N GLU F 83 16.32 17.96 -17.26
CA GLU F 83 16.49 18.08 -15.82
C GLU F 83 15.85 16.90 -15.05
N LEU F 84 15.08 16.07 -15.76
CA LEU F 84 14.45 14.89 -15.17
C LEU F 84 14.95 13.58 -15.82
N ALA F 85 15.78 13.72 -16.85
CA ALA F 85 16.23 12.58 -17.66
C ALA F 85 17.02 11.53 -16.86
N ALA F 86 17.83 12.00 -15.91
CA ALA F 86 18.64 11.13 -15.07
C ALA F 86 17.78 10.22 -14.19
N TRP F 87 16.76 10.80 -13.57
CA TRP F 87 15.86 10.07 -12.67
C TRP F 87 15.05 9.02 -13.40
N ARG F 88 14.69 9.33 -14.64
CA ARG F 88 13.96 8.39 -15.48
C ARG F 88 14.91 7.30 -15.99
N GLY F 89 16.20 7.59 -15.98
CA GLY F 89 17.22 6.61 -16.27
C GLY F 89 17.33 5.58 -15.16
N GLU F 90 17.36 6.04 -13.92
CA GLU F 90 17.42 5.16 -12.75
C GLU F 90 16.10 4.42 -12.54
N GLY F 91 15.01 5.01 -13.05
CA GLY F 91 13.70 4.43 -12.90
C GLY F 91 13.03 4.84 -11.62
N LYS F 92 13.39 6.02 -11.12
CA LYS F 92 12.78 6.59 -9.92
C LYS F 92 11.35 6.99 -10.24
N LYS F 93 10.42 6.65 -9.35
CA LYS F 93 9.02 7.00 -9.54
C LYS F 93 8.81 8.49 -9.33
N LEU F 94 8.44 9.18 -10.40
CA LEU F 94 8.25 10.62 -10.36
C LEU F 94 6.77 11.03 -10.37
N ALA F 95 6.48 12.16 -9.75
CA ALA F 95 5.14 12.72 -9.76
C ALA F 95 5.23 14.23 -9.69
N GLU F 96 4.40 14.91 -10.45
CA GLU F 96 4.39 16.36 -10.39
C GLU F 96 3.09 16.85 -9.77
N VAL F 97 3.22 17.73 -8.76
CA VAL F 97 2.08 18.36 -8.13
C VAL F 97 1.72 19.61 -8.90
N VAL F 98 0.49 19.68 -9.39
CA VAL F 98 0.03 20.80 -10.21
C VAL F 98 -1.32 21.38 -9.74
N GLN F 99 -1.73 22.49 -10.36
CA GLN F 99 -3.07 23.06 -10.19
C GLN F 99 -3.47 23.26 -8.74
N PHE F 100 -2.57 23.87 -7.98
CA PHE F 100 -2.80 24.20 -6.61
C PHE F 100 -3.42 25.60 -6.54
N ALA F 101 -4.69 25.67 -6.13
CA ALA F 101 -5.40 26.94 -6.02
C ALA F 101 -6.43 26.95 -4.91
N MET F 102 -6.73 28.15 -4.40
CA MET F 102 -7.75 28.33 -3.38
C MET F 102 -8.54 29.60 -3.69
N ASP F 103 -9.85 29.57 -3.45
CA ASP F 103 -10.69 30.76 -3.60
C ASP F 103 -11.02 31.36 -2.23
N HIS F 104 -10.40 32.51 -1.95
CA HIS F 104 -10.52 33.16 -0.65
C HIS F 104 -11.86 33.82 -0.42
N THR F 105 -12.50 34.28 -1.48
CA THR F 105 -13.82 34.91 -1.33
C THR F 105 -14.93 33.86 -1.18
N LEU F 106 -14.70 32.67 -1.74
CA LEU F 106 -15.61 31.54 -1.61
C LEU F 106 -15.52 30.93 -0.22
N TYR F 107 -14.30 30.86 0.31
CA TYR F 107 -14.08 30.40 1.67
C TYR F 107 -14.71 31.35 2.67
N GLU F 108 -14.53 32.65 2.44
CA GLU F 108 -15.07 33.69 3.32
C GLU F 108 -16.62 33.73 3.35
N ALA F 109 -17.24 33.22 2.28
CA ALA F 109 -18.69 33.19 2.19
C ALA F 109 -19.32 32.17 3.14
N VAL F 110 -18.71 30.99 3.26
CA VAL F 110 -19.26 29.93 4.10
C VAL F 110 -18.65 29.84 5.50
N ALA F 111 -17.42 30.33 5.65
CA ALA F 111 -16.72 30.24 6.94
C ALA F 111 -16.61 31.57 7.70
N GLY F 112 -17.04 32.67 7.08
CA GLY F 112 -17.12 33.97 7.74
C GLY F 112 -15.80 34.67 8.05
N ALA F 113 -14.70 34.19 7.46
CA ALA F 113 -13.35 34.73 7.72
C ALA F 113 -12.33 34.27 6.65
N LYS F 114 -11.19 34.96 6.59
CA LYS F 114 -10.14 34.66 5.61
C LYS F 114 -9.39 33.33 5.90
N PRO F 115 -9.04 32.56 4.85
CA PRO F 115 -8.35 31.26 5.03
C PRO F 115 -7.08 31.35 5.85
N SER F 116 -6.86 30.37 6.72
CA SER F 116 -5.62 30.24 7.46
C SER F 116 -4.61 29.51 6.59
N PRO F 117 -3.32 29.66 6.89
CA PRO F 117 -2.28 28.81 6.28
C PRO F 117 -2.57 27.30 6.45
N PHE F 118 -3.39 26.95 7.43
CA PHE F 118 -3.76 25.56 7.70
C PHE F 118 -4.53 24.90 6.57
N GLU F 119 -5.26 25.69 5.79
CA GLU F 119 -5.94 25.19 4.62
C GLU F 119 -4.97 24.58 3.66
N ALA F 120 -3.90 25.31 3.37
CA ALA F 120 -2.82 24.80 2.52
C ALA F 120 -2.21 23.55 3.13
N ALA F 121 -2.09 23.54 4.45
CA ALA F 121 -1.47 22.43 5.17
C ALA F 121 -2.24 21.12 5.02
N SER F 122 -3.57 21.19 4.97
CA SER F 122 -4.38 19.97 4.84
C SER F 122 -4.39 19.41 3.41
N LEU F 123 -4.28 20.29 2.42
CA LEU F 123 -4.08 19.85 1.03
C LEU F 123 -2.72 19.16 0.88
N PHE F 124 -1.69 19.76 1.49
CA PHE F 124 -0.30 19.27 1.43
C PHE F 124 -0.20 17.90 2.05
N THR F 125 -0.76 17.75 3.25
CA THR F 125 -0.85 16.48 3.98
C THR F 125 -1.45 15.37 3.13
N MET F 126 -2.51 15.71 2.41
CA MET F 126 -3.17 14.79 1.49
C MET F 126 -2.24 14.34 0.35
N VAL F 127 -1.46 15.27 -0.19
CA VAL F 127 -0.50 14.95 -1.24
C VAL F 127 0.60 14.06 -0.70
N LEU F 128 1.08 14.38 0.51
CA LEU F 128 2.18 13.65 1.14
C LEU F 128 1.80 12.21 1.51
N THR F 129 0.56 12.01 1.96
CA THR F 129 0.08 10.66 2.30
C THR F 129 -0.01 9.82 1.05
N TYR F 130 -0.59 10.39 -0.01
CA TYR F 130 -0.70 9.73 -1.30
C TYR F 130 0.68 9.30 -1.82
N ALA F 131 1.65 10.21 -1.72
CA ALA F 131 2.99 9.99 -2.25
C ALA F 131 3.74 8.85 -1.55
N LEU F 132 3.56 8.73 -0.25
CA LEU F 132 4.21 7.67 0.53
C LEU F 132 3.61 6.30 0.22
N GLU F 133 2.31 6.28 -0.05
CA GLU F 133 1.59 5.03 -0.31
C GLU F 133 1.70 4.57 -1.75
N THR F 134 1.91 5.52 -2.66
CA THR F 134 2.15 5.21 -4.08
C THR F 134 3.65 4.96 -4.30
N HIS F 135 4.42 5.03 -3.21
CA HIS F 135 5.88 4.84 -3.23
C HIS F 135 6.59 5.76 -4.22
N ILE F 136 6.14 7.00 -4.28
CA ILE F 136 6.73 8.01 -5.13
C ILE F 136 8.08 8.39 -4.54
N ASP F 137 9.10 8.39 -5.38
CA ASP F 137 10.43 8.78 -4.96
C ASP F 137 10.58 10.29 -4.90
N TYR F 138 10.20 10.97 -5.98
CA TYR F 138 10.32 12.43 -6.06
C TYR F 138 9.04 13.14 -6.44
N LEU F 139 8.73 14.18 -5.68
CA LEU F 139 7.59 15.04 -5.91
C LEU F 139 8.09 16.32 -6.54
N CYS F 140 7.88 16.46 -7.84
CA CYS F 140 8.37 17.63 -8.57
C CYS F 140 7.37 18.76 -8.64
N ILE F 141 7.88 19.95 -8.95
CA ILE F 141 7.13 21.18 -8.75
C ILE F 141 7.63 22.23 -9.70
N SER F 142 6.69 22.97 -10.29
CA SER F 142 6.99 24.13 -11.10
C SER F 142 6.30 25.30 -10.49
N ILE F 143 7.06 26.22 -9.90
CA ILE F 143 6.46 27.34 -9.20
C ILE F 143 6.86 28.67 -9.78
N ASN F 144 6.09 29.70 -9.45
CA ASN F 144 6.48 31.05 -9.76
C ASN F 144 7.58 31.47 -8.78
N PRO F 145 8.64 32.10 -9.28
CA PRO F 145 9.76 32.55 -8.45
C PRO F 145 9.36 33.42 -7.26
N LYS F 146 8.11 33.86 -7.21
CA LYS F 146 7.66 34.59 -6.04
C LYS F 146 7.41 33.67 -4.85
N HIS F 147 7.14 32.40 -5.12
CA HIS F 147 6.94 31.43 -4.04
C HIS F 147 8.21 30.60 -3.81
N ASP F 148 9.28 30.98 -4.49
CA ASP F 148 10.53 30.22 -4.44
C ASP F 148 11.09 30.09 -3.02
N THR F 149 11.05 31.18 -2.29
CA THR F 149 11.61 31.19 -0.96
C THR F 149 10.78 30.30 0.02
N PHE F 150 9.44 30.25 -0.19
CA PHE F 150 8.57 29.43 0.64
C PHE F 150 8.83 27.95 0.48
N TYR F 151 8.83 27.50 -0.77
CA TYR F 151 8.98 26.07 -1.09
C TYR F 151 10.36 25.49 -0.76
N SER F 152 11.37 26.35 -0.72
CA SER F 152 12.69 25.91 -0.33
C SER F 152 12.78 25.74 1.18
N LEU F 153 11.94 26.46 1.92
CA LEU F 153 11.84 26.27 3.36
C LEU F 153 11.08 25.00 3.67
N LEU F 154 10.12 24.67 2.80
CA LEU F 154 9.37 23.42 2.89
C LEU F 154 10.25 22.20 2.63
N GLY F 155 11.37 22.42 1.93
CA GLY F 155 12.36 21.37 1.74
C GLY F 155 12.56 20.91 0.31
N PHE F 156 12.09 21.71 -0.63
CA PHE F 156 12.25 21.41 -2.05
C PHE F 156 13.58 21.96 -2.55
N THR F 157 14.38 21.07 -3.11
CA THR F 157 15.66 21.41 -3.72
C THR F 157 15.41 21.89 -5.15
N GLN F 158 16.12 22.92 -5.58
CA GLN F 158 16.00 23.37 -6.97
C GLN F 158 16.66 22.40 -7.92
N ILE F 159 15.90 21.94 -8.91
CA ILE F 159 16.38 20.94 -9.87
C ILE F 159 16.36 21.45 -11.32
N GLY F 160 15.74 22.60 -11.54
CA GLY F 160 15.73 23.24 -12.84
C GLY F 160 15.91 24.73 -12.72
N ALA F 161 16.49 25.36 -13.73
CA ALA F 161 16.72 26.81 -13.72
C ALA F 161 15.45 27.61 -13.94
N LEU F 162 15.50 28.90 -13.66
CA LEU F 162 14.40 29.79 -13.93
C LEU F 162 14.20 29.86 -15.44
N LYS F 163 13.02 29.43 -15.89
CA LYS F 163 12.71 29.39 -17.33
C LYS F 163 11.34 29.98 -17.58
N HIS F 164 11.05 30.32 -18.83
CA HIS F 164 9.74 30.82 -19.21
C HIS F 164 8.80 29.69 -19.53
N TYR F 165 7.85 29.44 -18.64
CA TYR F 165 6.86 28.38 -18.81
C TYR F 165 5.79 28.82 -19.78
N GLY F 166 5.89 28.38 -21.03
CA GLY F 166 4.98 28.80 -22.08
C GLY F 166 3.53 28.41 -21.88
N THR F 167 3.31 27.36 -21.10
CA THR F 167 1.98 26.90 -20.74
C THR F 167 1.17 28.01 -20.03
N VAL F 168 1.79 28.65 -19.06
CA VAL F 168 1.15 29.71 -18.27
C VAL F 168 1.66 31.12 -18.62
N ASN F 169 2.57 31.21 -19.59
CA ASN F 169 3.18 32.50 -19.98
C ASN F 169 3.73 33.28 -18.78
N ALA F 170 4.48 32.58 -17.93
CA ALA F 170 5.01 33.14 -16.69
C ALA F 170 6.34 32.44 -16.35
N PRO F 171 7.21 33.11 -15.57
CA PRO F 171 8.46 32.49 -15.13
C PRO F 171 8.23 31.27 -14.22
N ALA F 172 9.04 30.24 -14.39
CA ALA F 172 8.95 29.04 -13.54
C ALA F 172 10.30 28.67 -12.94
N ILE F 173 10.27 27.98 -11.81
CA ILE F 173 11.46 27.33 -11.26
C ILE F 173 11.06 25.90 -10.93
N ALA F 174 11.91 24.94 -11.29
CA ALA F 174 11.64 23.55 -10.98
C ALA F 174 12.27 23.18 -9.67
N ARG F 175 11.47 22.61 -8.76
CA ARG F 175 12.01 22.06 -7.51
C ARG F 175 11.44 20.68 -7.24
N ALA F 176 12.10 19.92 -6.39
CA ALA F 176 11.69 18.55 -6.10
C ALA F 176 11.96 18.15 -4.65
N LEU F 177 11.16 17.21 -4.15
CA LEU F 177 11.33 16.71 -2.79
C LEU F 177 11.40 15.18 -2.73
N TYR F 178 12.48 14.66 -2.13
CA TYR F 178 12.64 13.22 -1.96
C TYR F 178 11.70 12.77 -0.87
N VAL F 179 10.60 12.15 -1.30
CA VAL F 179 9.49 11.79 -0.40
C VAL F 179 9.85 10.87 0.82
N PRO F 180 10.60 9.77 0.62
CA PRO F 180 11.03 8.92 1.74
C PRO F 180 11.67 9.69 2.92
N GLU F 181 12.66 10.54 2.65
CA GLU F 181 13.30 11.34 3.71
C GLU F 181 12.79 12.80 3.71
N TRP F 182 11.48 12.97 3.67
CA TRP F 182 10.87 14.29 3.56
C TRP F 182 11.07 15.17 4.80
N ARG F 183 11.20 14.54 5.97
CA ARG F 183 11.31 15.29 7.23
C ARG F 183 12.73 15.72 7.53
N SER F 184 13.70 14.98 7.00
CA SER F 184 15.12 15.36 7.13
C SER F 184 15.54 16.24 5.93
N GLN F 185 14.67 17.15 5.55
CA GLN F 185 14.91 18.03 4.42
C GLN F 185 14.22 19.37 4.63
N THR F 186 13.40 19.44 5.67
CA THR F 186 12.61 20.64 5.98
C THR F 186 13.10 21.31 7.27
N LEU F 187 12.92 22.62 7.36
CA LEU F 187 13.40 23.38 8.54
C LEU F 187 12.40 23.39 9.70
N LYS G 7 -32.38 20.96 56.13
CA LYS G 7 -31.00 20.61 56.58
C LYS G 7 -30.70 19.13 56.38
N VAL G 8 -29.61 18.84 55.66
CA VAL G 8 -29.22 17.45 55.38
C VAL G 8 -27.77 17.16 55.66
N ALA G 9 -27.53 16.13 56.46
CA ALA G 9 -26.20 15.57 56.64
C ALA G 9 -26.07 14.34 55.75
N ARG G 10 -25.12 14.36 54.83
CA ARG G 10 -25.04 13.35 53.77
C ARG G 10 -23.62 12.82 53.59
N ILE G 11 -23.39 12.13 52.47
CA ILE G 11 -22.08 11.53 52.18
C ILE G 11 -21.36 12.26 51.02
N ALA G 14 -20.63 12.31 44.52
CA ALA G 14 -20.23 13.14 43.39
C ALA G 14 -18.88 13.81 43.67
N PRO G 15 -18.00 13.86 42.66
CA PRO G 15 -16.69 14.51 42.78
C PRO G 15 -16.79 16.02 43.02
N ASN G 16 -17.76 16.67 42.37
CA ASN G 16 -17.97 18.12 42.48
C ASN G 16 -18.46 18.58 43.85
N GLU G 17 -19.16 17.68 44.56
CA GLU G 17 -19.59 17.92 45.93
C GLU G 17 -18.42 17.73 46.88
N ARG G 18 -17.53 16.81 46.54
CA ARG G 18 -16.31 16.59 47.30
C ARG G 18 -15.31 17.72 47.04
N ASP G 19 -15.43 18.35 45.88
CA ASP G 19 -14.64 19.53 45.52
C ASP G 19 -15.04 20.71 46.38
N ALA G 20 -16.36 20.84 46.61
CA ALA G 20 -16.89 21.89 47.47
C ALA G 20 -16.53 21.65 48.94
N ALA G 21 -16.38 20.38 49.31
CA ALA G 21 -15.94 20.00 50.65
C ALA G 21 -14.51 20.45 50.90
N ARG G 22 -13.65 20.22 49.90
CA ARG G 22 -12.25 20.63 49.96
C ARG G 22 -12.08 22.15 49.86
N ARG G 23 -13.06 22.81 49.24
CA ARG G 23 -13.07 24.28 49.12
C ARG G 23 -13.30 24.94 50.48
N ILE G 24 -14.17 24.34 51.29
CA ILE G 24 -14.42 24.81 52.65
C ILE G 24 -13.20 24.56 53.55
N VAL G 25 -12.58 23.39 53.38
CA VAL G 25 -11.35 23.03 54.09
C VAL G 25 -10.22 24.04 53.76
N ARG G 26 -10.04 24.31 52.46
CA ARG G 26 -9.04 25.26 51.95
C ARG G 26 -9.18 26.66 52.56
N THR G 27 -10.40 27.22 52.50
CA THR G 27 -10.69 28.58 52.95
C THR G 27 -10.59 28.74 54.47
N THR G 28 -11.01 27.71 55.20
CA THR G 28 -10.92 27.69 56.67
C THR G 28 -9.46 27.63 57.13
N TYR G 29 -8.68 26.77 56.48
CA TYR G 29 -7.27 26.57 56.84
C TYR G 29 -6.39 27.75 56.39
N GLU G 30 -6.81 28.43 55.32
CA GLU G 30 -6.09 29.63 54.85
C GLU G 30 -6.37 30.84 55.73
N ALA G 31 -7.55 30.86 56.36
CA ALA G 31 -7.95 31.96 57.26
C ALA G 31 -7.30 31.84 58.64
N GLN G 32 -6.89 30.62 58.99
CA GLN G 32 -6.22 30.38 60.27
C GLN G 32 -4.70 30.26 60.10
N GLY G 33 -4.25 30.11 58.86
CA GLY G 33 -2.83 30.07 58.54
C GLY G 33 -2.23 28.68 58.38
N TYR G 34 -3.08 27.67 58.22
CA TYR G 34 -2.62 26.30 58.01
C TYR G 34 -2.29 26.04 56.54
N ALA G 35 -1.24 25.25 56.31
CA ALA G 35 -0.86 24.83 54.97
C ALA G 35 -1.71 23.65 54.50
N ILE G 36 -1.97 23.61 53.19
CA ILE G 36 -2.78 22.55 52.61
C ILE G 36 -1.97 21.77 51.57
N ASP G 37 -1.78 20.49 51.81
CA ASP G 37 -1.16 19.63 50.78
C ASP G 37 -2.07 18.49 50.33
N GLU G 38 -1.75 17.94 49.15
CA GLU G 38 -2.64 16.99 48.48
C GLU G 38 -2.64 15.58 49.07
N SER G 39 -1.77 15.34 50.07
CA SER G 39 -1.68 14.03 50.74
C SER G 39 -3.01 13.65 51.42
N PHE G 40 -3.75 14.66 51.87
CA PHE G 40 -5.09 14.47 52.44
C PHE G 40 -6.05 13.99 51.37
N ALA G 41 -5.99 14.62 50.19
CA ALA G 41 -6.88 14.30 49.08
C ALA G 41 -6.64 12.91 48.48
N THR G 42 -5.39 12.43 48.58
CA THR G 42 -5.03 11.08 48.12
C THR G 42 -5.72 10.04 48.98
N PHE G 43 -5.75 10.30 50.29
CA PHE G 43 -6.40 9.43 51.25
C PHE G 43 -7.90 9.35 51.02
N LEU G 44 -8.52 10.51 50.75
CA LEU G 44 -9.97 10.62 50.59
C LEU G 44 -10.51 9.94 49.32
N GLU G 45 -9.70 9.90 48.27
CA GLU G 45 -10.05 9.23 47.01
C GLU G 45 -9.94 7.70 47.11
N GLY G 46 -9.25 7.23 48.15
CA GLY G 46 -9.01 5.80 48.36
C GLY G 46 -10.23 5.01 48.83
N PRO G 47 -10.05 3.69 49.00
CA PRO G 47 -11.15 2.79 49.38
C PRO G 47 -11.58 2.90 50.84
N SER G 48 -10.66 3.28 51.73
CA SER G 48 -10.93 3.26 53.16
C SER G 48 -11.57 4.54 53.72
N ALA G 49 -11.70 5.57 52.89
CA ALA G 49 -12.19 6.87 53.36
C ALA G 49 -13.64 7.18 52.97
N THR G 50 -14.32 7.90 53.87
CA THR G 50 -15.69 8.35 53.65
C THR G 50 -15.79 9.82 54.07
N THR G 51 -16.46 10.62 53.25
CA THR G 51 -16.65 12.03 53.55
C THR G 51 -18.12 12.35 53.85
N PHE G 52 -18.34 13.31 54.75
CA PHE G 52 -19.67 13.77 55.10
C PHE G 52 -19.77 15.28 54.93
N GLY G 53 -20.98 15.77 54.69
CA GLY G 53 -21.22 17.19 54.52
C GLY G 53 -22.58 17.66 55.00
N LEU G 54 -22.69 18.96 55.29
CA LEU G 54 -23.96 19.58 55.71
C LEU G 54 -24.47 20.52 54.64
N PHE G 55 -25.76 20.42 54.33
CA PHE G 55 -26.35 21.27 53.30
C PHE G 55 -27.51 22.10 53.87
N ASN G 56 -27.50 23.40 53.55
CA ASN G 56 -28.59 24.30 53.89
C ASN G 56 -29.82 23.93 53.07
N GLY G 57 -29.77 24.20 51.77
CA GLY G 57 -30.73 23.65 50.83
C GLY G 57 -29.97 22.64 50.01
N GLU G 58 -29.12 23.15 49.12
CA GLU G 58 -28.17 22.35 48.38
C GLU G 58 -26.78 22.96 48.55
N VAL G 59 -26.71 23.95 49.44
CA VAL G 59 -25.47 24.71 49.67
C VAL G 59 -24.62 24.06 50.77
N LEU G 60 -23.47 23.52 50.35
CA LEU G 60 -22.55 22.88 51.28
C LEU G 60 -21.77 23.94 52.07
N TYR G 61 -21.88 23.89 53.40
CA TYR G 61 -21.18 24.85 54.26
C TYR G 61 -20.21 24.19 55.26
N GLY G 62 -20.50 22.94 55.64
CA GLY G 62 -19.67 22.22 56.59
C GLY G 62 -19.30 20.82 56.12
N THR G 63 -18.12 20.35 56.53
CA THR G 63 -17.66 19.01 56.13
C THR G 63 -16.77 18.30 57.15
N ILE G 64 -16.85 16.97 57.16
CA ILE G 64 -16.01 16.12 58.01
C ILE G 64 -15.79 14.78 57.30
N SER G 65 -14.59 14.21 57.49
CA SER G 65 -14.23 12.96 56.82
C SER G 65 -13.61 11.97 57.77
N ILE G 66 -13.78 10.68 57.47
CA ILE G 66 -13.14 9.63 58.27
C ILE G 66 -12.35 8.65 57.38
N ILE G 67 -11.20 8.18 57.88
CA ILE G 67 -10.38 7.22 57.15
C ILE G 67 -10.12 5.97 57.98
N ASN G 68 -10.49 4.81 57.44
CA ASN G 68 -10.24 3.54 58.09
C ASN G 68 -8.78 3.14 57.99
N ASP G 69 -8.28 2.43 59.01
CA ASP G 69 -6.89 1.96 59.02
C ASP G 69 -6.70 0.77 58.07
N GLY G 70 -6.29 1.07 56.84
CA GLY G 70 -6.16 0.06 55.81
C GLY G 70 -4.74 -0.14 55.35
N ALA G 71 -4.57 -0.22 54.03
CA ALA G 71 -3.28 -0.49 53.42
C ALA G 71 -2.39 0.76 53.39
N GLN G 72 -3.02 1.93 53.37
CA GLN G 72 -2.28 3.19 53.27
C GLN G 72 -2.08 3.86 54.63
N GLY G 73 -2.60 3.22 55.68
CA GLY G 73 -2.46 3.72 57.04
C GLY G 73 -3.28 4.97 57.31
N LEU G 74 -2.78 5.81 58.20
CA LEU G 74 -3.47 7.04 58.60
C LEU G 74 -2.58 8.25 58.37
N PRO G 75 -3.19 9.43 58.15
CA PRO G 75 -2.46 10.71 58.15
C PRO G 75 -1.66 10.96 59.43
N MET G 76 -2.01 10.26 60.51
CA MET G 76 -1.33 10.37 61.79
C MET G 76 0.04 9.69 61.79
N ASP G 77 0.22 8.72 60.90
CA ASP G 77 1.45 7.92 60.83
C ASP G 77 2.70 8.75 60.54
N SER G 78 2.50 9.95 59.98
CA SER G 78 3.61 10.85 59.69
C SER G 78 4.20 11.49 60.95
N ILE G 79 3.49 11.39 62.07
CA ILE G 79 3.97 11.93 63.34
C ILE G 79 3.72 10.98 64.54
N TYR G 80 2.53 10.38 64.60
CA TYR G 80 2.14 9.53 65.73
C TYR G 80 2.13 8.03 65.37
N ALA G 81 3.19 7.57 64.71
CA ALA G 81 3.28 6.18 64.26
C ALA G 81 3.49 5.21 65.42
N VAL G 82 4.39 5.56 66.32
CA VAL G 82 4.71 4.69 67.46
C VAL G 82 3.63 4.74 68.55
N GLU G 83 2.88 5.83 68.59
CA GLU G 83 1.80 5.99 69.54
C GLU G 83 0.57 5.15 69.16
N LEU G 84 0.47 4.81 67.88
CA LEU G 84 -0.61 3.95 67.39
C LEU G 84 -0.17 2.50 67.24
N ALA G 85 1.15 2.27 67.28
CA ALA G 85 1.74 0.96 67.05
C ALA G 85 1.38 -0.11 68.10
N ALA G 86 1.10 0.34 69.33
CA ALA G 86 0.73 -0.55 70.42
C ALA G 86 -0.67 -1.16 70.22
N TRP G 87 -1.57 -0.37 69.64
CA TRP G 87 -2.93 -0.82 69.36
C TRP G 87 -2.97 -1.77 68.17
N ARG G 88 -2.18 -1.45 67.15
CA ARG G 88 -2.13 -2.25 65.92
C ARG G 88 -1.52 -3.63 66.15
N GLY G 89 -0.66 -3.73 67.16
CA GLY G 89 -0.03 -4.98 67.53
C GLY G 89 -1.01 -6.02 68.08
N GLU G 90 -2.05 -5.54 68.76
CA GLU G 90 -3.11 -6.42 69.27
C GLU G 90 -4.06 -6.81 68.16
N GLY G 91 -4.17 -5.95 67.14
CA GLY G 91 -5.12 -6.15 66.07
C GLY G 91 -6.42 -5.47 66.42
N LYS G 92 -6.38 -4.14 66.52
CA LYS G 92 -7.54 -3.35 66.87
C LYS G 92 -7.96 -2.46 65.70
N LYS G 93 -9.26 -2.29 65.52
CA LYS G 93 -9.77 -1.48 64.42
C LYS G 93 -9.67 0.01 64.74
N LEU G 94 -8.89 0.72 63.94
CA LEU G 94 -8.70 2.16 64.13
C LEU G 94 -9.25 2.97 62.97
N ALA G 95 -9.48 4.25 63.23
CA ALA G 95 -9.95 5.19 62.24
C ALA G 95 -9.55 6.59 62.66
N GLU G 96 -9.41 7.49 61.69
CA GLU G 96 -9.05 8.87 61.97
C GLU G 96 -10.10 9.81 61.41
N VAL G 97 -10.68 10.64 62.28
CA VAL G 97 -11.57 11.69 61.83
C VAL G 97 -10.74 12.91 61.44
N VAL G 98 -11.04 13.45 60.26
CA VAL G 98 -10.11 14.32 59.55
C VAL G 98 -10.87 15.33 58.65
N GLN G 99 -10.25 16.49 58.41
CA GLN G 99 -10.79 17.58 57.55
C GLN G 99 -12.15 18.11 58.05
N PHE G 100 -12.15 18.58 59.30
CA PHE G 100 -13.33 19.20 59.88
C PHE G 100 -13.28 20.70 59.69
N ALA G 101 -14.22 21.21 58.90
CA ALA G 101 -14.27 22.63 58.58
C ALA G 101 -15.70 23.12 58.35
N MET G 102 -15.96 24.36 58.77
CA MET G 102 -17.25 25.00 58.57
C MET G 102 -17.07 26.38 57.93
N ASP G 103 -18.11 26.88 57.28
CA ASP G 103 -18.08 28.21 56.67
C ASP G 103 -19.20 29.09 57.21
N GLU G 108 -24.34 31.89 56.15
CA GLU G 108 -24.76 33.22 56.55
C GLU G 108 -25.66 33.85 55.50
N ALA G 109 -25.27 33.74 54.23
CA ALA G 109 -26.03 34.30 53.12
C ALA G 109 -27.30 33.48 52.83
N VAL G 110 -27.24 32.19 53.14
CA VAL G 110 -28.36 31.27 52.89
C VAL G 110 -29.42 31.27 53.99
N ALA G 111 -29.00 31.47 55.24
CA ALA G 111 -29.91 31.51 56.38
C ALA G 111 -29.44 32.55 57.42
N GLY G 112 -29.89 33.79 57.25
CA GLY G 112 -29.47 34.90 58.10
C GLY G 112 -29.89 34.77 59.56
N LYS G 114 -26.07 33.18 61.26
CA LYS G 114 -24.85 32.67 61.89
C LYS G 114 -25.04 31.24 62.43
N PRO G 115 -24.11 30.34 62.08
CA PRO G 115 -24.15 28.93 62.54
C PRO G 115 -24.24 28.75 64.06
N SER G 116 -24.87 27.64 64.47
CA SER G 116 -24.96 27.25 65.87
C SER G 116 -23.96 26.11 66.14
N PRO G 117 -23.63 25.85 67.42
CA PRO G 117 -22.84 24.67 67.79
C PRO G 117 -23.51 23.34 67.40
N PHE G 118 -24.82 23.37 67.17
CA PHE G 118 -25.55 22.17 66.78
C PHE G 118 -25.22 21.70 65.37
N GLU G 119 -24.74 22.61 64.54
CA GLU G 119 -24.33 22.27 63.18
C GLU G 119 -23.20 21.27 63.21
N ALA G 120 -22.21 21.53 64.07
CA ALA G 120 -21.09 20.63 64.31
C ALA G 120 -21.58 19.27 64.81
N ALA G 121 -22.55 19.29 65.73
CA ALA G 121 -23.08 18.08 66.35
C ALA G 121 -23.74 17.09 65.38
N SER G 122 -24.35 17.62 64.31
CA SER G 122 -24.99 16.78 63.29
C SER G 122 -23.94 15.93 62.57
N LEU G 123 -22.76 16.51 62.37
CA LEU G 123 -21.65 15.81 61.72
C LEU G 123 -21.05 14.75 62.65
N PHE G 124 -20.86 15.11 63.92
CA PHE G 124 -20.24 14.22 64.91
C PHE G 124 -21.08 12.97 65.11
N THR G 125 -22.41 13.13 65.00
CA THR G 125 -23.37 12.04 65.06
C THR G 125 -23.10 11.03 63.96
N MET G 126 -23.02 11.53 62.71
CA MET G 126 -22.75 10.70 61.54
C MET G 126 -21.50 9.85 61.75
N VAL G 127 -20.44 10.50 62.25
CA VAL G 127 -19.16 9.84 62.50
C VAL G 127 -19.31 8.72 63.52
N LEU G 128 -19.96 9.05 64.65
CA LEU G 128 -20.14 8.10 65.75
C LEU G 128 -21.05 6.92 65.38
N THR G 129 -22.11 7.20 64.61
CA THR G 129 -23.03 6.15 64.15
C THR G 129 -22.35 5.21 63.16
N TYR G 130 -21.44 5.78 62.35
CA TYR G 130 -20.62 4.98 61.45
C TYR G 130 -19.65 4.12 62.23
N ALA G 131 -18.99 4.74 63.22
CA ALA G 131 -17.96 4.08 64.03
C ALA G 131 -18.51 2.90 64.82
N LEU G 132 -19.77 3.01 65.26
CA LEU G 132 -20.44 1.95 66.00
C LEU G 132 -20.82 0.77 65.09
N GLU G 133 -21.23 1.09 63.87
CA GLU G 133 -21.66 0.07 62.90
C GLU G 133 -20.47 -0.67 62.28
N THR G 134 -19.37 0.07 62.05
CA THR G 134 -18.15 -0.51 61.47
C THR G 134 -17.35 -1.30 62.53
N HIS G 135 -17.80 -1.21 63.79
CA HIS G 135 -17.13 -1.83 64.95
C HIS G 135 -15.72 -1.28 65.16
N ILE G 136 -15.59 0.04 65.05
CA ILE G 136 -14.32 0.72 65.28
C ILE G 136 -14.02 0.77 66.78
N ASP G 137 -12.80 0.39 67.15
CA ASP G 137 -12.39 0.41 68.54
C ASP G 137 -12.02 1.81 68.99
N TYR G 138 -11.11 2.44 68.25
CA TYR G 138 -10.66 3.78 68.61
C TYR G 138 -10.80 4.79 67.47
N LEU G 139 -11.43 5.92 67.78
CA LEU G 139 -11.52 7.03 66.86
C LEU G 139 -10.41 8.03 67.17
N CYS G 140 -9.39 8.03 66.31
CA CYS G 140 -8.21 8.86 66.52
C CYS G 140 -8.38 10.27 65.96
N ILE G 141 -7.73 11.23 66.62
CA ILE G 141 -7.97 12.65 66.38
C ILE G 141 -6.66 13.44 66.42
N SER G 142 -6.48 14.33 65.45
CA SER G 142 -5.37 15.28 65.48
C SER G 142 -5.96 16.67 65.39
N ILE G 143 -5.64 17.52 66.37
CA ILE G 143 -6.28 18.83 66.50
C ILE G 143 -5.33 19.94 66.90
N ASN G 144 -5.68 21.19 66.57
CA ASN G 144 -4.97 22.35 67.08
C ASN G 144 -5.23 22.48 68.58
N PRO G 145 -4.17 22.67 69.36
CA PRO G 145 -4.28 22.82 70.83
C PRO G 145 -5.22 23.94 71.34
N LYS G 146 -5.75 24.76 70.44
CA LYS G 146 -6.79 25.74 70.78
C LYS G 146 -8.16 25.04 70.94
N HIS G 147 -8.28 23.89 70.27
CA HIS G 147 -9.46 23.05 70.35
C HIS G 147 -9.29 21.97 71.44
N ASP G 148 -8.09 21.89 72.03
CA ASP G 148 -7.74 20.83 72.99
C ASP G 148 -8.67 20.75 74.20
N THR G 149 -9.03 21.90 74.76
CA THR G 149 -9.92 21.94 75.92
C THR G 149 -11.36 21.48 75.60
N PHE G 150 -11.75 21.53 74.32
CA PHE G 150 -13.08 21.12 73.88
C PHE G 150 -13.17 19.61 73.75
N TYR G 151 -12.22 19.01 73.04
CA TYR G 151 -12.27 17.59 72.72
C TYR G 151 -11.98 16.71 73.94
N SER G 152 -11.31 17.29 74.95
CA SER G 152 -11.09 16.58 76.21
C SER G 152 -12.38 16.51 77.03
N LEU G 153 -13.29 17.46 76.81
CA LEU G 153 -14.61 17.40 77.40
C LEU G 153 -15.49 16.40 76.66
N LEU G 154 -15.23 16.23 75.37
CA LEU G 154 -15.99 15.30 74.53
C LEU G 154 -15.71 13.84 74.89
N GLY G 155 -14.56 13.59 75.51
CA GLY G 155 -14.21 12.26 75.98
C GLY G 155 -12.96 11.69 75.36
N PHE G 156 -12.22 12.54 74.67
CA PHE G 156 -11.01 12.13 73.96
C PHE G 156 -9.78 12.19 74.85
N THR G 157 -9.29 11.02 75.26
CA THR G 157 -8.06 10.89 76.04
C THR G 157 -6.86 11.16 75.13
N GLN G 158 -5.89 11.91 75.65
CA GLN G 158 -4.65 12.20 74.94
C GLN G 158 -3.80 10.94 74.79
N ILE G 159 -3.45 10.62 73.55
CA ILE G 159 -2.65 9.43 73.24
C ILE G 159 -1.32 9.78 72.58
N GLY G 160 -1.08 11.08 72.41
CA GLY G 160 0.14 11.57 71.80
C GLY G 160 0.42 12.99 72.21
N ALA G 161 1.69 13.28 72.50
CA ALA G 161 2.11 14.61 72.95
C ALA G 161 2.02 15.65 71.85
N LEU G 162 2.18 16.92 72.22
CA LEU G 162 2.12 18.00 71.25
C LEU G 162 3.30 17.93 70.29
N LYS G 163 3.00 17.82 69.01
CA LYS G 163 4.03 17.77 67.98
C LYS G 163 3.65 18.65 66.81
N HIS G 164 4.66 19.20 66.14
CA HIS G 164 4.44 20.07 64.99
C HIS G 164 4.07 19.26 63.74
N TYR G 165 2.79 19.28 63.38
CA TYR G 165 2.28 18.65 62.16
C TYR G 165 2.80 19.43 60.99
N GLY G 166 3.55 18.76 60.10
CA GLY G 166 4.12 19.43 58.95
C GLY G 166 3.26 19.31 57.70
N THR G 167 2.29 18.39 57.76
CA THR G 167 1.27 18.24 56.73
C THR G 167 0.38 19.50 56.68
N VAL G 168 0.25 20.15 57.83
CA VAL G 168 -0.61 21.32 57.96
C VAL G 168 0.15 22.59 58.41
N ASN G 169 1.44 22.43 58.75
CA ASN G 169 2.32 23.51 59.26
C ASN G 169 1.80 24.22 60.52
N ALA G 170 1.35 23.42 61.49
CA ALA G 170 0.80 23.93 62.75
C ALA G 170 0.96 22.88 63.86
N PRO G 171 0.89 23.30 65.14
CA PRO G 171 0.94 22.36 66.27
C PRO G 171 -0.20 21.34 66.21
N ALA G 172 0.04 20.13 66.71
CA ALA G 172 -1.00 19.08 66.74
C ALA G 172 -0.95 18.21 67.99
N ILE G 173 -2.13 17.89 68.53
CA ILE G 173 -2.27 17.00 69.67
C ILE G 173 -3.08 15.77 69.27
N ALA G 174 -2.55 14.58 69.60
CA ALA G 174 -3.23 13.34 69.30
C ALA G 174 -4.16 12.92 70.44
N ARG G 175 -5.40 12.61 70.08
CA ARG G 175 -6.42 12.17 71.04
C ARG G 175 -7.20 10.99 70.45
N ALA G 176 -7.79 10.16 71.31
CA ALA G 176 -8.57 9.00 70.86
C ALA G 176 -9.79 8.75 71.73
N LEU G 177 -10.79 8.08 71.16
CA LEU G 177 -12.00 7.74 71.89
C LEU G 177 -12.37 6.28 71.71
N TYR G 178 -12.53 5.57 72.82
CA TYR G 178 -13.01 4.20 72.78
C TYR G 178 -14.49 4.17 72.48
N VAL G 179 -14.81 3.88 71.23
CA VAL G 179 -16.19 3.90 70.72
C VAL G 179 -17.20 2.98 71.48
N PRO G 180 -16.85 1.70 71.76
CA PRO G 180 -17.76 0.80 72.49
C PRO G 180 -18.30 1.35 73.82
N GLU G 181 -17.48 2.11 74.55
CA GLU G 181 -17.92 2.75 75.80
C GLU G 181 -17.73 4.25 75.73
N TRP G 182 -18.29 4.86 74.69
CA TRP G 182 -18.15 6.30 74.42
C TRP G 182 -18.93 7.15 75.42
N ARG G 183 -19.93 6.55 76.05
CA ARG G 183 -20.82 7.25 76.98
C ARG G 183 -20.17 7.42 78.36
N SER G 184 -19.44 6.39 78.81
CA SER G 184 -18.79 6.42 80.12
C SER G 184 -17.47 7.20 80.10
N GLN G 185 -17.19 7.85 78.97
CA GLN G 185 -15.95 8.60 78.80
C GLN G 185 -16.19 10.11 78.70
N THR G 186 -17.45 10.50 78.64
CA THR G 186 -17.81 11.91 78.42
C THR G 186 -18.50 12.57 79.61
N LEU G 187 -18.37 13.91 79.69
CA LEU G 187 -19.00 14.69 80.75
C LEU G 187 -20.38 15.19 80.32
N ARG H 6 -27.20 9.43 56.39
CA ARG H 6 -28.27 10.15 55.65
C ARG H 6 -29.39 10.61 56.59
N LYS H 7 -29.22 11.81 57.14
CA LYS H 7 -30.23 12.39 58.05
C LYS H 7 -30.87 13.64 57.45
N VAL H 8 -32.20 13.64 57.40
CA VAL H 8 -32.95 14.76 56.85
C VAL H 8 -33.80 15.45 57.92
N ALA H 9 -33.68 16.77 58.01
CA ALA H 9 -34.52 17.58 58.89
C ALA H 9 -35.24 18.66 58.09
N ARG H 10 -36.56 18.58 58.04
CA ARG H 10 -37.34 19.53 57.24
C ARG H 10 -38.68 19.83 57.89
N ILE H 11 -39.43 20.73 57.25
CA ILE H 11 -40.76 21.10 57.72
C ILE H 11 -41.77 20.01 57.32
N LEU H 12 -42.65 19.67 58.26
CA LEU H 12 -43.72 18.71 57.98
C LEU H 12 -45.01 19.42 57.62
N ALA H 14 -47.35 17.77 55.27
CA ALA H 14 -48.08 16.58 54.84
C ALA H 14 -48.88 15.99 56.00
N PRO H 15 -50.17 15.70 55.74
CA PRO H 15 -51.08 15.15 56.76
C PRO H 15 -50.63 13.81 57.35
N ASN H 16 -50.11 12.91 56.50
CA ASN H 16 -49.63 11.60 56.96
C ASN H 16 -48.31 11.71 57.74
N GLU H 17 -47.55 12.77 57.47
CA GLU H 17 -46.29 13.04 58.15
C GLU H 17 -46.53 13.54 59.58
N ARG H 18 -47.53 14.39 59.74
CA ARG H 18 -47.90 14.95 61.04
C ARG H 18 -48.52 13.89 61.95
N ASP H 19 -49.22 12.94 61.35
CA ASP H 19 -49.83 11.82 62.09
C ASP H 19 -48.78 10.80 62.51
N ALA H 20 -47.74 10.66 61.69
CA ALA H 20 -46.60 9.80 62.00
C ALA H 20 -45.74 10.41 63.12
N ALA H 21 -45.65 11.74 63.13
CA ALA H 21 -44.94 12.48 64.18
C ALA H 21 -45.72 12.49 65.48
N ARG H 22 -47.05 12.40 65.37
CA ARG H 22 -47.94 12.31 66.52
C ARG H 22 -47.84 10.92 67.17
N ARG H 23 -47.52 9.91 66.36
CA ARG H 23 -47.32 8.56 66.82
C ARG H 23 -46.01 8.43 67.61
N ILE H 24 -44.99 9.20 67.18
CA ILE H 24 -43.69 9.25 67.84
C ILE H 24 -43.81 9.90 69.23
N VAL H 25 -44.62 10.95 69.32
CA VAL H 25 -44.93 11.60 70.59
C VAL H 25 -45.68 10.62 71.49
N ARG H 26 -46.61 9.87 70.91
CA ARG H 26 -47.42 8.90 71.65
C ARG H 26 -46.64 7.69 72.16
N THR H 27 -45.62 7.27 71.41
CA THR H 27 -44.81 6.11 71.79
C THR H 27 -43.84 6.44 72.93
N THR H 28 -43.19 7.60 72.84
CA THR H 28 -42.24 8.06 73.84
C THR H 28 -42.93 8.42 75.16
N TYR H 29 -44.09 9.06 75.07
CA TYR H 29 -44.83 9.51 76.25
C TYR H 29 -45.41 8.33 77.04
N GLU H 30 -45.85 7.29 76.33
CA GLU H 30 -46.42 6.10 76.97
C GLU H 30 -45.37 5.25 77.68
N ALA H 31 -44.14 5.29 77.16
CA ALA H 31 -43.04 4.52 77.73
C ALA H 31 -42.54 5.15 79.03
N GLN H 32 -42.63 6.48 79.12
CA GLN H 32 -42.18 7.21 80.30
C GLN H 32 -43.34 7.48 81.26
N GLY H 33 -44.53 7.01 80.91
CA GLY H 33 -45.69 7.10 81.77
C GLY H 33 -46.38 8.46 81.72
N TYR H 34 -46.14 9.22 80.66
CA TYR H 34 -46.79 10.52 80.48
C TYR H 34 -48.21 10.33 79.96
N ALA H 35 -49.06 11.33 80.17
CA ALA H 35 -50.44 11.29 79.70
C ALA H 35 -50.60 12.11 78.42
N ILE H 36 -51.32 11.55 77.45
CA ILE H 36 -51.52 12.22 76.17
C ILE H 36 -52.89 12.89 76.09
N ASP H 37 -52.89 14.20 75.86
CA ASP H 37 -54.11 14.99 75.77
C ASP H 37 -54.26 15.62 74.39
N GLU H 38 -55.50 15.84 73.98
CA GLU H 38 -55.82 16.37 72.66
C GLU H 38 -55.55 17.87 72.49
N SER H 39 -55.19 18.55 73.59
CA SER H 39 -54.94 20.00 73.55
C SER H 39 -53.66 20.39 72.81
N PHE H 40 -52.72 19.44 72.70
CA PHE H 40 -51.53 19.66 71.88
C PHE H 40 -51.88 19.58 70.41
N ALA H 41 -52.65 18.56 70.04
CA ALA H 41 -53.06 18.32 68.64
C ALA H 41 -53.85 19.48 68.05
N THR H 42 -54.70 20.11 68.87
CA THR H 42 -55.51 21.27 68.47
C THR H 42 -54.64 22.48 68.16
N PHE H 43 -53.55 22.64 68.92
CA PHE H 43 -52.63 23.75 68.74
C PHE H 43 -51.81 23.61 67.46
N LEU H 44 -51.38 22.38 67.17
CA LEU H 44 -50.50 22.10 66.02
C LEU H 44 -51.19 22.20 64.66
N GLU H 45 -52.52 22.13 64.65
CA GLU H 45 -53.31 22.31 63.43
C GLU H 45 -53.75 23.76 63.28
N GLY H 46 -53.47 24.57 64.31
CA GLY H 46 -53.76 25.99 64.29
C GLY H 46 -52.78 26.76 63.42
N PRO H 47 -53.16 28.00 63.06
CA PRO H 47 -52.34 28.83 62.15
C PRO H 47 -51.01 29.31 62.75
N SER H 48 -50.88 29.29 64.07
CA SER H 48 -49.70 29.83 64.76
C SER H 48 -48.58 28.81 65.02
N ALA H 49 -48.80 27.55 64.64
CA ALA H 49 -47.83 26.48 64.89
C ALA H 49 -47.08 26.00 63.63
N THR H 50 -45.95 25.35 63.85
CA THR H 50 -45.13 24.76 62.79
C THR H 50 -44.50 23.46 63.32
N THR H 51 -44.53 22.40 62.49
CA THR H 51 -44.00 21.08 62.89
C THR H 51 -42.79 20.69 62.05
N PHE H 52 -41.71 20.27 62.71
CA PHE H 52 -40.50 19.78 62.04
C PHE H 52 -40.32 18.29 62.30
N GLY H 53 -39.68 17.60 61.34
CA GLY H 53 -39.44 16.17 61.47
C GLY H 53 -38.00 15.75 61.17
N LEU H 54 -37.62 14.57 61.66
CA LEU H 54 -36.29 14.02 61.46
C LEU H 54 -36.36 12.65 60.76
N PHE H 55 -35.55 12.49 59.71
CA PHE H 55 -35.65 11.31 58.84
C PHE H 55 -34.34 10.55 58.75
N ASN H 56 -34.44 9.23 58.84
CA ASN H 56 -33.26 8.36 58.76
C ASN H 56 -33.16 7.67 57.40
N VAL H 59 -37.22 7.35 56.74
CA VAL H 59 -38.27 7.08 57.72
C VAL H 59 -38.24 8.10 58.87
N LEU H 60 -39.41 8.66 59.16
CA LEU H 60 -39.57 9.63 60.25
C LEU H 60 -39.41 8.94 61.60
N TYR H 61 -38.41 9.37 62.36
CA TYR H 61 -38.10 8.76 63.66
C TYR H 61 -38.06 9.77 64.82
N GLY H 62 -38.03 11.05 64.47
CA GLY H 62 -37.98 12.11 65.48
C GLY H 62 -38.79 13.34 65.06
N THR H 63 -39.26 14.09 66.06
CA THR H 63 -40.08 15.28 65.80
C THR H 63 -39.92 16.40 66.85
N ILE H 64 -40.31 17.60 66.46
CA ILE H 64 -40.37 18.78 67.33
C ILE H 64 -41.38 19.76 66.73
N SER H 65 -41.92 20.65 67.55
CA SER H 65 -42.89 21.64 67.07
C SER H 65 -42.75 22.97 67.82
N ILE H 66 -43.18 24.05 67.17
CA ILE H 66 -43.08 25.39 67.76
C ILE H 66 -44.38 26.14 67.56
N ILE H 67 -44.90 26.74 68.63
CA ILE H 67 -46.13 27.52 68.54
C ILE H 67 -45.88 28.98 68.88
N ASN H 68 -46.27 29.86 67.97
CA ASN H 68 -46.22 31.30 68.23
C ASN H 68 -47.41 31.73 69.09
N ASP H 69 -47.24 32.83 69.82
CA ASP H 69 -48.27 33.32 70.74
C ASP H 69 -49.46 33.95 70.00
N GLY H 70 -50.53 33.18 69.84
CA GLY H 70 -51.73 33.64 69.17
C GLY H 70 -52.58 34.56 70.03
N GLN H 72 -54.90 32.23 70.51
CA GLN H 72 -55.10 30.97 71.23
C GLN H 72 -54.11 30.80 72.37
N GLY H 73 -53.07 31.63 72.39
CA GLY H 73 -52.09 31.61 73.47
C GLY H 73 -51.04 30.53 73.32
N LEU H 74 -50.72 29.87 74.43
CA LEU H 74 -49.71 28.80 74.47
C LEU H 74 -50.17 27.66 75.39
N PRO H 75 -49.71 26.42 75.15
CA PRO H 75 -49.96 25.29 76.07
C PRO H 75 -49.45 25.53 77.50
N MET H 76 -48.44 26.39 77.65
CA MET H 76 -47.84 26.76 78.93
C MET H 76 -48.78 27.56 79.83
N ASP H 77 -49.77 28.20 79.22
CA ASP H 77 -50.71 29.10 79.90
C ASP H 77 -51.39 28.45 81.11
N SER H 78 -51.75 27.17 80.98
CA SER H 78 -52.41 26.42 82.05
C SER H 78 -51.65 26.48 83.39
N ILE H 79 -50.33 26.67 83.30
CA ILE H 79 -49.48 26.80 84.49
C ILE H 79 -48.82 28.18 84.57
N TYR H 80 -47.93 28.45 83.62
CA TYR H 80 -47.02 29.60 83.72
C TYR H 80 -47.54 30.90 83.08
N ALA H 81 -48.86 31.13 83.18
CA ALA H 81 -49.49 32.36 82.66
C ALA H 81 -48.95 33.62 83.35
N VAL H 82 -48.87 33.55 84.68
CA VAL H 82 -48.34 34.66 85.50
C VAL H 82 -46.88 34.99 85.18
N GLU H 83 -46.10 33.96 84.88
CA GLU H 83 -44.67 34.12 84.65
C GLU H 83 -44.34 34.64 83.24
N LEU H 84 -45.32 34.63 82.35
CA LEU H 84 -45.18 35.21 81.01
C LEU H 84 -45.89 36.56 80.92
N ALA H 85 -46.72 36.85 81.92
CA ALA H 85 -47.58 38.04 81.93
C ALA H 85 -46.84 39.38 81.81
N ALA H 86 -45.62 39.45 82.38
CA ALA H 86 -44.81 40.66 82.34
C ALA H 86 -44.32 40.96 80.92
N TRP H 87 -43.94 39.90 80.20
CA TRP H 87 -43.36 40.01 78.85
C TRP H 87 -44.36 40.45 77.78
N ARG H 88 -45.60 39.96 77.89
CA ARG H 88 -46.64 40.26 76.91
C ARG H 88 -47.13 41.70 77.06
N GLY H 89 -47.01 42.23 78.28
CA GLY H 89 -47.37 43.61 78.56
C GLY H 89 -46.20 44.54 78.32
N LYS H 93 -43.14 39.49 71.56
CA LYS H 93 -43.35 38.30 70.73
C LYS H 93 -42.80 37.08 71.44
N LEU H 94 -43.66 36.08 71.63
CA LEU H 94 -43.26 34.84 72.31
C LEU H 94 -43.50 33.60 71.43
N ALA H 95 -42.79 32.53 71.76
CA ALA H 95 -43.00 31.22 71.14
C ALA H 95 -42.59 30.10 72.09
N GLU H 96 -43.32 28.99 72.06
CA GLU H 96 -42.99 27.83 72.88
C GLU H 96 -42.67 26.61 72.02
N VAL H 97 -41.46 26.07 72.19
CA VAL H 97 -41.09 24.81 71.55
C VAL H 97 -41.76 23.68 72.31
N VAL H 98 -42.25 22.70 71.56
CA VAL H 98 -43.23 21.76 72.08
C VAL H 98 -43.18 20.40 71.34
N GLN H 99 -43.65 19.34 72.02
CA GLN H 99 -43.81 18.00 71.43
C GLN H 99 -42.52 17.45 70.80
N PHE H 100 -41.47 17.35 71.60
CA PHE H 100 -40.19 16.82 71.15
C PHE H 100 -40.00 15.37 71.57
N ALA H 101 -39.95 14.48 70.60
CA ALA H 101 -39.82 13.05 70.86
C ALA H 101 -39.02 12.36 69.78
N MET H 102 -38.22 11.37 70.19
CA MET H 102 -37.45 10.54 69.27
C MET H 102 -37.72 9.07 69.55
N ASP H 103 -37.52 8.23 68.53
CA ASP H 103 -37.69 6.79 68.69
C ASP H 103 -36.39 6.05 68.42
N HIS H 104 -35.95 5.27 69.39
CA HIS H 104 -34.71 4.51 69.28
C HIS H 104 -34.85 3.27 68.40
N THR H 105 -36.06 2.72 68.34
CA THR H 105 -36.34 1.53 67.52
C THR H 105 -36.47 1.90 66.05
N SER H 116 -30.57 10.42 74.17
CA SER H 116 -29.54 11.39 73.89
C SER H 116 -30.07 12.52 72.99
N PRO H 117 -30.44 13.65 73.62
CA PRO H 117 -30.98 14.83 72.90
C PRO H 117 -30.01 15.53 71.90
N PHE H 118 -28.70 15.27 71.99
CA PHE H 118 -27.75 15.89 71.06
C PHE H 118 -27.67 15.18 69.68
N GLU H 119 -28.36 14.05 69.55
CA GLU H 119 -28.53 13.38 68.25
C GLU H 119 -29.67 14.05 67.47
N ALA H 120 -30.42 14.92 68.15
CA ALA H 120 -31.48 15.73 67.55
C ALA H 120 -31.01 17.18 67.38
N ALA H 121 -29.77 17.34 66.94
CA ALA H 121 -29.15 18.66 66.78
C ALA H 121 -29.72 19.39 65.55
N SER H 122 -29.97 18.63 64.49
CA SER H 122 -30.53 19.17 63.25
C SER H 122 -31.94 19.73 63.46
N LEU H 123 -32.67 19.13 64.39
CA LEU H 123 -34.00 19.60 64.77
C LEU H 123 -33.91 20.90 65.56
N PHE H 124 -32.88 21.01 66.39
CA PHE H 124 -32.67 22.18 67.24
C PHE H 124 -32.26 23.41 66.43
N THR H 125 -31.42 23.21 65.41
CA THR H 125 -31.00 24.28 64.51
C THR H 125 -32.22 24.90 63.80
N MET H 126 -33.09 24.04 63.25
CA MET H 126 -34.32 24.47 62.55
C MET H 126 -35.19 25.35 63.42
N VAL H 127 -35.25 25.03 64.72
CA VAL H 127 -35.97 25.85 65.69
C VAL H 127 -35.31 27.24 65.84
N LEU H 128 -33.98 27.27 65.92
CA LEU H 128 -33.24 28.53 66.08
C LEU H 128 -33.33 29.44 64.84
N THR H 129 -33.11 28.87 63.66
CA THR H 129 -33.19 29.61 62.39
C THR H 129 -34.61 30.14 62.10
N TYR H 130 -35.63 29.43 62.59
CA TYR H 130 -37.01 29.91 62.52
C TYR H 130 -37.19 31.09 63.46
N ALA H 131 -36.61 30.98 64.66
CA ALA H 131 -36.76 31.99 65.72
C ALA H 131 -36.10 33.33 65.37
N LEU H 132 -34.98 33.26 64.65
CA LEU H 132 -34.24 34.46 64.24
C LEU H 132 -34.94 35.19 63.10
N GLU H 133 -35.56 34.42 62.19
CA GLU H 133 -36.20 34.98 61.01
C GLU H 133 -37.63 35.49 61.29
N THR H 134 -38.27 34.90 62.30
CA THR H 134 -39.60 35.35 62.74
C THR H 134 -39.48 36.49 63.76
N HIS H 135 -38.24 36.78 64.18
CA HIS H 135 -37.92 37.80 65.20
C HIS H 135 -38.52 37.48 66.59
N ILE H 136 -38.63 36.19 66.92
CA ILE H 136 -39.12 35.74 68.22
C ILE H 136 -38.17 36.22 69.31
N ASP H 137 -38.70 36.93 70.29
CA ASP H 137 -37.89 37.45 71.38
C ASP H 137 -37.49 36.32 72.35
N TYR H 138 -38.50 35.71 72.98
CA TYR H 138 -38.26 34.64 73.94
C TYR H 138 -38.77 33.30 73.43
N LEU H 139 -37.90 32.30 73.49
CA LEU H 139 -38.23 30.94 73.10
C LEU H 139 -38.45 30.12 74.36
N CYS H 140 -39.71 29.85 74.65
CA CYS H 140 -40.08 29.26 75.93
C CYS H 140 -40.17 27.73 75.89
N ILE H 141 -40.11 27.13 77.08
CA ILE H 141 -39.92 25.69 77.23
C ILE H 141 -40.65 25.19 78.49
N SER H 142 -41.19 23.97 78.41
CA SER H 142 -41.73 23.27 79.58
C SER H 142 -41.26 21.81 79.56
N ILE H 143 -40.31 21.49 80.44
CA ILE H 143 -39.61 20.21 80.36
C ILE H 143 -39.61 19.42 81.66
N ASN H 144 -39.41 18.11 81.52
CA ASN H 144 -39.19 17.24 82.68
C ASN H 144 -37.87 17.61 83.40
N PRO H 145 -37.93 17.76 84.72
CA PRO H 145 -36.74 18.10 85.54
C PRO H 145 -35.52 17.18 85.38
N LYS H 146 -35.69 16.04 84.70
CA LYS H 146 -34.57 15.16 84.42
C LYS H 146 -33.68 15.71 83.30
N HIS H 147 -34.28 16.54 82.43
CA HIS H 147 -33.54 17.20 81.36
C HIS H 147 -33.17 18.64 81.74
N ASP H 148 -33.56 19.07 82.93
CA ASP H 148 -33.34 20.45 83.39
C ASP H 148 -31.88 20.86 83.37
N THR H 149 -31.02 19.95 83.81
CA THR H 149 -29.58 20.19 83.83
C THR H 149 -29.00 20.28 82.40
N PHE H 150 -29.66 19.65 81.43
CA PHE H 150 -29.23 19.68 80.03
C PHE H 150 -29.54 21.02 79.36
N TYR H 151 -30.79 21.46 79.47
CA TYR H 151 -31.26 22.65 78.77
C TYR H 151 -30.69 23.96 79.31
N SER H 152 -30.28 23.95 80.59
CA SER H 152 -29.65 25.13 81.20
C SER H 152 -28.28 25.41 80.59
N LEU H 153 -27.62 24.35 80.11
CA LEU H 153 -26.34 24.46 79.38
C LEU H 153 -26.54 25.05 77.99
N LEU H 154 -27.78 24.98 77.50
CA LEU H 154 -28.13 25.54 76.18
C LEU H 154 -28.53 27.01 76.27
N GLY H 155 -28.42 27.60 77.46
CA GLY H 155 -28.72 29.01 77.66
C GLY H 155 -30.18 29.28 77.99
N PHE H 156 -30.91 28.23 78.36
CA PHE H 156 -32.29 28.38 78.79
C PHE H 156 -32.36 28.79 80.25
N THR H 157 -32.68 30.07 80.46
CA THR H 157 -32.84 30.62 81.79
C THR H 157 -34.18 30.16 82.33
N GLN H 158 -34.21 29.75 83.60
CA GLN H 158 -35.47 29.35 84.24
C GLN H 158 -36.39 30.55 84.45
N ILE H 159 -37.66 30.38 84.10
CA ILE H 159 -38.65 31.47 84.24
C ILE H 159 -39.87 31.06 85.08
N GLY H 160 -40.08 29.76 85.24
CA GLY H 160 -41.13 29.24 86.09
C GLY H 160 -40.67 28.08 86.97
N ALA H 161 -41.33 27.92 88.12
CA ALA H 161 -40.96 26.91 89.11
C ALA H 161 -41.31 25.50 88.69
N LEU H 162 -40.82 24.54 89.47
CA LEU H 162 -41.19 23.14 89.31
C LEU H 162 -42.64 22.97 89.75
N LYS H 163 -43.51 22.73 88.77
CA LYS H 163 -44.94 22.57 89.00
C LYS H 163 -45.47 21.36 88.23
N HIS H 164 -46.59 20.82 88.68
CA HIS H 164 -47.21 19.67 88.01
C HIS H 164 -47.93 20.09 86.73
N TYR H 165 -47.60 19.43 85.62
CA TYR H 165 -48.26 19.68 84.35
C TYR H 165 -49.50 18.80 84.24
N GLY H 166 -50.67 19.43 84.28
CA GLY H 166 -51.94 18.74 84.25
C GLY H 166 -52.20 18.04 82.93
N THR H 167 -51.70 18.63 81.85
CA THR H 167 -51.83 18.07 80.50
C THR H 167 -51.11 16.72 80.36
N VAL H 168 -49.96 16.62 81.03
CA VAL H 168 -49.05 15.50 80.84
C VAL H 168 -49.07 14.50 82.03
N ASN H 169 -49.60 14.95 83.17
CA ASN H 169 -49.52 14.21 84.44
C ASN H 169 -48.07 13.87 84.82
N ALA H 170 -47.23 14.89 84.81
CA ALA H 170 -45.80 14.76 85.10
C ALA H 170 -45.25 16.14 85.50
N PRO H 171 -44.15 16.17 86.27
CA PRO H 171 -43.54 17.45 86.67
C PRO H 171 -42.99 18.23 85.48
N ALA H 172 -42.95 19.56 85.60
CA ALA H 172 -42.45 20.43 84.54
C ALA H 172 -41.75 21.68 85.07
N ILE H 173 -40.74 22.13 84.33
CA ILE H 173 -40.03 23.37 84.65
C ILE H 173 -40.13 24.31 83.44
N ALA H 174 -40.36 25.59 83.69
CA ALA H 174 -40.40 26.57 82.60
C ALA H 174 -39.06 27.27 82.39
N ARG H 175 -38.49 27.11 81.20
CA ARG H 175 -37.25 27.77 80.83
C ARG H 175 -37.45 28.60 79.55
N ALA H 176 -36.61 29.63 79.38
CA ALA H 176 -36.70 30.50 78.20
C ALA H 176 -35.32 31.01 77.76
N LEU H 177 -35.15 31.18 76.45
CA LEU H 177 -33.90 31.69 75.88
C LEU H 177 -34.15 32.98 75.10
N TYR H 178 -33.40 34.02 75.44
CA TYR H 178 -33.46 35.29 74.72
C TYR H 178 -32.76 35.14 73.37
N VAL H 179 -33.56 34.94 72.33
CA VAL H 179 -33.06 34.63 70.98
C VAL H 179 -32.10 35.71 70.33
N PRO H 180 -32.42 37.02 70.44
CA PRO H 180 -31.51 38.07 69.92
C PRO H 180 -30.05 37.96 70.38
N GLU H 181 -29.82 37.53 71.63
CA GLU H 181 -28.46 37.23 72.10
C GLU H 181 -28.37 35.82 72.67
N TRP H 182 -28.38 34.84 71.78
CA TRP H 182 -28.37 33.42 72.16
C TRP H 182 -26.96 32.88 72.49
N ARG H 183 -25.95 33.44 71.84
CA ARG H 183 -24.57 32.97 72.05
C ARG H 183 -23.94 33.57 73.31
N SER H 184 -24.58 34.62 73.84
CA SER H 184 -24.07 35.27 75.05
C SER H 184 -24.44 34.48 76.31
N GLN H 185 -25.45 33.63 76.20
CA GLN H 185 -25.96 32.86 77.36
C GLN H 185 -25.55 31.38 77.31
N THR H 186 -25.11 30.93 76.15
CA THR H 186 -24.84 29.51 75.91
C THR H 186 -23.37 29.19 76.13
N LEU H 187 -23.09 28.18 76.94
CA LEU H 187 -21.72 27.75 77.25
C LEU H 187 -20.95 27.14 76.09
N LEU H 188 -21.64 26.88 74.98
CA LEU H 188 -21.03 26.28 73.80
C LEU H 188 -20.59 27.32 72.74
N ALA H 189 -20.45 28.58 73.16
CA ALA H 189 -20.13 29.66 72.21
C ALA H 189 -18.68 30.16 72.26
N GLN H 190 -17.91 29.71 73.25
CA GLN H 190 -16.45 29.94 73.23
C GLN H 190 -15.78 28.94 72.30
N PHE H 191 -16.55 27.94 71.89
CA PHE H 191 -16.10 26.94 70.95
C PHE H 191 -16.40 27.38 69.51
N MET H 192 -16.60 28.68 69.33
CA MET H 192 -16.71 29.29 67.99
C MET H 192 -16.22 30.72 67.98
N NLT I . 9.81 23.73 -37.56
C1 NLT I . 9.97 22.88 -38.58
OL NLT I . 9.12 22.69 -39.44
C2 NLT I . 11.29 22.10 -38.60
C3 NLT I . 11.90 22.04 -40.00
C4 NLT I . 12.87 20.85 -40.14
C5 NLT I . 13.47 20.77 -41.55
C6 NLT I . 14.69 19.84 -41.62
C7 NLT I . 15.48 20.05 -42.91
C8 NLT I . 16.36 18.86 -43.22
C9 NLT I . 17.23 19.05 -44.48
C10 NLT I . 18.62 18.47 -44.21
C11 NLT I . 19.63 18.71 -45.34
C12 NLT I . 20.88 17.85 -45.10
CA NLT I . 8.60 24.49 -37.28
CB NLT I . 8.78 25.32 -36.02
CG NLT I . 8.40 24.54 -34.77
CD2 NLT I . 7.12 24.03 -34.62
CE2 NLT I . 6.79 23.31 -33.49
CZ NLT I . 7.73 23.13 -32.50
CE1 NLT I . 9.02 23.63 -32.64
CD1 NLT I . 9.34 24.34 -33.78
OH NLT I . 7.40 22.45 -31.40
C NLT I . 8.24 25.43 -38.39
O NLT I . 9.18 26.02 -38.99
O2 NLT I . 7.03 25.62 -38.67
N NLT J . 22.58 -7.11 -54.53
C1 NLT J . 21.64 -6.17 -54.29
OL NLT J . 21.13 -5.49 -55.17
C2 NLT J . 21.24 -5.96 -52.84
C3 NLT J . 20.25 -4.81 -52.71
C4 NLT J . 20.05 -4.36 -51.25
C5 NLT J . 18.70 -3.62 -51.10
C6 NLT J . 18.31 -3.37 -49.64
C7 NLT J . 16.82 -3.03 -49.43
C8 NLT J . 16.64 -2.18 -48.17
C9 NLT J . 15.18 -1.96 -47.78
C10 NLT J . 15.00 -2.08 -46.26
C11 NLT J . 14.22 -0.91 -45.65
C12 NLT J . 14.68 -0.60 -44.25
CA NLT J . 22.82 -7.73 -55.85
CB NLT J . 23.44 -9.12 -55.71
CG NLT J . 24.92 -9.13 -55.44
CD2 NLT J . 25.80 -8.33 -56.17
CE2 NLT J . 27.17 -8.39 -55.88
CZ NLT J . 27.66 -9.27 -54.91
CE1 NLT J . 26.77 -10.07 -54.19
CD1 NLT J . 25.41 -10.00 -54.46
OH NLT J . 28.94 -9.33 -54.65
C NLT J . 21.57 -7.92 -56.69
O NLT J . 20.63 -8.64 -56.24
O2 NLT J . 21.52 -7.33 -57.81
N NLT K . 7.58 -57.21 -4.53
C1 NLT K . 7.91 -56.26 -5.43
OL NLT K . 7.06 -55.59 -6.04
C2 NLT K . 9.40 -56.08 -5.69
C3 NLT K . 9.67 -54.85 -6.58
C4 NLT K . 10.73 -55.12 -7.66
C5 NLT K . 11.21 -53.79 -8.27
C6 NLT K . 12.65 -53.85 -8.79
C7 NLT K . 13.31 -52.48 -8.87
C8 NLT K . 14.39 -52.44 -9.95
C9 NLT K . 15.28 -51.18 -9.86
C10 NLT K . 16.13 -51.03 -11.12
C11 NLT K . 17.49 -50.39 -10.84
C12 NLT K . 18.55 -50.89 -11.81
CA NLT K . 6.37 -57.12 -3.72
CB NLT K . 6.44 -58.03 -2.49
CG NLT K . 6.28 -59.50 -2.81
CD2 NLT K . 5.30 -59.94 -3.70
CE2 NLT K . 5.18 -61.29 -3.96
CZ NLT K . 6.03 -62.20 -3.34
CE1 NLT K . 7.01 -61.77 -2.45
CD1 NLT K . 7.13 -60.41 -2.18
OH NLT K . 5.90 -63.50 -3.59
C NLT K . 6.20 -55.73 -3.21
O NLT K . 7.14 -55.21 -2.56
O2 NLT K . 5.13 -55.14 -3.46
N NLT L . 22.20 -45.48 -36.38
C1 NLT L . 21.35 -45.16 -35.39
OL NLT L . 20.91 -44.01 -35.23
C2 NLT L . 20.94 -46.26 -34.44
C3 NLT L . 19.42 -46.34 -34.25
C4 NLT L . 19.05 -47.58 -33.41
C5 NLT L . 17.67 -47.43 -32.77
C6 NLT L . 17.24 -48.64 -31.92
C7 NLT L . 15.77 -49.04 -32.17
C8 NLT L . 15.32 -50.28 -31.38
C9 NLT L . 13.82 -50.24 -31.06
C10 NLT L . 13.14 -51.58 -31.30
C11 NLT L . 12.23 -51.98 -30.12
C12 NLT L . 12.13 -53.49 -29.97
CA NLT L . 22.77 -44.50 -37.31
CB NLT L . 23.79 -45.10 -38.27
CG NLT L . 25.16 -45.32 -37.67
CD2 NLT L . 25.65 -44.55 -36.61
CE2 NLT L . 26.93 -44.79 -36.11
CZ NLT L . 27.73 -45.81 -36.69
CE1 NLT L . 27.23 -46.55 -37.76
CD1 NLT L . 25.96 -46.31 -38.25
OH NLT L . 28.94 -46.04 -36.23
C NLT L . 21.69 -43.91 -38.18
O NLT L . 21.12 -44.67 -38.99
O2 NLT L . 21.44 -42.69 -38.08
N NLT M . -2.61 20.13 26.47
C1 NLT M . -3.09 19.95 25.22
OL NLT M . -3.86 19.06 24.93
C2 NLT M . -2.59 20.93 24.17
C3 NLT M . -3.71 21.68 23.43
C4 NLT M . -3.21 22.26 22.09
C5 NLT M . -4.29 23.08 21.39
C6 NLT M . -3.85 23.62 20.03
C7 NLT M . -4.66 24.87 19.63
C8 NLT M . -4.17 25.50 18.32
C9 NLT M . -5.32 26.07 17.48
C10 NLT M . -5.19 27.59 17.30
C11 NLT M . -5.02 27.97 15.82
C12 NLT M . -4.12 29.17 15.65
CA NLT M . -3.09 19.34 27.62
CB NLT M . -2.46 19.80 28.93
CG NLT M . -1.07 19.25 29.14
CD2 NLT M . -0.75 17.93 28.79
CE2 NLT M . 0.54 17.45 29.00
CZ NLT M . 1.51 18.29 29.56
CE1 NLT M . 1.18 19.60 29.90
CD1 NLT M . -0.11 20.07 29.70
OH NLT M . 2.74 17.85 29.76
C NLT M . -4.56 19.45 27.81
O NLT M . -5.12 20.51 27.44
O2 NLT M . -5.18 18.50 28.34
N NLT N . 2.23 25.50 -10.25
C1 NLT N . 1.74 24.98 -9.11
OL NLT N . 0.52 24.92 -8.89
C2 NLT N . 2.76 24.48 -8.09
C3 NLT N . 2.15 23.49 -7.10
C4 NLT N . 2.83 23.52 -5.73
C5 NLT N . 2.37 22.32 -4.89
C6 NLT N . 2.99 22.22 -3.50
C7 NLT N . 3.41 20.78 -3.16
C8 NLT N . 3.38 20.53 -1.65
C9 NLT N . 3.43 19.04 -1.30
C10 NLT N . 4.56 18.76 -0.31
C11 NLT N . 4.05 18.57 1.13
C12 NLT N . 5.16 18.82 2.13
CA NLT N . 1.44 25.81 -11.43
CB NLT N . 2.37 26.05 -12.60
CG NLT N . 2.94 27.45 -12.65
CD2 NLT N . 2.12 28.57 -12.57
CE2 NLT N . 2.69 29.85 -12.65
CZ NLT N . 4.07 29.98 -12.83
CE1 NLT N . 4.87 28.85 -12.93
CD1 NLT N . 4.31 27.60 -12.86
OH NLT N . 4.63 31.18 -12.92
C NLT N . 0.49 24.68 -11.84
O NLT N . 0.90 23.51 -11.81
O2 NLT N . -0.69 24.94 -12.21
N NLT O . -8.09 18.11 62.24
C1 NLT O . -9.38 17.73 62.17
OL NLT O . -9.93 17.36 61.15
C2 NLT O . -10.17 17.79 63.47
C3 NLT O . -11.03 16.54 63.61
C4 NLT O . -12.10 16.70 64.70
C5 NLT O . -13.25 15.70 64.50
C6 NLT O . -13.90 15.29 65.82
C7 NLT O . -14.47 13.87 65.79
C8 NLT O . -15.89 13.86 66.36
C9 NLT O . -16.28 12.51 66.97
C10 NLT O . -17.15 12.72 68.21
C11 NLT O . -17.89 11.45 68.60
C12 NLT O . -18.83 11.71 69.76
CA NLT O . -7.18 18.29 61.10
CB NLT O . -5.72 18.11 61.51
CG NLT O . -5.14 19.34 62.16
CD2 NLT O . -5.41 20.61 61.66
CE2 NLT O . -4.85 21.73 62.28
CZ NLT O . -4.01 21.55 63.38
CE1 NLT O . -3.73 20.29 63.87
CD1 NLT O . -4.30 19.18 63.26
OH NLT O . -3.46 22.61 63.96
C NLT O . -7.39 17.29 60.00
O NLT O . -7.32 16.08 60.28
O2 NLT O . -7.59 17.72 58.85
N NLT P . -41.99 18.81 76.50
C1 NLT P . -41.26 18.37 75.47
OL NLT P . -41.71 17.66 74.58
C2 NLT P . -39.79 18.76 75.47
C3 NLT P . -39.56 19.98 74.58
C4 NLT P . -38.06 20.16 74.31
C5 NLT P . -37.81 20.99 73.04
C6 NLT P . -36.36 21.44 72.89
C7 NLT P . -36.29 22.80 72.21
C8 NLT P . -34.95 23.52 72.42
C9 NLT P . -34.42 24.04 71.09
C10 NLT P . -33.45 25.19 71.28
C11 NLT P . -32.75 25.56 69.97
C12 NLT P . -31.45 26.28 70.23
CA NLT P . -43.46 18.72 76.50
CB NLT P . -44.08 19.07 77.86
CG NLT P . -43.67 18.10 78.94
CD2 NLT P . -43.58 16.73 78.68
CE2 NLT P . -43.19 15.85 79.70
CZ NLT P . -42.93 16.35 80.97
CE1 NLT P . -43.03 17.72 81.23
CD1 NLT P . -43.41 18.59 80.21
OH NLT P . -42.57 15.53 81.95
C NLT P . -44.06 19.61 75.46
O NLT P . -43.47 20.68 75.17
O2 NLT P . -45.15 19.25 74.94
#